data_3N7Z
#
_entry.id   3N7Z
#
_cell.length_a   79.429
_cell.length_b   176.859
_cell.length_c   109.973
_cell.angle_alpha   90.00
_cell.angle_beta   105.73
_cell.angle_gamma   90.00
#
_symmetry.space_group_name_H-M   'P 1 21 1'
#
loop_
_entity.id
_entity.type
_entity.pdbx_description
1 polymer 'Acetyltransferase, GNAT family'
2 non-polymer 'SODIUM ION'
3 water water
#
_entity_poly.entity_id   1
_entity_poly.type   'polypeptide(L)'
_entity_poly.pdbx_seq_one_letter_code
;SNA(MSE)NVIRLKEDKFREALRLSEYAFQYKVDEDRLQQQITK(MSE)KESHEVYGI(MSE)EGENLAAKLHLIPFHIY
IGKEKFK(MSE)GGVAGVATYPEYRRSGYVKELLQHSLQT(MSE)KKDGYTVS(MSE)LHPFAVSFYRKYGWELCANLLV
CH(MSE)TKSDLV(MSE)KKQVNGTVKRFNKESHPEEVEKLYETFAELFSG(MSE)LVRNEKWWLQAVYDDLTLAIYYDE
NQTAAGY(MSE)LYKIENYK(MSE)TVEEFVPLHNEARNGLWNFICQHDS(MSE)IKDLE(MSE)TVSENEPLLYTLQEP
RVKTEIKPYF(MSE)GRIVDVEQFLKQYELNWNNVQQEVILHITDSFAQWNNITVRIANHEITIIEEPIDKGIKLDINAL
STILFGYRRPLELNELELISGSEEEIRAFESVVPVRKPFIYDFF
;
_entity_poly.pdbx_strand_id   A,B,C,D,E,F
#
loop_
_chem_comp.id
_chem_comp.type
_chem_comp.name
_chem_comp.formula
NA non-polymer 'SODIUM ION' 'Na 1'
#
# COMPACT_ATOMS: atom_id res chain seq x y z
N MSE A 4 -36.21 -31.78 -22.18
CA MSE A 4 -36.11 -33.26 -22.03
C MSE A 4 -35.12 -33.74 -20.94
O MSE A 4 -35.03 -34.94 -20.67
CB MSE A 4 -35.80 -33.93 -23.39
N ASN A 5 -34.38 -32.81 -20.31
CA ASN A 5 -33.30 -33.16 -19.38
C ASN A 5 -33.51 -32.71 -17.92
N VAL A 6 -34.30 -31.65 -17.74
CA VAL A 6 -34.44 -30.92 -16.47
C VAL A 6 -35.40 -31.59 -15.50
N ILE A 7 -34.96 -31.80 -14.26
CA ILE A 7 -35.83 -32.31 -13.20
C ILE A 7 -35.99 -31.30 -12.08
N ARG A 8 -37.14 -31.36 -11.41
CA ARG A 8 -37.39 -30.62 -10.18
C ARG A 8 -36.77 -31.43 -9.04
N LEU A 9 -35.75 -30.87 -8.40
CA LEU A 9 -35.00 -31.61 -7.39
C LEU A 9 -35.81 -31.86 -6.13
N LYS A 10 -35.79 -33.09 -5.67
CA LYS A 10 -36.50 -33.42 -4.45
C LYS A 10 -35.57 -33.34 -3.25
N GLU A 11 -36.18 -33.22 -2.08
CA GLU A 11 -35.53 -32.94 -0.81
C GLU A 11 -34.17 -33.64 -0.57
N ASP A 12 -34.05 -34.91 -0.94
CA ASP A 12 -32.81 -35.68 -0.73
C ASP A 12 -31.58 -35.16 -1.49
N LYS A 13 -31.82 -34.34 -2.51
CA LYS A 13 -30.77 -33.83 -3.38
C LYS A 13 -30.36 -32.42 -3.00
N PHE A 14 -31.11 -31.80 -2.09
CA PHE A 14 -30.87 -30.42 -1.71
C PHE A 14 -29.46 -30.23 -1.14
N ARG A 15 -28.98 -31.24 -0.41
CA ARG A 15 -27.66 -31.21 0.20
C ARG A 15 -26.57 -31.17 -0.87
N GLU A 16 -26.71 -32.04 -1.87
CA GLU A 16 -25.81 -32.08 -3.02
C GLU A 16 -25.81 -30.75 -3.79
N ALA A 17 -26.99 -30.16 -3.95
CA ALA A 17 -27.12 -28.83 -4.53
C ALA A 17 -26.32 -27.79 -3.77
N LEU A 18 -26.23 -27.94 -2.45
CA LEU A 18 -25.49 -26.98 -1.63
C LEU A 18 -23.98 -27.15 -1.74
N ARG A 19 -23.54 -28.37 -2.02
CA ARG A 19 -22.13 -28.59 -2.32
C ARG A 19 -21.76 -27.91 -3.62
N LEU A 20 -22.72 -27.82 -4.56
CA LEU A 20 -22.52 -27.08 -5.80
C LEU A 20 -22.58 -25.57 -5.56
N SER A 21 -23.52 -25.14 -4.72
CA SER A 21 -23.59 -23.73 -4.39
C SER A 21 -22.26 -23.25 -3.78
N GLU A 22 -21.77 -23.99 -2.79
CA GLU A 22 -20.53 -23.67 -2.08
C GLU A 22 -19.32 -23.65 -3.02
N TYR A 23 -19.33 -24.51 -4.02
CA TYR A 23 -18.24 -24.56 -4.97
C TYR A 23 -18.32 -23.35 -5.88
N ALA A 24 -19.52 -23.09 -6.40
CA ALA A 24 -19.71 -22.03 -7.38
C ALA A 24 -19.57 -20.62 -6.80
N PHE A 25 -19.95 -20.42 -5.54
CA PHE A 25 -19.87 -19.10 -4.90
C PHE A 25 -18.83 -18.99 -3.79
N GLN A 26 -17.92 -19.96 -3.77
CA GLN A 26 -16.66 -19.89 -3.02
C GLN A 26 -16.88 -19.50 -1.58
N TYR A 27 -17.69 -20.29 -0.88
CA TYR A 27 -17.93 -20.08 0.55
C TYR A 27 -18.17 -21.43 1.23
N LYS A 28 -17.99 -21.47 2.55
CA LYS A 28 -18.33 -22.67 3.31
C LYS A 28 -19.44 -22.34 4.30
N VAL A 29 -20.58 -23.02 4.16
CA VAL A 29 -21.69 -22.87 5.10
C VAL A 29 -21.29 -23.44 6.46
N ASP A 30 -21.64 -22.71 7.52
CA ASP A 30 -21.48 -23.20 8.89
C ASP A 30 -22.45 -24.36 9.09
N GLU A 31 -22.01 -25.38 9.83
CA GLU A 31 -22.76 -26.64 10.00
C GLU A 31 -24.19 -26.41 10.49
N ASP A 32 -24.34 -25.44 11.40
CA ASP A 32 -25.64 -25.04 11.91
C ASP A 32 -26.54 -24.48 10.80
N ARG A 33 -25.98 -23.59 9.97
CA ARG A 33 -26.73 -22.94 8.89
C ARG A 33 -27.26 -23.93 7.83
N LEU A 34 -26.55 -25.04 7.64
CA LEU A 34 -26.87 -26.04 6.61
C LEU A 34 -28.34 -26.49 6.62
N GLN A 35 -28.81 -27.00 7.75
CA GLN A 35 -30.22 -27.32 7.90
C GLN A 35 -31.12 -26.10 7.66
N GLN A 36 -30.66 -24.92 8.08
CA GLN A 36 -31.39 -23.66 7.86
C GLN A 36 -31.51 -23.31 6.38
N GLN A 37 -30.49 -23.64 5.60
CA GLN A 37 -30.51 -23.46 4.16
C GLN A 37 -31.38 -24.49 3.44
N ILE A 38 -31.52 -25.66 4.05
CA ILE A 38 -32.37 -26.71 3.50
C ILE A 38 -33.84 -26.33 3.66
N THR A 39 -34.22 -25.96 4.88
CA THR A 39 -35.58 -25.51 5.17
C THR A 39 -35.99 -24.42 4.18
N LYS A 40 -35.20 -23.34 4.15
CA LYS A 40 -35.37 -22.26 3.20
C LYS A 40 -35.78 -22.83 1.83
N MSE A 41 -34.91 -23.66 1.27
CA MSE A 41 -35.13 -24.29 -0.04
C MSE A 41 -36.40 -25.13 -0.12
O MSE A 41 -37.11 -25.06 -1.12
CB MSE A 41 -33.93 -25.14 -0.45
CG MSE A 41 -32.73 -24.37 -0.92
SE MSE A 41 -31.14 -25.50 -0.97
CE MSE A 41 -31.52 -26.55 -2.57
N LYS A 42 -36.69 -25.92 0.92
CA LYS A 42 -37.93 -26.70 1.00
C LYS A 42 -39.18 -25.83 0.90
N GLU A 43 -39.14 -24.69 1.58
CA GLU A 43 -40.32 -23.84 1.78
C GLU A 43 -40.58 -22.82 0.68
N SER A 44 -39.52 -22.15 0.22
CA SER A 44 -39.68 -20.94 -0.59
C SER A 44 -38.90 -20.93 -1.90
N HIS A 45 -38.42 -22.10 -2.32
CA HIS A 45 -37.63 -22.26 -3.55
C HIS A 45 -38.16 -23.44 -4.33
N GLU A 46 -38.01 -23.36 -5.65
CA GLU A 46 -38.23 -24.52 -6.49
C GLU A 46 -36.89 -24.72 -7.16
N VAL A 47 -36.24 -25.82 -6.84
CA VAL A 47 -34.86 -26.05 -7.27
C VAL A 47 -34.82 -27.02 -8.44
N TYR A 48 -34.31 -26.55 -9.58
CA TYR A 48 -34.25 -27.39 -10.78
C TYR A 48 -32.82 -27.77 -11.11
N GLY A 49 -32.64 -28.98 -11.62
CA GLY A 49 -31.30 -29.44 -12.02
C GLY A 49 -31.28 -30.32 -13.25
N ILE A 50 -30.06 -30.56 -13.74
CA ILE A 50 -29.79 -31.51 -14.81
C ILE A 50 -28.75 -32.48 -14.28
N MSE A 51 -28.98 -33.78 -14.45
CA MSE A 51 -28.07 -34.81 -13.98
C MSE A 51 -27.14 -35.23 -15.09
O MSE A 51 -27.58 -35.38 -16.23
CB MSE A 51 -28.86 -36.03 -13.51
CG MSE A 51 -29.95 -35.75 -12.48
SE MSE A 51 -29.24 -35.18 -10.75
CE MSE A 51 -28.21 -36.78 -10.25
N GLU A 52 -25.86 -35.42 -14.78
CA GLU A 52 -25.01 -36.19 -15.68
C GLU A 52 -24.73 -37.54 -15.06
N GLY A 53 -25.55 -38.52 -15.45
CA GLY A 53 -25.53 -39.84 -14.84
C GLY A 53 -25.92 -39.80 -13.37
N GLU A 54 -24.91 -39.99 -12.51
CA GLU A 54 -25.09 -40.17 -11.08
C GLU A 54 -25.05 -38.84 -10.31
N ASN A 55 -24.49 -37.81 -10.94
CA ASN A 55 -24.21 -36.54 -10.25
C ASN A 55 -25.04 -35.38 -10.75
N LEU A 56 -25.36 -34.46 -9.84
CA LEU A 56 -25.98 -33.19 -10.20
C LEU A 56 -24.95 -32.32 -10.92
N ALA A 57 -25.24 -32.01 -12.18
CA ALA A 57 -24.28 -31.28 -13.01
C ALA A 57 -24.51 -29.77 -13.02
N ALA A 58 -25.77 -29.36 -13.01
CA ALA A 58 -26.09 -27.94 -13.05
C ALA A 58 -27.39 -27.71 -12.29
N LYS A 59 -27.65 -26.49 -11.85
CA LYS A 59 -28.88 -26.21 -11.11
C LYS A 59 -29.35 -24.75 -11.26
N LEU A 60 -30.57 -24.49 -10.81
CA LEU A 60 -31.17 -23.17 -10.88
C LEU A 60 -32.31 -23.13 -9.90
N HIS A 61 -32.41 -22.07 -9.11
CA HIS A 61 -33.52 -21.92 -8.19
C HIS A 61 -34.49 -20.91 -8.79
N LEU A 62 -35.78 -21.27 -8.84
CA LEU A 62 -36.83 -20.32 -9.13
C LEU A 62 -37.51 -19.99 -7.81
N ILE A 63 -37.38 -18.75 -7.35
CA ILE A 63 -37.98 -18.31 -6.08
C ILE A 63 -39.26 -17.54 -6.33
N PRO A 64 -40.38 -18.04 -5.79
CA PRO A 64 -41.62 -17.28 -5.99
C PRO A 64 -41.59 -15.95 -5.23
N PHE A 65 -41.76 -14.85 -5.97
CA PHE A 65 -41.70 -13.50 -5.39
C PHE A 65 -42.86 -12.63 -5.84
N HIS A 66 -42.94 -11.43 -5.27
CA HIS A 66 -43.78 -10.37 -5.81
C HIS A 66 -42.99 -9.08 -5.75
N ILE A 67 -43.22 -8.19 -6.74
CA ILE A 67 -42.57 -6.87 -6.76
C ILE A 67 -43.58 -5.72 -6.86
N TYR A 68 -43.15 -4.56 -6.38
CA TYR A 68 -43.90 -3.33 -6.51
C TYR A 68 -43.52 -2.65 -7.83
N ILE A 69 -44.50 -2.37 -8.68
CA ILE A 69 -44.31 -1.40 -9.73
C ILE A 69 -45.29 -0.28 -9.42
N GLY A 70 -44.81 0.80 -8.83
CA GLY A 70 -45.70 1.75 -8.20
C GLY A 70 -46.46 1.04 -7.09
N LYS A 71 -47.76 1.33 -6.99
CA LYS A 71 -48.61 0.74 -5.94
C LYS A 71 -49.07 -0.69 -6.32
N GLU A 72 -48.80 -1.09 -7.55
CA GLU A 72 -49.28 -2.37 -8.07
C GLU A 72 -48.28 -3.51 -7.85
N LYS A 73 -48.78 -4.67 -7.40
CA LYS A 73 -47.95 -5.85 -7.10
C LYS A 73 -47.90 -6.87 -8.25
N PHE A 74 -46.72 -7.08 -8.81
CA PHE A 74 -46.60 -8.03 -9.90
C PHE A 74 -45.97 -9.32 -9.43
N LYS A 75 -46.55 -10.45 -9.85
CA LYS A 75 -45.98 -11.77 -9.57
C LYS A 75 -44.65 -11.91 -10.31
N MSE A 76 -43.58 -12.11 -9.55
CA MSE A 76 -42.19 -12.03 -10.08
C MSE A 76 -41.43 -13.31 -9.81
O MSE A 76 -41.46 -13.85 -8.72
CB MSE A 76 -41.44 -10.88 -9.44
CG MSE A 76 -40.03 -10.63 -9.97
SE MSE A 76 -38.56 -11.62 -9.07
CE MSE A 76 -38.14 -10.40 -7.61
N GLY A 77 -40.72 -13.78 -10.83
CA GLY A 77 -39.97 -15.03 -10.72
C GLY A 77 -38.51 -14.78 -10.44
N GLY A 78 -38.11 -14.99 -9.20
CA GLY A 78 -36.73 -14.76 -8.83
C GLY A 78 -35.87 -15.91 -9.29
N VAL A 79 -34.94 -15.63 -10.20
CA VAL A 79 -34.03 -16.68 -10.67
C VAL A 79 -32.78 -16.55 -9.85
N ALA A 80 -32.42 -17.61 -9.13
CA ALA A 80 -31.20 -17.59 -8.30
C ALA A 80 -30.36 -18.88 -8.35
N GLY A 81 -29.20 -18.84 -7.69
CA GLY A 81 -28.32 -20.01 -7.55
C GLY A 81 -27.95 -20.73 -8.83
N VAL A 82 -27.95 -20.00 -9.94
CA VAL A 82 -27.61 -20.59 -11.21
C VAL A 82 -26.15 -20.97 -11.17
N ALA A 83 -25.89 -22.27 -11.31
CA ALA A 83 -24.54 -22.80 -11.20
C ALA A 83 -24.33 -24.08 -12.01
N THR A 84 -23.07 -24.34 -12.35
CA THR A 84 -22.64 -25.64 -12.88
C THR A 84 -21.19 -25.91 -12.45
N TYR A 85 -20.84 -27.19 -12.31
CA TYR A 85 -19.45 -27.55 -12.10
C TYR A 85 -18.65 -27.35 -13.41
N PRO A 86 -17.37 -26.98 -13.29
CA PRO A 86 -16.55 -26.66 -14.47
C PRO A 86 -16.33 -27.80 -15.47
N GLU A 87 -16.22 -29.03 -14.96
CA GLU A 87 -16.08 -30.21 -15.80
C GLU A 87 -17.29 -30.44 -16.70
N TYR A 88 -18.42 -29.82 -16.35
CA TYR A 88 -19.67 -29.96 -17.11
C TYR A 88 -19.99 -28.74 -17.99
N ARG A 89 -19.26 -27.65 -17.79
CA ARG A 89 -19.58 -26.36 -18.42
C ARG A 89 -19.64 -26.40 -19.94
N ARG A 90 -18.89 -27.31 -20.55
CA ARG A 90 -18.88 -27.50 -22.01
C ARG A 90 -20.24 -27.88 -22.62
N SER A 91 -21.14 -28.38 -21.81
CA SER A 91 -22.40 -28.94 -22.31
C SER A 91 -23.57 -27.94 -22.29
N GLY A 92 -23.34 -26.75 -21.76
CA GLY A 92 -24.36 -25.70 -21.73
C GLY A 92 -25.68 -26.14 -21.11
N TYR A 93 -25.56 -26.77 -19.94
CA TYR A 93 -26.72 -27.17 -19.17
C TYR A 93 -27.49 -25.94 -18.62
N VAL A 94 -26.75 -24.89 -18.31
CA VAL A 94 -27.35 -23.66 -17.76
C VAL A 94 -28.34 -23.03 -18.74
N LYS A 95 -27.98 -22.96 -20.02
CA LYS A 95 -28.90 -22.52 -21.07
C LYS A 95 -30.20 -23.34 -21.03
N GLU A 96 -30.08 -24.67 -20.94
CA GLU A 96 -31.26 -25.52 -20.87
C GLU A 96 -32.12 -25.20 -19.65
N LEU A 97 -31.49 -25.13 -18.48
CA LEU A 97 -32.22 -24.81 -17.24
C LEU A 97 -32.97 -23.47 -17.30
N LEU A 98 -32.34 -22.48 -17.91
CA LEU A 98 -32.90 -21.15 -17.95
C LEU A 98 -34.08 -21.10 -18.91
N GLN A 99 -33.92 -21.71 -20.08
CA GLN A 99 -35.00 -21.84 -21.05
C GLN A 99 -36.19 -22.55 -20.39
N HIS A 100 -35.89 -23.55 -19.57
CA HIS A 100 -36.91 -24.26 -18.80
C HIS A 100 -37.64 -23.36 -17.79
N SER A 101 -36.89 -22.60 -16.99
CA SER A 101 -37.50 -21.73 -15.98
C SER A 101 -38.49 -20.75 -16.63
N LEU A 102 -38.16 -20.27 -17.81
CA LEU A 102 -39.04 -19.42 -18.57
C LEU A 102 -40.36 -20.14 -18.90
N GLN A 103 -40.28 -21.37 -19.39
CA GLN A 103 -41.49 -22.13 -19.68
C GLN A 103 -42.32 -22.31 -18.39
N THR A 104 -41.66 -22.58 -17.27
CA THR A 104 -42.35 -22.77 -15.99
C THR A 104 -42.99 -21.47 -15.49
N MSE A 105 -42.31 -20.37 -15.68
CA MSE A 105 -42.78 -19.09 -15.21
C MSE A 105 -44.06 -18.68 -15.94
O MSE A 105 -45.00 -18.18 -15.31
CB MSE A 105 -41.69 -18.03 -15.32
CG MSE A 105 -40.70 -18.11 -14.19
SE MSE A 105 -39.54 -16.59 -14.17
CE MSE A 105 -38.01 -17.32 -15.15
N LYS A 106 -44.07 -18.91 -17.25
CA LYS A 106 -45.25 -18.66 -18.05
C LYS A 106 -46.40 -19.55 -17.57
N LYS A 107 -46.14 -20.86 -17.45
CA LYS A 107 -47.14 -21.80 -16.96
C LYS A 107 -47.76 -21.34 -15.65
N ASP A 108 -46.92 -20.82 -14.75
CA ASP A 108 -47.38 -20.46 -13.42
C ASP A 108 -48.02 -19.07 -13.27
N GLY A 109 -47.90 -18.23 -14.30
CA GLY A 109 -48.57 -16.93 -14.30
C GLY A 109 -47.71 -15.80 -13.77
N TYR A 110 -46.41 -15.98 -13.84
CA TYR A 110 -45.48 -14.90 -13.56
C TYR A 110 -45.49 -13.92 -14.71
N THR A 111 -45.50 -12.63 -14.41
CA THR A 111 -45.47 -11.62 -15.46
C THR A 111 -44.06 -11.07 -15.74
N VAL A 112 -43.19 -11.20 -14.75
CA VAL A 112 -41.88 -10.57 -14.77
C VAL A 112 -40.89 -11.46 -14.02
N SER A 113 -39.59 -11.29 -14.28
CA SER A 113 -38.58 -12.06 -13.59
C SER A 113 -37.38 -11.20 -13.31
N MSE A 114 -36.72 -11.45 -12.18
CA MSE A 114 -35.48 -10.72 -11.81
C MSE A 114 -34.35 -11.65 -11.35
O MSE A 114 -34.60 -12.74 -10.83
CB MSE A 114 -35.77 -9.65 -10.76
CG MSE A 114 -36.71 -8.58 -11.25
SE MSE A 114 -37.14 -7.29 -9.87
CE MSE A 114 -35.50 -6.25 -9.88
N LEU A 115 -33.11 -11.22 -11.60
CA LEU A 115 -31.92 -11.95 -11.18
C LEU A 115 -30.71 -11.03 -11.03
N HIS A 116 -29.75 -11.49 -10.24
CA HIS A 116 -28.43 -10.89 -10.13
C HIS A 116 -27.43 -11.72 -10.94
N PRO A 117 -26.81 -11.14 -11.99
CA PRO A 117 -26.05 -11.90 -12.98
C PRO A 117 -24.58 -12.18 -12.63
N PHE A 118 -24.11 -13.37 -12.93
CA PHE A 118 -22.70 -13.67 -12.82
C PHE A 118 -22.01 -12.97 -13.97
N ALA A 119 -22.75 -12.81 -15.06
CA ALA A 119 -22.30 -12.06 -16.23
C ALA A 119 -23.51 -11.46 -16.89
N VAL A 120 -23.50 -10.15 -17.12
CA VAL A 120 -24.59 -9.48 -17.80
C VAL A 120 -24.79 -10.03 -19.22
N SER A 121 -23.68 -10.26 -19.93
CA SER A 121 -23.72 -10.69 -21.33
C SER A 121 -24.52 -11.98 -21.51
N PHE A 122 -24.40 -12.87 -20.53
CA PHE A 122 -25.02 -14.19 -20.62
C PHE A 122 -26.54 -14.11 -20.60
N TYR A 123 -27.09 -13.38 -19.65
CA TYR A 123 -28.52 -13.28 -19.54
C TYR A 123 -29.13 -12.33 -20.56
N ARG A 124 -28.32 -11.42 -21.09
CA ARG A 124 -28.79 -10.55 -22.16
C ARG A 124 -29.31 -11.35 -23.32
N LYS A 125 -28.60 -12.43 -23.65
CA LYS A 125 -28.92 -13.24 -24.82
C LYS A 125 -30.30 -13.89 -24.74
N TYR A 126 -30.76 -14.20 -23.52
CA TYR A 126 -32.00 -14.94 -23.32
C TYR A 126 -33.15 -14.03 -22.85
N GLY A 127 -32.98 -12.72 -23.04
CA GLY A 127 -34.06 -11.75 -22.89
C GLY A 127 -34.00 -10.76 -21.74
N TRP A 128 -33.20 -11.05 -20.71
CA TRP A 128 -33.03 -10.14 -19.57
C TRP A 128 -32.22 -8.91 -19.93
N GLU A 129 -32.50 -7.81 -19.24
CA GLU A 129 -31.69 -6.61 -19.34
C GLU A 129 -31.38 -6.11 -17.96
N LEU A 130 -30.43 -5.19 -17.86
CA LEU A 130 -30.21 -4.46 -16.62
C LEU A 130 -31.44 -3.61 -16.37
N CYS A 131 -31.80 -3.49 -15.09
CA CYS A 131 -33.00 -2.75 -14.71
C CYS A 131 -32.86 -1.90 -13.44
N ALA A 132 -31.78 -2.07 -12.69
CA ALA A 132 -31.60 -1.27 -11.46
C ALA A 132 -30.16 -1.05 -11.15
N ASN A 133 -29.84 0.13 -10.61
CA ASN A 133 -28.51 0.46 -10.09
C ASN A 133 -28.49 0.62 -8.57
N LEU A 134 -27.31 0.46 -8.01
CA LEU A 134 -27.06 0.90 -6.66
C LEU A 134 -26.06 2.05 -6.65
N LEU A 135 -26.32 3.03 -5.79
CA LEU A 135 -25.40 4.13 -5.53
C LEU A 135 -24.74 3.90 -4.18
N VAL A 136 -23.43 3.74 -4.18
CA VAL A 136 -22.68 3.58 -2.93
C VAL A 136 -21.88 4.86 -2.74
N CYS A 137 -21.91 5.40 -1.53
CA CYS A 137 -21.11 6.58 -1.24
C CYS A 137 -20.33 6.50 0.06
N HIS A 138 -19.17 7.14 0.08
CA HIS A 138 -18.23 7.08 1.18
C HIS A 138 -17.93 8.45 1.71
N MSE A 139 -18.13 8.60 3.01
CA MSE A 139 -17.84 9.81 3.73
C MSE A 139 -16.83 9.53 4.81
O MSE A 139 -16.57 8.37 5.14
CB MSE A 139 -19.11 10.37 4.33
CG MSE A 139 -19.92 11.17 3.36
SE MSE A 139 -21.75 10.56 3.35
CE MSE A 139 -21.47 8.94 2.30
N THR A 140 -16.24 10.62 5.32
CA THR A 140 -15.28 10.53 6.40
C THR A 140 -15.86 11.29 7.58
N LYS A 141 -15.25 11.15 8.76
CA LYS A 141 -15.66 11.83 9.98
C LYS A 141 -16.02 13.32 9.79
N SER A 142 -15.25 14.04 8.97
CA SER A 142 -15.47 15.47 8.82
C SER A 142 -16.77 15.80 8.07
N ASP A 143 -17.33 14.83 7.38
CA ASP A 143 -18.60 14.99 6.69
C ASP A 143 -19.79 14.94 7.66
N LEU A 144 -19.56 14.40 8.85
CA LEU A 144 -20.63 14.14 9.82
C LEU A 144 -20.99 15.38 10.63
N VAL A 145 -21.53 16.36 9.94
CA VAL A 145 -21.96 17.60 10.57
C VAL A 145 -23.48 17.54 10.75
N MSE A 146 -23.93 17.86 11.96
CA MSE A 146 -25.35 17.84 12.35
C MSE A 146 -26.16 18.78 11.49
O MSE A 146 -25.70 19.85 11.14
CB MSE A 146 -25.50 18.30 13.78
CG MSE A 146 -24.86 17.41 14.82
SE MSE A 146 -26.12 16.07 15.46
CE MSE A 146 -25.86 16.42 17.38
N LYS A 147 -27.38 18.36 11.18
CA LYS A 147 -28.34 19.28 10.59
C LYS A 147 -29.14 19.84 11.76
N LYS A 148 -29.99 20.84 11.53
CA LYS A 148 -30.77 21.40 12.63
C LYS A 148 -31.49 20.27 13.36
N GLN A 149 -31.65 20.41 14.67
CA GLN A 149 -32.30 19.39 15.50
C GLN A 149 -33.76 19.16 15.15
N VAL A 150 -34.18 17.91 15.16
CA VAL A 150 -35.59 17.56 14.99
C VAL A 150 -36.16 17.05 16.32
N ASN A 151 -37.48 17.12 16.45
CA ASN A 151 -38.14 16.91 17.75
C ASN A 151 -38.48 15.45 18.05
N GLY A 152 -37.95 14.55 17.23
CA GLY A 152 -38.22 13.13 17.38
C GLY A 152 -37.05 12.35 17.96
N THR A 153 -37.13 11.02 17.86
CA THR A 153 -36.19 10.16 18.54
C THR A 153 -35.99 8.90 17.71
N VAL A 154 -34.85 8.26 17.90
CA VAL A 154 -34.49 7.03 17.23
C VAL A 154 -34.36 5.92 18.25
N LYS A 155 -34.93 4.76 17.92
CA LYS A 155 -34.83 3.53 18.71
C LYS A 155 -34.08 2.48 17.88
N ARG A 156 -33.44 1.51 18.55
CA ARG A 156 -32.66 0.47 17.88
C ARG A 156 -33.29 -0.92 18.07
N PHE A 157 -33.11 -1.78 17.07
CA PHE A 157 -33.69 -3.12 17.04
C PHE A 157 -32.76 -4.17 16.41
N ASN A 158 -32.99 -5.43 16.77
CA ASN A 158 -32.34 -6.57 16.14
C ASN A 158 -33.40 -7.59 15.70
N LYS A 159 -32.99 -8.63 14.98
CA LYS A 159 -33.86 -9.72 14.53
C LYS A 159 -34.90 -10.18 15.58
N GLU A 160 -34.47 -10.34 16.83
CA GLU A 160 -35.33 -10.83 17.91
C GLU A 160 -36.26 -9.77 18.46
N SER A 161 -36.08 -8.53 18.02
CA SER A 161 -36.95 -7.41 18.40
C SER A 161 -37.68 -6.82 17.19
N HIS A 162 -37.83 -7.58 16.12
CA HIS A 162 -38.41 -7.07 14.88
C HIS A 162 -39.77 -6.34 15.04
N PRO A 163 -39.79 -5.01 14.82
CA PRO A 163 -40.96 -4.16 14.98
C PRO A 163 -41.80 -4.09 13.71
N GLU A 164 -43.09 -4.36 13.83
CA GLU A 164 -43.94 -4.53 12.65
C GLU A 164 -44.14 -3.24 11.84
N GLU A 165 -43.87 -2.09 12.45
CA GLU A 165 -43.94 -0.82 11.71
C GLU A 165 -42.89 -0.68 10.62
N VAL A 166 -41.70 -1.26 10.81
CA VAL A 166 -40.69 -1.22 9.76
C VAL A 166 -41.24 -1.74 8.42
N GLU A 167 -42.14 -2.72 8.50
CA GLU A 167 -42.68 -3.37 7.30
C GLU A 167 -43.47 -2.37 6.46
N LYS A 168 -44.21 -1.50 7.14
CA LYS A 168 -44.99 -0.50 6.45
C LYS A 168 -44.15 0.70 6.00
N LEU A 169 -43.06 0.95 6.73
CA LEU A 169 -42.10 1.97 6.32
C LEU A 169 -41.51 1.59 4.98
N TYR A 170 -40.93 0.40 4.94
CA TYR A 170 -40.48 -0.18 3.70
C TYR A 170 -41.54 -0.08 2.59
N GLU A 171 -42.73 -0.62 2.84
CA GLU A 171 -43.75 -0.69 1.80
C GLU A 171 -44.04 0.68 1.18
N THR A 172 -44.18 1.70 2.01
CA THR A 172 -44.45 3.06 1.53
C THR A 172 -43.29 3.65 0.71
N PHE A 173 -42.07 3.24 1.02
CA PHE A 173 -40.90 3.61 0.23
C PHE A 173 -40.91 2.85 -1.11
N ALA A 174 -41.06 1.53 -1.04
CA ALA A 174 -40.94 0.66 -2.22
C ALA A 174 -41.90 1.11 -3.30
N GLU A 175 -43.07 1.60 -2.86
CA GLU A 175 -44.15 1.97 -3.75
C GLU A 175 -43.80 3.18 -4.57
N LEU A 176 -42.70 3.83 -4.22
CA LEU A 176 -42.21 4.96 -5.00
C LEU A 176 -41.44 4.52 -6.26
N PHE A 177 -41.12 3.23 -6.35
CA PHE A 177 -40.19 2.75 -7.38
C PHE A 177 -40.78 1.63 -8.22
N SER A 178 -40.00 1.19 -9.22
CA SER A 178 -40.27 -0.09 -9.89
C SER A 178 -39.24 -1.16 -9.52
N GLY A 179 -39.72 -2.36 -9.20
CA GLY A 179 -38.83 -3.50 -8.99
C GLY A 179 -38.48 -3.84 -7.56
N MSE A 180 -38.96 -3.04 -6.61
CA MSE A 180 -38.70 -3.32 -5.21
C MSE A 180 -39.40 -4.62 -4.77
O MSE A 180 -40.53 -4.89 -5.17
CB MSE A 180 -39.10 -2.14 -4.34
CG MSE A 180 -38.26 -0.93 -4.53
SE MSE A 180 -36.65 -1.08 -3.45
CE MSE A 180 -37.28 -0.25 -1.83
N LEU A 181 -38.72 -5.41 -3.96
CA LEU A 181 -39.19 -6.72 -3.51
C LEU A 181 -40.30 -6.59 -2.45
N VAL A 182 -41.26 -7.50 -2.45
CA VAL A 182 -42.31 -7.45 -1.45
C VAL A 182 -41.91 -8.32 -0.27
N ARG A 183 -41.85 -7.71 0.89
CA ARG A 183 -41.22 -8.34 2.03
C ARG A 183 -42.20 -8.71 3.14
N ASN A 184 -42.40 -10.01 3.36
CA ASN A 184 -43.10 -10.46 4.56
C ASN A 184 -42.15 -10.60 5.74
N GLU A 185 -42.75 -10.87 6.90
CA GLU A 185 -42.02 -11.05 8.13
C GLU A 185 -40.92 -12.09 8.00
N LYS A 186 -41.29 -13.24 7.42
CA LYS A 186 -40.34 -14.32 7.22
C LYS A 186 -39.12 -13.77 6.45
N TRP A 187 -39.37 -13.11 5.32
CA TRP A 187 -38.28 -12.51 4.53
C TRP A 187 -37.40 -11.53 5.33
N TRP A 188 -38.01 -10.62 6.08
CA TRP A 188 -37.24 -9.74 6.95
C TRP A 188 -36.37 -10.58 7.86
N LEU A 189 -37.00 -11.49 8.60
CA LEU A 189 -36.30 -12.28 9.61
C LEU A 189 -35.20 -13.14 9.05
N GLN A 190 -35.42 -13.67 7.84
CA GLN A 190 -34.53 -14.69 7.30
C GLN A 190 -33.52 -14.17 6.29
N ALA A 191 -33.81 -13.02 5.68
CA ALA A 191 -33.02 -12.55 4.54
C ALA A 191 -32.50 -11.12 4.66
N VAL A 192 -33.04 -10.33 5.58
CA VAL A 192 -32.76 -8.90 5.57
C VAL A 192 -31.84 -8.45 6.71
N TYR A 193 -32.11 -8.92 7.91
CA TYR A 193 -31.36 -8.50 9.07
C TYR A 193 -29.91 -8.90 8.97
N ASP A 194 -29.67 -10.15 8.57
CA ASP A 194 -28.32 -10.63 8.41
C ASP A 194 -27.60 -10.32 9.73
N ASP A 195 -26.51 -9.57 9.66
CA ASP A 195 -25.77 -9.18 10.86
C ASP A 195 -25.97 -7.68 11.18
N LEU A 196 -27.02 -7.07 10.63
CA LEU A 196 -27.18 -5.62 10.69
C LEU A 196 -28.09 -5.19 11.82
N THR A 197 -28.05 -3.91 12.16
CA THR A 197 -28.87 -3.36 13.23
C THR A 197 -29.95 -2.49 12.61
N LEU A 198 -31.15 -2.49 13.21
CA LEU A 198 -32.23 -1.63 12.75
C LEU A 198 -32.35 -0.39 13.62
N ALA A 199 -32.57 0.76 12.99
CA ALA A 199 -32.85 1.96 13.74
C ALA A 199 -34.00 2.67 13.08
N ILE A 200 -35.05 2.92 13.87
CA ILE A 200 -36.21 3.65 13.39
C ILE A 200 -36.22 5.07 13.97
N TYR A 201 -36.55 6.05 13.13
CA TYR A 201 -36.84 7.39 13.59
C TYR A 201 -38.32 7.49 13.90
N TYR A 202 -38.65 8.03 15.07
CA TYR A 202 -40.04 8.32 15.48
C TYR A 202 -40.25 9.83 15.64
N ASP A 203 -41.36 10.37 15.14
CA ASP A 203 -41.61 11.82 15.28
C ASP A 203 -42.01 12.23 16.71
N GLU A 204 -42.42 13.49 16.88
CA GLU A 204 -42.87 14.00 18.18
C GLU A 204 -43.87 13.08 18.86
N ASN A 205 -44.72 12.42 18.06
CA ASN A 205 -45.84 11.64 18.57
C ASN A 205 -45.52 10.16 18.75
N GLN A 206 -44.22 9.83 18.71
CA GLN A 206 -43.77 8.44 18.81
C GLN A 206 -44.39 7.57 17.67
N THR A 207 -44.49 8.19 16.49
CA THR A 207 -44.94 7.52 15.27
C THR A 207 -43.75 7.29 14.35
N ALA A 208 -43.61 6.07 13.83
CA ALA A 208 -42.46 5.76 12.98
C ALA A 208 -42.51 6.57 11.72
N ALA A 209 -41.35 7.06 11.27
CA ALA A 209 -41.29 7.97 10.12
C ALA A 209 -40.15 7.65 9.16
N GLY A 210 -39.28 6.74 9.56
CA GLY A 210 -38.15 6.32 8.72
C GLY A 210 -37.28 5.31 9.42
N TYR A 211 -36.54 4.50 8.66
CA TYR A 211 -35.62 3.53 9.27
C TYR A 211 -34.26 3.49 8.58
N MSE A 212 -33.32 2.78 9.18
CA MSE A 212 -32.07 2.46 8.51
C MSE A 212 -31.51 1.14 9.05
O MSE A 212 -31.79 0.77 10.20
CB MSE A 212 -31.06 3.59 8.65
CG MSE A 212 -30.77 3.99 10.09
SE MSE A 212 -29.33 5.29 10.23
CE MSE A 212 -27.77 4.15 10.14
N LEU A 213 -30.75 0.45 8.20
CA LEU A 213 -30.09 -0.78 8.54
C LEU A 213 -28.59 -0.62 8.38
N TYR A 214 -27.82 -0.95 9.41
CA TYR A 214 -26.40 -0.69 9.36
C TYR A 214 -25.66 -1.61 10.31
N LYS A 215 -24.34 -1.65 10.17
CA LYS A 215 -23.45 -2.29 11.13
C LYS A 215 -22.25 -1.39 11.34
N ILE A 216 -21.56 -1.56 12.48
CA ILE A 216 -20.31 -0.85 12.76
C ILE A 216 -19.19 -1.80 13.11
N GLU A 217 -18.18 -1.88 12.26
CA GLU A 217 -16.98 -2.65 12.54
C GLU A 217 -15.72 -1.87 12.18
N ASN A 218 -14.67 -2.07 13.00
CA ASN A 218 -13.35 -1.43 12.83
C ASN A 218 -13.41 0.03 12.38
N TYR A 219 -14.14 0.82 13.16
CA TYR A 219 -14.34 2.26 12.92
C TYR A 219 -15.10 2.63 11.65
N LYS A 220 -15.88 1.69 11.12
CA LYS A 220 -16.56 1.95 9.87
C LYS A 220 -18.02 1.57 9.95
N MSE A 221 -18.88 2.55 9.74
CA MSE A 221 -20.31 2.28 9.62
C MSE A 221 -20.69 2.00 8.18
O MSE A 221 -20.47 2.83 7.29
CB MSE A 221 -21.14 3.43 10.16
CG MSE A 221 -22.58 3.06 10.32
SE MSE A 221 -23.65 4.60 10.76
CE MSE A 221 -23.14 4.83 12.61
N THR A 222 -21.25 0.82 7.94
CA THR A 222 -21.78 0.51 6.63
C THR A 222 -23.27 0.60 6.78
N VAL A 223 -23.87 1.62 6.19
CA VAL A 223 -25.33 1.72 6.15
C VAL A 223 -25.87 1.07 4.87
N GLU A 224 -26.55 -0.05 5.02
CA GLU A 224 -26.95 -0.84 3.89
C GLU A 224 -28.31 -0.48 3.35
N GLU A 225 -29.14 0.09 4.21
CA GLU A 225 -30.46 0.59 3.82
C GLU A 225 -30.78 1.86 4.58
N PHE A 226 -31.21 2.88 3.85
CA PHE A 226 -31.56 4.18 4.43
C PHE A 226 -32.91 4.64 3.88
N VAL A 227 -33.94 4.63 4.71
CA VAL A 227 -35.30 4.83 4.22
C VAL A 227 -36.09 5.82 5.06
N PRO A 228 -36.01 7.13 4.73
CA PRO A 228 -36.81 8.14 5.39
C PRO A 228 -38.09 8.37 4.60
N LEU A 229 -39.18 8.77 5.27
CA LEU A 229 -40.44 9.00 4.56
C LEU A 229 -40.58 10.44 4.13
N HIS A 230 -39.82 11.31 4.77
CA HIS A 230 -39.82 12.74 4.49
C HIS A 230 -38.56 13.34 5.09
N ASN A 231 -38.40 14.65 4.91
CA ASN A 231 -37.15 15.28 5.25
C ASN A 231 -36.84 15.25 6.72
N GLU A 232 -37.85 15.42 7.56
CA GLU A 232 -37.68 15.36 9.00
C GLU A 232 -37.04 14.03 9.41
N ALA A 233 -37.54 12.92 8.88
CA ALA A 233 -36.93 11.61 9.19
C ALA A 233 -35.53 11.44 8.58
N ARG A 234 -35.24 12.19 7.51
CA ARG A 234 -33.92 12.17 6.89
C ARG A 234 -32.91 12.87 7.78
N ASN A 235 -33.24 14.06 8.25
CA ASN A 235 -32.45 14.74 9.25
C ASN A 235 -32.35 13.93 10.55
N GLY A 236 -33.46 13.35 10.95
CA GLY A 236 -33.54 12.54 12.16
C GLY A 236 -32.50 11.44 12.15
N LEU A 237 -32.53 10.63 11.08
CA LEU A 237 -31.57 9.52 10.94
C LEU A 237 -30.16 10.03 10.70
N TRP A 238 -30.02 11.10 9.92
CA TRP A 238 -28.71 11.69 9.70
C TRP A 238 -28.06 12.13 11.01
N ASN A 239 -28.79 12.88 11.84
CA ASN A 239 -28.25 13.31 13.11
C ASN A 239 -27.91 12.13 14.00
N PHE A 240 -28.64 11.03 13.87
CA PHE A 240 -28.29 9.81 14.59
C PHE A 240 -26.96 9.23 14.09
N ILE A 241 -26.77 9.15 12.78
CA ILE A 241 -25.49 8.77 12.23
C ILE A 241 -24.39 9.67 12.82
N CYS A 242 -24.64 10.98 12.89
CA CYS A 242 -23.67 11.95 13.37
C CYS A 242 -23.29 11.76 14.83
N GLN A 243 -24.26 11.31 15.63
CA GLN A 243 -24.03 11.07 17.05
C GLN A 243 -23.02 9.94 17.29
N HIS A 244 -22.67 9.23 16.22
CA HIS A 244 -21.58 8.25 16.29
C HIS A 244 -20.20 8.87 15.93
N ASP A 245 -20.11 10.20 15.82
CA ASP A 245 -18.88 10.84 15.34
C ASP A 245 -17.59 10.32 16.02
N SER A 246 -17.65 10.14 17.34
CA SER A 246 -16.51 9.63 18.09
C SER A 246 -16.09 8.22 17.65
N MSE A 247 -17.05 7.45 17.13
CA MSE A 247 -16.84 6.04 16.81
C MSE A 247 -16.31 5.76 15.42
O MSE A 247 -15.76 4.69 15.20
CB MSE A 247 -18.15 5.25 16.96
CG MSE A 247 -18.54 4.99 18.38
SE MSE A 247 -20.26 4.10 18.48
CE MSE A 247 -20.86 4.94 20.16
N ILE A 248 -16.49 6.68 14.48
CA ILE A 248 -16.21 6.33 13.10
C ILE A 248 -15.32 7.25 12.23
N LYS A 249 -14.37 6.64 11.53
CA LYS A 249 -13.53 7.34 10.58
C LYS A 249 -14.23 7.35 9.23
N ASP A 250 -14.93 6.27 8.92
CA ASP A 250 -15.45 6.00 7.58
C ASP A 250 -16.93 5.72 7.65
N LEU A 251 -17.66 6.15 6.64
CA LEU A 251 -19.09 5.84 6.51
C LEU A 251 -19.44 5.45 5.07
N GLU A 252 -20.26 4.43 4.91
CA GLU A 252 -20.62 3.92 3.59
C GLU A 252 -22.11 3.66 3.49
N MSE A 253 -22.75 4.33 2.57
CA MSE A 253 -24.19 4.21 2.41
C MSE A 253 -24.57 3.67 1.04
O MSE A 253 -23.99 4.05 0.02
CB MSE A 253 -24.85 5.57 2.61
CG MSE A 253 -24.68 6.10 4.02
SE MSE A 253 -25.81 7.65 4.32
CE MSE A 253 -24.78 8.90 3.27
N THR A 254 -25.54 2.76 1.02
CA THR A 254 -26.11 2.29 -0.23
C THR A 254 -27.50 2.90 -0.39
N VAL A 255 -27.66 3.75 -1.40
CA VAL A 255 -28.97 4.38 -1.63
C VAL A 255 -29.38 4.33 -3.10
N SER A 256 -30.59 4.79 -3.42
CA SER A 256 -30.99 4.93 -4.82
C SER A 256 -30.45 6.24 -5.33
N GLU A 257 -30.36 6.36 -6.66
CA GLU A 257 -29.92 7.60 -7.30
C GLU A 257 -30.92 8.73 -7.04
N ASN A 258 -32.06 8.39 -6.46
CA ASN A 258 -33.05 9.41 -6.10
C ASN A 258 -32.86 10.02 -4.71
N GLU A 259 -31.98 9.44 -3.90
CA GLU A 259 -31.73 9.95 -2.53
C GLU A 259 -30.92 11.24 -2.52
N PRO A 260 -31.58 12.35 -2.09
CA PRO A 260 -31.08 13.72 -2.09
C PRO A 260 -30.12 14.06 -0.96
N LEU A 261 -30.01 13.19 0.03
CA LEU A 261 -29.10 13.41 1.16
C LEU A 261 -27.76 14.04 0.80
N LEU A 262 -27.12 13.52 -0.24
CA LEU A 262 -25.80 13.99 -0.65
C LEU A 262 -25.73 15.50 -0.87
N TYR A 263 -26.73 16.04 -1.57
CA TYR A 263 -26.83 17.45 -1.92
C TYR A 263 -26.75 18.35 -0.68
N THR A 264 -27.22 17.83 0.46
CA THR A 264 -27.34 18.64 1.66
C THR A 264 -26.08 18.68 2.53
N LEU A 265 -25.05 17.91 2.14
CA LEU A 265 -23.79 17.81 2.88
C LEU A 265 -22.98 19.08 2.81
N GLN A 266 -22.18 19.36 3.84
CA GLN A 266 -21.37 20.57 3.87
C GLN A 266 -20.48 20.67 2.64
N GLU A 267 -19.79 19.58 2.33
CA GLU A 267 -18.97 19.43 1.13
C GLU A 267 -19.52 18.24 0.36
N PRO A 268 -20.44 18.49 -0.58
CA PRO A 268 -21.13 17.43 -1.30
C PRO A 268 -20.28 16.65 -2.29
N ARG A 269 -19.04 17.05 -2.52
CA ARG A 269 -18.17 16.30 -3.44
C ARG A 269 -17.52 15.13 -2.70
N VAL A 270 -18.29 14.08 -2.50
CA VAL A 270 -17.79 12.87 -1.88
C VAL A 270 -17.73 11.80 -2.95
N LYS A 271 -17.09 10.69 -2.63
CA LYS A 271 -17.01 9.53 -3.52
C LYS A 271 -18.41 8.91 -3.66
N THR A 272 -18.89 8.81 -4.89
CA THR A 272 -20.26 8.41 -5.18
C THR A 272 -20.27 7.62 -6.48
N GLU A 273 -20.61 6.34 -6.39
CA GLU A 273 -20.51 5.45 -7.55
C GLU A 273 -21.82 4.75 -7.85
N ILE A 274 -22.24 4.85 -9.11
CA ILE A 274 -23.42 4.16 -9.59
C ILE A 274 -23.03 2.85 -10.25
N LYS A 275 -23.30 1.74 -9.57
CA LYS A 275 -23.09 0.42 -10.14
C LYS A 275 -24.39 -0.24 -10.61
N PRO A 276 -24.49 -0.54 -11.92
CA PRO A 276 -25.54 -1.43 -12.37
C PRO A 276 -25.56 -2.67 -11.48
N TYR A 277 -26.74 -3.06 -11.04
CA TYR A 277 -26.89 -4.06 -10.00
C TYR A 277 -27.64 -5.30 -10.46
N PHE A 278 -28.85 -5.08 -10.96
CA PHE A 278 -29.80 -6.16 -11.11
C PHE A 278 -30.41 -6.18 -12.49
N MSE A 279 -30.84 -7.36 -12.92
CA MSE A 279 -31.46 -7.52 -14.24
C MSE A 279 -32.91 -7.96 -14.14
O MSE A 279 -33.27 -8.71 -13.24
CB MSE A 279 -30.69 -8.53 -15.07
CG MSE A 279 -29.28 -8.09 -15.39
SE MSE A 279 -28.38 -9.39 -16.49
CE MSE A 279 -28.98 -8.81 -18.25
N GLY A 280 -33.72 -7.47 -15.05
CA GLY A 280 -35.14 -7.85 -15.09
C GLY A 280 -35.60 -8.23 -16.49
N ARG A 281 -36.66 -9.04 -16.53
CA ARG A 281 -37.24 -9.52 -17.78
C ARG A 281 -38.75 -9.59 -17.66
N ILE A 282 -39.46 -9.17 -18.69
CA ILE A 282 -40.89 -9.40 -18.79
C ILE A 282 -41.07 -10.83 -19.29
N VAL A 283 -41.87 -11.62 -18.58
CA VAL A 283 -42.14 -13.01 -18.96
C VAL A 283 -43.29 -13.14 -19.98
N ASP A 284 -44.45 -12.54 -19.67
CA ASP A 284 -45.62 -12.49 -20.57
C ASP A 284 -46.03 -11.04 -20.75
N VAL A 285 -45.83 -10.52 -21.96
CA VAL A 285 -46.16 -9.12 -22.24
C VAL A 285 -47.65 -8.84 -22.05
N GLU A 286 -48.48 -9.68 -22.65
CA GLU A 286 -49.92 -9.45 -22.67
C GLU A 286 -50.49 -9.39 -21.24
N GLN A 287 -50.03 -10.30 -20.39
CA GLN A 287 -50.50 -10.35 -19.02
C GLN A 287 -49.90 -9.20 -18.20
N PHE A 288 -48.63 -8.89 -18.50
CA PHE A 288 -47.89 -7.83 -17.84
C PHE A 288 -48.56 -6.49 -18.07
N LEU A 289 -48.82 -6.14 -19.33
CA LEU A 289 -49.45 -4.87 -19.69
C LEU A 289 -50.87 -4.70 -19.14
N LYS A 290 -51.58 -5.80 -18.95
CA LYS A 290 -52.91 -5.75 -18.32
C LYS A 290 -52.88 -5.19 -16.89
N GLN A 291 -51.75 -5.31 -16.21
CA GLN A 291 -51.59 -4.81 -14.84
C GLN A 291 -50.89 -3.46 -14.78
N TYR A 292 -50.36 -3.01 -15.92
CA TYR A 292 -49.39 -1.94 -15.96
C TYR A 292 -49.97 -0.58 -16.31
N GLU A 293 -50.02 0.34 -15.35
CA GLU A 293 -50.55 1.69 -15.57
C GLU A 293 -49.62 2.60 -16.40
N LEU A 294 -50.18 3.16 -17.48
CA LEU A 294 -49.44 4.07 -18.36
C LEU A 294 -49.79 5.54 -18.11
N ASN A 295 -49.16 6.43 -18.85
CA ASN A 295 -49.27 7.85 -18.61
C ASN A 295 -50.06 8.58 -19.69
N TRP A 296 -51.37 8.64 -19.53
CA TRP A 296 -52.23 9.22 -20.55
C TRP A 296 -52.40 10.72 -20.32
N ASN A 297 -51.87 11.53 -21.24
CA ASN A 297 -52.04 12.99 -21.21
C ASN A 297 -52.28 13.59 -22.60
N GLN A 300 -50.09 11.36 -26.63
CA GLN A 300 -50.91 12.28 -27.43
C GLN A 300 -51.07 11.87 -28.92
N GLN A 301 -50.59 10.67 -29.25
CA GLN A 301 -50.90 9.98 -30.52
C GLN A 301 -50.72 8.48 -30.26
N GLU A 302 -51.10 7.65 -31.24
CA GLU A 302 -51.06 6.19 -31.09
C GLU A 302 -49.62 5.60 -31.06
N VAL A 303 -49.41 4.54 -30.27
CA VAL A 303 -48.10 3.91 -30.18
C VAL A 303 -48.19 2.40 -30.40
N ILE A 304 -47.62 1.94 -31.51
CA ILE A 304 -47.57 0.52 -31.84
C ILE A 304 -46.19 -0.06 -31.53
N LEU A 305 -46.17 -1.22 -30.87
CA LEU A 305 -44.91 -1.89 -30.55
C LEU A 305 -44.84 -3.29 -31.16
N HIS A 306 -43.82 -3.51 -31.99
CA HIS A 306 -43.51 -4.84 -32.55
C HIS A 306 -42.44 -5.50 -31.71
N ILE A 307 -42.87 -6.44 -30.88
CA ILE A 307 -42.02 -7.05 -29.89
C ILE A 307 -41.44 -8.36 -30.38
N THR A 308 -40.12 -8.45 -30.29
CA THR A 308 -39.35 -9.64 -30.65
C THR A 308 -38.82 -10.30 -29.37
N ASP A 309 -39.10 -11.59 -29.20
CA ASP A 309 -38.50 -12.36 -28.11
C ASP A 309 -37.98 -13.66 -28.67
N SER A 310 -36.67 -13.83 -28.69
CA SER A 310 -36.11 -14.98 -29.40
C SER A 310 -36.17 -16.26 -28.57
N PHE A 311 -36.33 -16.14 -27.26
CA PHE A 311 -36.40 -17.33 -26.41
C PHE A 311 -37.76 -17.59 -25.71
N ALA A 312 -38.70 -16.66 -25.85
CA ALA A 312 -40.09 -16.86 -25.42
C ALA A 312 -41.04 -16.46 -26.55
N GLN A 313 -41.57 -17.45 -27.28
CA GLN A 313 -42.31 -17.14 -28.50
C GLN A 313 -43.69 -16.51 -28.31
N TRP A 314 -44.27 -16.65 -27.11
CA TRP A 314 -45.54 -16.00 -26.78
C TRP A 314 -45.46 -14.46 -26.65
N ASN A 315 -44.24 -13.93 -26.58
CA ASN A 315 -44.04 -12.48 -26.52
C ASN A 315 -43.77 -11.84 -27.88
N ASN A 316 -43.80 -12.66 -28.93
CA ASN A 316 -43.64 -12.18 -30.29
C ASN A 316 -44.95 -11.64 -30.81
N ILE A 317 -45.28 -10.43 -30.36
CA ILE A 317 -46.61 -9.88 -30.59
C ILE A 317 -46.51 -8.42 -30.99
N THR A 318 -47.60 -7.90 -31.54
CA THR A 318 -47.70 -6.47 -31.80
C THR A 318 -48.74 -5.84 -30.88
N VAL A 319 -48.35 -4.73 -30.23
CA VAL A 319 -49.17 -4.08 -29.22
C VAL A 319 -49.66 -2.70 -29.64
N ARG A 320 -50.92 -2.40 -29.36
CA ARG A 320 -51.51 -1.09 -29.64
C ARG A 320 -51.79 -0.36 -28.32
N ILE A 321 -51.13 0.78 -28.12
CA ILE A 321 -51.35 1.64 -26.96
C ILE A 321 -52.11 2.91 -27.39
N ALA A 322 -53.42 2.90 -27.18
CA ALA A 322 -54.29 3.98 -27.62
C ALA A 322 -55.54 4.07 -26.74
N ASN A 323 -56.21 5.22 -26.79
CA ASN A 323 -57.37 5.52 -25.93
C ASN A 323 -57.03 5.40 -24.43
N HIS A 324 -57.41 4.29 -23.80
CA HIS A 324 -56.94 3.96 -22.45
C HIS A 324 -56.70 2.47 -22.40
N GLU A 325 -56.88 1.85 -23.56
CA GLU A 325 -56.74 0.41 -23.72
C GLU A 325 -55.36 0.03 -24.23
N ILE A 326 -54.89 -1.12 -23.79
CA ILE A 326 -53.73 -1.76 -24.38
C ILE A 326 -54.26 -2.98 -25.14
N THR A 327 -54.43 -2.83 -26.45
CA THR A 327 -54.96 -3.91 -27.29
C THR A 327 -53.84 -4.64 -28.02
N ILE A 328 -54.17 -5.79 -28.61
CA ILE A 328 -53.21 -6.60 -29.36
C ILE A 328 -53.62 -6.69 -30.83
N ILE A 329 -52.65 -6.51 -31.74
CA ILE A 329 -52.98 -6.49 -33.16
C ILE A 329 -52.46 -7.72 -33.87
N GLU A 330 -53.39 -8.42 -34.52
CA GLU A 330 -53.10 -9.68 -35.18
C GLU A 330 -52.48 -9.45 -36.54
N GLU A 331 -53.08 -8.53 -37.31
CA GLU A 331 -52.64 -8.20 -38.67
C GLU A 331 -51.20 -7.68 -38.69
N PRO A 332 -50.37 -8.29 -39.53
CA PRO A 332 -48.97 -7.90 -39.68
C PRO A 332 -48.89 -6.53 -40.37
N ILE A 333 -48.43 -5.52 -39.63
CA ILE A 333 -48.34 -4.13 -40.13
C ILE A 333 -46.92 -3.59 -39.96
N ASP A 334 -46.40 -2.92 -40.98
CA ASP A 334 -45.02 -2.41 -40.94
C ASP A 334 -44.86 -1.11 -40.12
N LYS A 335 -45.97 -0.47 -39.74
CA LYS A 335 -45.94 0.78 -38.98
C LYS A 335 -45.55 0.57 -37.52
N GLY A 336 -44.85 1.54 -36.94
CA GLY A 336 -44.58 1.55 -35.49
C GLY A 336 -43.17 1.23 -35.06
N ILE A 337 -42.99 1.01 -33.76
CA ILE A 337 -41.68 0.75 -33.15
C ILE A 337 -41.33 -0.74 -33.16
N LYS A 338 -40.14 -1.07 -33.65
CA LYS A 338 -39.59 -2.41 -33.52
C LYS A 338 -38.58 -2.43 -32.37
N LEU A 339 -38.83 -3.28 -31.37
CA LEU A 339 -37.92 -3.47 -30.24
C LEU A 339 -37.95 -4.92 -29.77
N ASP A 340 -36.93 -5.31 -29.02
CA ASP A 340 -36.91 -6.65 -28.43
C ASP A 340 -37.19 -6.65 -26.92
N ILE A 341 -37.21 -7.85 -26.36
CA ILE A 341 -37.79 -8.05 -25.04
C ILE A 341 -36.88 -7.45 -23.97
N ASN A 342 -35.57 -7.51 -24.23
CA ASN A 342 -34.60 -6.75 -23.46
C ASN A 342 -35.01 -5.28 -23.39
N ALA A 343 -35.07 -4.63 -24.57
CA ALA A 343 -35.45 -3.22 -24.68
C ALA A 343 -36.74 -2.96 -23.95
N LEU A 344 -37.78 -3.74 -24.24
CA LEU A 344 -39.05 -3.53 -23.59
C LEU A 344 -38.99 -3.68 -22.06
N SER A 345 -38.25 -4.66 -21.57
CA SER A 345 -38.15 -4.85 -20.12
C SER A 345 -37.52 -3.66 -19.43
N THR A 346 -36.40 -3.20 -19.96
CA THR A 346 -35.65 -2.13 -19.33
C THR A 346 -36.39 -0.81 -19.43
N ILE A 347 -37.15 -0.64 -20.52
CA ILE A 347 -37.98 0.53 -20.66
C ILE A 347 -39.08 0.54 -19.59
N LEU A 348 -39.83 -0.56 -19.48
CA LEU A 348 -40.98 -0.59 -18.57
C LEU A 348 -40.58 -0.58 -17.09
N PHE A 349 -39.36 -1.02 -16.81
CA PHE A 349 -38.80 -0.84 -15.49
C PHE A 349 -38.46 0.62 -15.21
N GLY A 350 -38.24 1.41 -16.26
CA GLY A 350 -37.88 2.82 -16.12
C GLY A 350 -36.39 3.08 -16.06
N TYR A 351 -35.61 2.03 -16.30
CA TYR A 351 -34.17 2.07 -16.22
C TYR A 351 -33.55 2.84 -17.37
N ARG A 352 -34.02 2.58 -18.58
CA ARG A 352 -33.66 3.36 -19.75
C ARG A 352 -34.91 3.83 -20.48
N ARG A 353 -34.81 5.04 -21.02
CA ARG A 353 -35.91 5.70 -21.70
C ARG A 353 -35.97 5.33 -23.17
N PRO A 354 -37.19 5.24 -23.74
CA PRO A 354 -37.31 5.06 -25.17
C PRO A 354 -36.34 5.98 -25.95
N LEU A 355 -36.25 7.26 -25.54
CA LEU A 355 -35.30 8.18 -26.17
C LEU A 355 -33.85 7.70 -26.15
N GLU A 356 -33.40 7.20 -25.00
CA GLU A 356 -32.03 6.69 -24.86
C GLU A 356 -31.78 5.49 -25.76
N LEU A 357 -32.73 4.56 -25.80
CA LEU A 357 -32.56 3.37 -26.62
C LEU A 357 -32.73 3.63 -28.11
N ASN A 358 -33.36 4.74 -28.45
CA ASN A 358 -33.39 5.17 -29.84
C ASN A 358 -32.03 5.70 -30.27
N GLU A 359 -31.45 6.61 -29.47
CA GLU A 359 -30.12 7.16 -29.76
C GLU A 359 -29.09 6.04 -29.92
N LEU A 360 -29.19 5.03 -29.06
CA LEU A 360 -28.38 3.82 -29.15
C LEU A 360 -28.77 2.86 -30.32
N GLU A 361 -29.86 3.17 -31.00
CA GLU A 361 -30.38 2.33 -32.10
C GLU A 361 -30.57 0.85 -31.72
N LEU A 362 -31.21 0.63 -30.58
CA LEU A 362 -31.62 -0.70 -30.14
C LEU A 362 -33.14 -0.80 -30.28
N ILE A 363 -33.78 0.35 -30.47
CA ILE A 363 -35.18 0.39 -30.91
C ILE A 363 -35.23 1.35 -32.10
N SER A 364 -36.34 1.34 -32.85
CA SER A 364 -36.44 2.13 -34.07
C SER A 364 -37.86 2.53 -34.40
N GLY A 365 -38.04 3.78 -34.80
CA GLY A 365 -39.30 4.29 -35.31
C GLY A 365 -39.11 5.75 -35.67
N SER A 366 -40.18 6.43 -36.04
CA SER A 366 -40.08 7.86 -36.33
C SER A 366 -39.77 8.65 -35.05
N GLU A 367 -39.23 9.85 -35.22
CA GLU A 367 -39.06 10.78 -34.12
C GLU A 367 -40.37 10.93 -33.36
N GLU A 368 -41.47 11.07 -34.11
CA GLU A 368 -42.79 11.28 -33.52
C GLU A 368 -43.29 10.05 -32.76
N GLU A 369 -43.17 8.87 -33.36
CA GLU A 369 -43.60 7.62 -32.72
C GLU A 369 -42.91 7.43 -31.38
N ILE A 370 -41.61 7.70 -31.35
CA ILE A 370 -40.81 7.52 -30.14
C ILE A 370 -41.04 8.62 -29.10
N ARG A 371 -41.32 9.83 -29.56
CA ARG A 371 -41.71 10.94 -28.69
C ARG A 371 -42.95 10.57 -27.85
N ALA A 372 -43.90 9.89 -28.49
CA ALA A 372 -45.15 9.47 -27.84
C ALA A 372 -44.99 8.21 -26.98
N PHE A 373 -44.11 7.32 -27.41
CA PHE A 373 -43.67 6.20 -26.56
C PHE A 373 -43.09 6.73 -25.26
N GLU A 374 -42.08 7.60 -25.36
CA GLU A 374 -41.45 8.21 -24.21
C GLU A 374 -42.50 8.86 -23.29
N SER A 375 -43.50 9.46 -23.91
CA SER A 375 -44.54 10.14 -23.17
C SER A 375 -45.40 9.19 -22.34
N VAL A 376 -45.70 8.01 -22.86
CA VAL A 376 -46.63 7.09 -22.16
C VAL A 376 -46.00 6.28 -21.01
N VAL A 377 -44.71 5.97 -21.12
CA VAL A 377 -44.01 5.19 -20.11
C VAL A 377 -43.76 6.03 -18.84
N PRO A 378 -44.30 5.60 -17.68
CA PRO A 378 -44.23 6.43 -16.44
C PRO A 378 -42.82 6.89 -16.08
N VAL A 379 -42.69 8.05 -15.45
CA VAL A 379 -41.37 8.60 -15.10
C VAL A 379 -40.69 7.91 -13.90
N ARG A 380 -41.43 7.06 -13.22
CA ARG A 380 -40.96 6.29 -12.08
C ARG A 380 -39.62 5.61 -12.32
N LYS A 381 -38.85 5.47 -11.23
CA LYS A 381 -37.48 5.00 -11.29
C LYS A 381 -37.36 3.59 -10.72
N PRO A 382 -36.55 2.74 -11.37
CA PRO A 382 -36.43 1.38 -10.85
C PRO A 382 -35.46 1.32 -9.69
N PHE A 383 -35.69 0.40 -8.77
CA PHE A 383 -34.78 0.19 -7.65
C PHE A 383 -35.10 -1.13 -6.97
N ILE A 384 -34.05 -1.81 -6.50
CA ILE A 384 -34.21 -2.99 -5.67
C ILE A 384 -33.16 -2.97 -4.56
N TYR A 385 -33.61 -3.24 -3.34
CA TYR A 385 -32.77 -3.16 -2.14
C TYR A 385 -32.39 -4.54 -1.61
N ASP A 386 -33.00 -5.58 -2.15
CA ASP A 386 -32.73 -6.95 -1.69
C ASP A 386 -31.67 -7.67 -2.54
N PHE A 387 -31.23 -8.83 -2.05
CA PHE A 387 -30.34 -9.71 -2.79
C PHE A 387 -30.83 -11.13 -2.71
N PHE A 388 -30.84 -11.83 -3.84
CA PHE A 388 -31.14 -13.27 -3.84
C PHE A 388 -30.35 -14.12 -4.83
N ASN B 5 23.54 -37.54 27.80
CA ASN B 5 23.08 -36.17 27.42
C ASN B 5 21.79 -36.17 26.62
N VAL B 6 21.80 -36.85 25.47
CA VAL B 6 20.62 -36.91 24.61
C VAL B 6 19.79 -38.14 24.93
N ILE B 7 18.54 -37.92 25.29
CA ILE B 7 17.63 -39.01 25.55
C ILE B 7 16.51 -39.02 24.52
N ARG B 8 15.85 -40.16 24.39
CA ARG B 8 14.65 -40.22 23.59
C ARG B 8 13.46 -39.97 24.52
N LEU B 9 12.60 -39.03 24.14
CA LEU B 9 11.47 -38.62 24.95
C LEU B 9 10.36 -39.64 24.97
N LYS B 10 9.86 -39.94 26.17
CA LYS B 10 8.73 -40.82 26.34
C LYS B 10 7.42 -40.02 26.33
N GLU B 11 6.30 -40.71 26.10
CA GLU B 11 4.97 -40.12 25.98
C GLU B 11 4.69 -38.96 26.93
N ASP B 12 4.95 -39.17 28.22
CA ASP B 12 4.65 -38.17 29.24
C ASP B 12 5.29 -36.81 28.97
N LYS B 13 6.53 -36.83 28.47
CA LYS B 13 7.27 -35.61 28.21
C LYS B 13 6.83 -34.90 26.92
N PHE B 14 5.85 -35.46 26.21
CA PHE B 14 5.46 -34.92 24.90
C PHE B 14 4.85 -33.52 24.92
N ARG B 15 4.01 -33.21 25.91
CA ARG B 15 3.42 -31.87 25.93
C ARG B 15 4.41 -30.76 26.29
N GLU B 16 5.51 -31.13 26.95
CA GLU B 16 6.56 -30.15 27.18
C GLU B 16 7.27 -29.85 25.86
N ALA B 17 7.50 -30.88 25.07
CA ALA B 17 8.07 -30.72 23.74
C ALA B 17 7.22 -29.80 22.90
N LEU B 18 5.90 -29.99 22.92
CA LEU B 18 5.01 -29.13 22.16
C LEU B 18 5.01 -27.69 22.62
N ARG B 19 5.03 -27.48 23.94
CA ARG B 19 5.15 -26.13 24.47
C ARG B 19 6.35 -25.43 23.87
N LEU B 20 7.43 -26.19 23.63
CA LEU B 20 8.66 -25.66 23.05
C LEU B 20 8.51 -25.39 21.55
N SER B 21 7.79 -26.29 20.87
CA SER B 21 7.42 -26.10 19.48
C SER B 21 6.63 -24.81 19.37
N GLU B 22 5.60 -24.69 20.22
CA GLU B 22 4.76 -23.49 20.27
C GLU B 22 5.57 -22.21 20.47
N TYR B 23 6.59 -22.27 21.32
CA TYR B 23 7.42 -21.10 21.61
C TYR B 23 8.25 -20.73 20.39
N ALA B 24 9.08 -21.69 19.96
CA ALA B 24 10.05 -21.50 18.88
C ALA B 24 9.42 -21.21 17.53
N PHE B 25 8.23 -21.74 17.30
CA PHE B 25 7.56 -21.56 16.03
C PHE B 25 6.32 -20.68 16.19
N GLN B 26 6.29 -19.95 17.31
CA GLN B 26 5.32 -18.89 17.62
C GLN B 26 3.93 -19.21 17.09
N TYR B 27 3.39 -20.33 17.54
CA TYR B 27 2.02 -20.73 17.21
C TYR B 27 1.30 -21.24 18.47
N LYS B 28 -0.02 -21.42 18.37
CA LYS B 28 -0.81 -22.05 19.42
C LYS B 28 -1.70 -23.14 18.85
N VAL B 29 -1.59 -24.34 19.42
CA VAL B 29 -2.49 -25.44 19.09
C VAL B 29 -3.72 -25.42 20.01
N ASP B 30 -4.86 -25.81 19.45
CA ASP B 30 -6.12 -25.99 20.19
C ASP B 30 -6.07 -27.34 20.92
N GLU B 31 -6.67 -27.43 22.09
CA GLU B 31 -6.71 -28.70 22.85
C GLU B 31 -7.01 -29.94 21.96
N ASP B 32 -7.96 -29.80 21.04
CA ASP B 32 -8.28 -30.85 20.06
C ASP B 32 -7.07 -31.19 19.17
N ARG B 33 -6.46 -30.16 18.59
CA ARG B 33 -5.28 -30.37 17.76
C ARG B 33 -4.05 -30.75 18.59
N LEU B 34 -4.09 -30.45 19.90
CA LEU B 34 -3.00 -30.80 20.81
C LEU B 34 -2.88 -32.31 20.93
N GLN B 35 -4.02 -32.95 21.16
CA GLN B 35 -4.11 -34.40 21.21
C GLN B 35 -3.76 -35.01 19.86
N GLN B 36 -4.00 -34.26 18.78
CA GLN B 36 -3.61 -34.68 17.43
C GLN B 36 -2.10 -34.76 17.28
N GLN B 37 -1.40 -33.76 17.78
CA GLN B 37 0.07 -33.70 17.71
C GLN B 37 0.74 -34.83 18.51
N ILE B 38 0.18 -35.17 19.66
CA ILE B 38 0.69 -36.26 20.50
C ILE B 38 0.62 -37.61 19.78
N THR B 39 -0.57 -37.97 19.29
CA THR B 39 -0.74 -39.26 18.60
C THR B 39 0.21 -39.32 17.40
N LYS B 40 0.30 -38.21 16.67
CA LYS B 40 1.19 -38.06 15.53
C LYS B 40 2.62 -38.42 15.93
N MSE B 41 3.10 -37.78 17.01
CA MSE B 41 4.42 -38.06 17.56
C MSE B 41 4.55 -39.50 18.12
O MSE B 41 5.60 -40.12 17.98
CB MSE B 41 4.78 -37.04 18.65
CG MSE B 41 4.98 -35.60 18.18
SE MSE B 41 4.90 -34.29 19.66
CE MSE B 41 6.43 -34.86 20.75
N LYS B 42 3.49 -40.00 18.76
CA LYS B 42 3.47 -41.39 19.22
C LYS B 42 3.67 -42.37 18.07
N GLU B 43 2.87 -42.20 17.02
CA GLU B 43 2.83 -43.15 15.92
C GLU B 43 4.06 -43.15 15.03
N SER B 44 4.44 -41.99 14.50
CA SER B 44 5.44 -41.94 13.43
C SER B 44 6.60 -40.96 13.64
N HIS B 45 6.87 -40.60 14.89
CA HIS B 45 7.99 -39.73 15.18
C HIS B 45 8.89 -40.34 16.22
N GLU B 46 10.19 -40.08 16.08
CA GLU B 46 11.12 -40.39 17.14
C GLU B 46 11.66 -39.06 17.65
N VAL B 47 11.17 -38.67 18.82
CA VAL B 47 11.48 -37.37 19.38
C VAL B 47 12.65 -37.47 20.35
N TYR B 48 13.72 -36.74 20.05
CA TYR B 48 14.90 -36.72 20.90
C TYR B 48 15.02 -35.35 21.55
N GLY B 49 15.49 -35.33 22.79
CA GLY B 49 15.65 -34.07 23.51
C GLY B 49 16.81 -34.08 24.48
N ILE B 50 17.13 -32.90 25.03
CA ILE B 50 18.13 -32.77 26.09
C ILE B 50 17.56 -31.97 27.26
N MSE B 51 17.74 -32.50 28.47
CA MSE B 51 17.29 -31.85 29.71
C MSE B 51 18.41 -30.99 30.32
O MSE B 51 19.55 -31.44 30.42
CB MSE B 51 16.86 -32.91 30.74
CG MSE B 51 15.99 -34.03 30.22
SE MSE B 51 14.20 -33.43 29.71
CE MSE B 51 13.46 -33.20 31.52
N GLU B 52 18.07 -29.79 30.73
CA GLU B 52 18.93 -29.03 31.65
C GLU B 52 18.21 -28.99 32.98
N GLY B 53 18.67 -29.84 33.89
CA GLY B 53 17.97 -30.07 35.16
C GLY B 53 16.61 -30.72 34.96
N GLU B 54 15.56 -30.02 35.38
CA GLU B 54 14.19 -30.54 35.38
C GLU B 54 13.47 -30.20 34.07
N ASN B 55 14.00 -29.23 33.35
CA ASN B 55 13.34 -28.77 32.14
C ASN B 55 13.98 -29.26 30.87
N LEU B 56 13.15 -29.45 29.86
CA LEU B 56 13.60 -29.80 28.52
C LEU B 56 14.21 -28.58 27.89
N ALA B 57 15.44 -28.71 27.41
CA ALA B 57 16.19 -27.58 26.89
C ALA B 57 16.07 -27.43 25.37
N ALA B 58 16.33 -28.52 24.66
CA ALA B 58 16.29 -28.52 23.20
C ALA B 58 15.69 -29.82 22.70
N LYS B 59 15.12 -29.81 21.50
CA LYS B 59 14.55 -31.04 20.95
C LYS B 59 14.79 -31.17 19.47
N LEU B 60 14.61 -32.38 18.97
CA LEU B 60 14.71 -32.70 17.55
C LEU B 60 13.87 -33.94 17.26
N HIS B 61 13.12 -33.88 16.15
CA HIS B 61 12.33 -35.02 15.68
C HIS B 61 13.02 -35.70 14.52
N LEU B 62 13.06 -37.02 14.57
CA LEU B 62 13.45 -37.84 13.42
C LEU B 62 12.21 -38.57 12.96
N ILE B 63 11.90 -38.43 11.67
CA ILE B 63 10.68 -39.00 11.06
C ILE B 63 11.06 -40.02 9.99
N PRO B 64 10.62 -41.29 10.12
CA PRO B 64 11.02 -42.27 9.15
C PRO B 64 10.25 -42.05 7.88
N PHE B 65 10.97 -42.04 6.76
CA PHE B 65 10.41 -41.84 5.44
C PHE B 65 11.14 -42.72 4.45
N HIS B 66 10.57 -42.82 3.26
CA HIS B 66 11.33 -43.26 2.10
C HIS B 66 11.19 -42.19 1.03
N ILE B 67 12.18 -42.10 0.15
CA ILE B 67 12.09 -41.20 -1.01
C ILE B 67 12.38 -41.93 -2.30
N TYR B 68 12.02 -41.32 -3.42
CA TYR B 68 12.41 -41.82 -4.71
C TYR B 68 13.68 -41.10 -5.13
N ILE B 69 14.57 -41.87 -5.74
CA ILE B 69 15.71 -41.35 -6.47
C ILE B 69 15.66 -42.17 -7.77
N GLY B 70 14.97 -41.63 -8.77
CA GLY B 70 14.50 -42.42 -9.89
C GLY B 70 13.53 -43.47 -9.34
N LYS B 71 13.60 -44.67 -9.87
CA LYS B 71 12.70 -45.75 -9.46
C LYS B 71 13.10 -46.37 -8.12
N GLU B 72 14.28 -46.04 -7.63
CA GLU B 72 14.78 -46.69 -6.43
C GLU B 72 14.29 -46.00 -5.16
N LYS B 73 13.67 -46.76 -4.26
CA LYS B 73 13.19 -46.21 -2.98
C LYS B 73 14.28 -46.29 -1.91
N PHE B 74 14.86 -45.14 -1.59
CA PHE B 74 15.85 -45.02 -0.53
C PHE B 74 15.17 -44.74 0.79
N LYS B 75 15.55 -45.47 1.82
CA LYS B 75 15.11 -45.16 3.17
C LYS B 75 15.67 -43.79 3.58
N MSE B 76 14.80 -42.85 4.00
CA MSE B 76 15.17 -41.44 4.28
C MSE B 76 14.77 -40.97 5.67
O MSE B 76 13.68 -41.26 6.12
CB MSE B 76 14.57 -40.50 3.23
CG MSE B 76 15.01 -39.03 3.31
SE MSE B 76 14.05 -37.87 4.60
CE MSE B 76 12.36 -37.68 3.65
N GLY B 77 15.65 -40.22 6.34
CA GLY B 77 15.40 -39.72 7.69
C GLY B 77 15.12 -38.23 7.74
N GLY B 78 13.88 -37.87 8.02
CA GLY B 78 13.47 -36.49 7.99
C GLY B 78 13.76 -35.84 9.31
N VAL B 79 14.45 -34.70 9.29
CA VAL B 79 14.76 -34.00 10.53
C VAL B 79 13.73 -32.89 10.69
N ALA B 80 13.02 -32.89 11.81
CA ALA B 80 11.99 -31.89 12.00
C ALA B 80 12.00 -31.32 13.39
N GLY B 81 11.21 -30.26 13.56
CA GLY B 81 10.97 -29.64 14.85
C GLY B 81 12.25 -29.39 15.63
N VAL B 82 13.32 -29.02 14.93
CA VAL B 82 14.55 -28.65 15.61
C VAL B 82 14.34 -27.33 16.33
N ALA B 83 14.53 -27.33 17.65
CA ALA B 83 14.23 -26.16 18.48
C ALA B 83 14.95 -26.17 19.81
N THR B 84 15.32 -24.99 20.29
CA THR B 84 15.82 -24.81 21.65
C THR B 84 15.32 -23.50 22.23
N TYR B 85 15.00 -23.49 23.52
CA TYR B 85 14.64 -22.24 24.20
C TYR B 85 15.83 -21.28 24.17
N PRO B 86 15.57 -19.97 24.01
CA PRO B 86 16.64 -18.99 23.81
C PRO B 86 17.64 -18.96 24.95
N GLU B 87 17.18 -19.19 26.16
CA GLU B 87 18.05 -19.15 27.33
C GLU B 87 19.11 -20.27 27.36
N TYR B 88 18.80 -21.41 26.75
CA TYR B 88 19.77 -22.52 26.63
C TYR B 88 20.53 -22.51 25.31
N ARG B 89 20.40 -21.44 24.55
CA ARG B 89 21.02 -21.32 23.23
C ARG B 89 22.54 -21.27 23.35
N ARG B 90 23.03 -20.69 24.45
CA ARG B 90 24.46 -20.69 24.83
C ARG B 90 25.16 -22.06 24.78
N SER B 91 24.42 -23.14 25.07
CA SER B 91 25.03 -24.44 25.35
C SER B 91 25.28 -25.32 24.13
N GLY B 92 24.76 -24.92 22.97
CA GLY B 92 24.91 -25.66 21.72
C GLY B 92 24.31 -27.06 21.73
N TYR B 93 23.19 -27.21 22.44
CA TYR B 93 22.48 -28.49 22.55
C TYR B 93 21.93 -28.97 21.21
N VAL B 94 21.68 -28.05 20.29
CA VAL B 94 21.17 -28.42 18.96
C VAL B 94 22.24 -29.13 18.14
N LYS B 95 23.50 -28.70 18.28
CA LYS B 95 24.62 -29.45 17.70
C LYS B 95 24.62 -30.91 18.18
N GLU B 96 24.61 -31.11 19.51
CA GLU B 96 24.65 -32.45 20.10
C GLU B 96 23.55 -33.34 19.52
N LEU B 97 22.33 -32.80 19.47
CA LEU B 97 21.15 -33.54 18.99
C LEU B 97 21.27 -33.90 17.51
N LEU B 98 21.82 -32.97 16.74
CA LEU B 98 22.04 -33.17 15.33
C LEU B 98 23.00 -34.32 15.11
N GLN B 99 24.12 -34.30 15.82
CA GLN B 99 25.09 -35.40 15.78
C GLN B 99 24.41 -36.72 16.09
N HIS B 100 23.73 -36.77 17.23
CA HIS B 100 23.02 -37.96 17.67
C HIS B 100 22.04 -38.47 16.61
N SER B 101 21.43 -37.58 15.86
CA SER B 101 20.43 -38.02 14.88
C SER B 101 21.13 -38.74 13.73
N LEU B 102 22.34 -38.27 13.39
CA LEU B 102 23.15 -38.91 12.36
C LEU B 102 23.56 -40.33 12.76
N GLN B 103 24.06 -40.47 13.99
CA GLN B 103 24.38 -41.78 14.50
C GLN B 103 23.19 -42.73 14.50
N THR B 104 22.03 -42.23 14.92
CA THR B 104 20.81 -43.01 14.94
C THR B 104 20.42 -43.45 13.52
N MSE B 105 20.42 -42.49 12.60
CA MSE B 105 20.11 -42.76 11.20
C MSE B 105 21.04 -43.81 10.59
O MSE B 105 20.57 -44.74 9.92
CB MSE B 105 20.12 -41.46 10.37
CG MSE B 105 18.86 -40.62 10.56
SE MSE B 105 18.81 -38.95 9.54
CE MSE B 105 19.64 -37.75 10.82
N LYS B 106 22.34 -43.70 10.86
CA LYS B 106 23.31 -44.68 10.35
C LYS B 106 22.99 -46.08 10.82
N LYS B 107 22.64 -46.21 12.10
CA LYS B 107 22.38 -47.50 12.71
C LYS B 107 21.14 -48.18 12.16
N ASP B 108 20.13 -47.37 11.85
CA ASP B 108 18.86 -47.90 11.39
C ASP B 108 18.77 -47.93 9.86
N GLY B 109 19.86 -47.58 9.19
CA GLY B 109 19.94 -47.74 7.75
C GLY B 109 19.32 -46.61 6.97
N TYR B 110 19.11 -45.46 7.61
CA TYR B 110 18.72 -44.25 6.89
C TYR B 110 19.96 -43.65 6.24
N THR B 111 20.08 -43.84 4.92
CA THR B 111 21.26 -43.48 4.15
C THR B 111 21.30 -42.01 3.70
N VAL B 112 20.12 -41.38 3.66
CA VAL B 112 19.97 -39.99 3.23
C VAL B 112 19.05 -39.26 4.21
N SER B 113 19.13 -37.93 4.26
CA SER B 113 18.34 -37.14 5.20
C SER B 113 17.87 -35.85 4.57
N MSE B 114 16.67 -35.41 4.92
CA MSE B 114 16.11 -34.17 4.42
C MSE B 114 15.43 -33.39 5.53
O MSE B 114 14.94 -33.97 6.50
CB MSE B 114 15.12 -34.43 3.28
CG MSE B 114 15.73 -35.22 2.12
SE MSE B 114 14.61 -35.32 0.54
CE MSE B 114 13.10 -36.26 1.22
N LEU B 115 15.41 -32.07 5.39
CA LEU B 115 14.76 -31.18 6.35
C LEU B 115 14.41 -29.86 5.69
N HIS B 116 13.49 -29.12 6.30
CA HIS B 116 13.21 -27.76 5.88
C HIS B 116 13.90 -26.78 6.84
N PRO B 117 14.87 -26.00 6.35
CA PRO B 117 15.68 -25.19 7.26
C PRO B 117 15.06 -23.86 7.67
N PHE B 118 14.99 -23.59 8.97
CA PHE B 118 14.66 -22.25 9.44
C PHE B 118 15.73 -21.28 8.92
N ALA B 119 16.98 -21.74 8.85
CA ALA B 119 18.07 -20.97 8.28
C ALA B 119 19.07 -21.89 7.59
N VAL B 120 19.37 -21.61 6.32
CA VAL B 120 20.25 -22.46 5.54
C VAL B 120 21.63 -22.60 6.18
N SER B 121 22.30 -21.49 6.44
CA SER B 121 23.70 -21.51 6.89
C SER B 121 23.88 -22.30 8.16
N PHE B 122 22.79 -22.46 8.91
CA PHE B 122 22.85 -23.21 10.13
C PHE B 122 23.24 -24.66 9.85
N TYR B 123 22.42 -25.32 9.03
CA TYR B 123 22.57 -26.74 8.73
C TYR B 123 23.74 -27.04 7.79
N ARG B 124 24.23 -26.01 7.11
CA ARG B 124 25.37 -26.16 6.20
C ARG B 124 26.63 -26.53 6.93
N LYS B 125 26.78 -25.98 8.14
CA LYS B 125 27.94 -26.23 8.99
C LYS B 125 28.05 -27.71 9.34
N TYR B 126 26.91 -28.38 9.39
CA TYR B 126 26.80 -29.77 9.80
C TYR B 126 26.60 -30.72 8.62
N GLY B 127 26.87 -30.19 7.43
CA GLY B 127 26.94 -31.00 6.23
C GLY B 127 25.69 -31.13 5.38
N TRP B 128 24.63 -30.43 5.74
CA TRP B 128 23.42 -30.41 4.88
C TRP B 128 23.60 -29.39 3.77
N GLU B 129 22.98 -29.65 2.62
CA GLU B 129 23.07 -28.71 1.51
C GLU B 129 21.71 -28.49 0.88
N LEU B 130 21.51 -27.34 0.25
CA LEU B 130 20.31 -27.11 -0.57
C LEU B 130 20.21 -28.22 -1.59
N CYS B 131 19.00 -28.71 -1.82
CA CYS B 131 18.84 -29.84 -2.73
C CYS B 131 17.57 -29.78 -3.58
N ALA B 132 16.70 -28.82 -3.34
CA ALA B 132 15.46 -28.77 -4.10
C ALA B 132 14.87 -27.37 -4.12
N ASN B 133 14.45 -26.94 -5.30
CA ASN B 133 13.72 -25.67 -5.49
C ASN B 133 12.22 -25.86 -5.71
N LEU B 134 11.45 -24.82 -5.42
CA LEU B 134 10.08 -24.73 -5.90
C LEU B 134 9.90 -23.57 -6.88
N LEU B 135 9.12 -23.80 -7.94
CA LEU B 135 8.72 -22.74 -8.86
C LEU B 135 7.29 -22.32 -8.56
N VAL B 136 7.11 -21.07 -8.17
CA VAL B 136 5.78 -20.49 -7.92
C VAL B 136 5.51 -19.47 -9.00
N CYS B 137 4.37 -19.61 -9.68
CA CYS B 137 4.02 -18.63 -10.70
C CYS B 137 2.58 -18.11 -10.60
N HIS B 138 2.39 -16.86 -11.03
CA HIS B 138 1.12 -16.17 -10.93
C HIS B 138 0.54 -15.76 -12.28
N MSE B 139 -0.75 -16.04 -12.45
CA MSE B 139 -1.46 -15.71 -13.66
C MSE B 139 -2.75 -14.96 -13.35
O MSE B 139 -3.23 -14.99 -12.21
CB MSE B 139 -1.74 -16.98 -14.45
CG MSE B 139 -0.54 -17.45 -15.22
SE MSE B 139 -0.16 -19.34 -14.94
CE MSE B 139 0.37 -19.24 -13.07
N THR B 140 -3.30 -14.28 -14.35
CA THR B 140 -4.56 -13.54 -14.21
C THR B 140 -5.60 -14.11 -15.15
N LYS B 141 -6.82 -13.56 -15.14
CA LYS B 141 -7.91 -14.06 -15.99
C LYS B 141 -7.52 -14.17 -17.46
N SER B 142 -6.70 -13.24 -17.93
CA SER B 142 -6.33 -13.15 -19.34
C SER B 142 -5.34 -14.23 -19.78
N ASP B 143 -4.67 -14.86 -18.82
CA ASP B 143 -3.74 -15.96 -19.10
C ASP B 143 -4.48 -17.30 -19.27
N LEU B 144 -5.76 -17.33 -18.86
CA LEU B 144 -6.56 -18.55 -18.92
C LEU B 144 -7.18 -18.80 -20.29
N VAL B 145 -6.34 -18.82 -21.31
CA VAL B 145 -6.79 -19.14 -22.65
C VAL B 145 -6.82 -20.66 -22.83
N MSE B 146 -7.97 -21.17 -23.29
CA MSE B 146 -8.18 -22.57 -23.60
C MSE B 146 -7.22 -23.08 -24.66
O MSE B 146 -6.90 -22.38 -25.60
CB MSE B 146 -9.60 -22.78 -24.10
CG MSE B 146 -10.64 -22.62 -23.01
SE MSE B 146 -11.18 -24.36 -22.36
CE MSE B 146 -12.63 -24.65 -23.65
N LYS B 147 -6.75 -24.31 -24.50
CA LYS B 147 -5.96 -24.96 -25.53
C LYS B 147 -6.90 -25.81 -26.38
N LYS B 148 -6.36 -26.54 -27.35
CA LYS B 148 -7.17 -27.51 -28.12
C LYS B 148 -7.81 -28.53 -27.17
N GLN B 149 -9.05 -28.88 -27.48
CA GLN B 149 -9.87 -29.77 -26.65
C GLN B 149 -9.34 -31.20 -26.69
N VAL B 150 -9.24 -31.85 -25.53
CA VAL B 150 -8.82 -33.24 -25.43
C VAL B 150 -10.02 -34.13 -25.17
N ASN B 151 -9.84 -35.46 -25.23
CA ASN B 151 -10.96 -36.40 -25.25
C ASN B 151 -11.41 -36.95 -23.90
N GLY B 152 -10.61 -36.75 -22.86
CA GLY B 152 -10.94 -37.30 -21.57
C GLY B 152 -11.86 -36.42 -20.77
N THR B 153 -11.83 -36.60 -19.45
CA THR B 153 -12.76 -35.97 -18.50
C THR B 153 -12.07 -35.86 -17.14
N VAL B 154 -12.58 -34.94 -16.32
CA VAL B 154 -12.04 -34.66 -14.99
C VAL B 154 -13.09 -35.01 -13.94
N LYS B 155 -12.67 -35.66 -12.85
CA LYS B 155 -13.52 -35.85 -11.67
C LYS B 155 -12.89 -35.18 -10.46
N ARG B 156 -13.72 -34.61 -9.59
CA ARG B 156 -13.22 -34.00 -8.36
C ARG B 156 -13.45 -34.94 -7.17
N PHE B 157 -12.48 -34.99 -6.28
CA PHE B 157 -12.56 -35.81 -5.08
C PHE B 157 -12.19 -34.94 -3.89
N ASN B 158 -12.26 -35.54 -2.70
CA ASN B 158 -11.76 -34.88 -1.49
C ASN B 158 -11.17 -35.93 -0.51
N LYS B 159 -10.81 -35.48 0.68
CA LYS B 159 -10.23 -36.35 1.69
C LYS B 159 -11.06 -37.62 1.91
N GLU B 160 -12.40 -37.47 1.95
CA GLU B 160 -13.29 -38.58 2.29
C GLU B 160 -13.66 -39.53 1.13
N SER B 161 -13.13 -39.26 -0.06
CA SER B 161 -13.38 -40.08 -1.23
C SER B 161 -12.07 -40.32 -1.99
N HIS B 162 -10.98 -40.34 -1.23
CA HIS B 162 -9.64 -40.63 -1.74
C HIS B 162 -9.61 -41.82 -2.69
N PRO B 163 -9.17 -41.61 -3.94
CA PRO B 163 -9.05 -42.69 -4.93
C PRO B 163 -7.64 -43.29 -5.00
N GLU B 164 -7.57 -44.60 -5.21
CA GLU B 164 -6.33 -45.36 -5.22
C GLU B 164 -5.42 -44.87 -6.33
N GLU B 165 -6.02 -44.66 -7.50
CA GLU B 165 -5.30 -44.29 -8.71
C GLU B 165 -4.40 -43.09 -8.55
N VAL B 166 -4.80 -42.12 -7.73
CA VAL B 166 -3.93 -40.97 -7.49
C VAL B 166 -2.59 -41.35 -6.86
N GLU B 167 -2.55 -42.43 -6.06
CA GLU B 167 -1.31 -42.85 -5.40
C GLU B 167 -0.28 -43.29 -6.44
N LYS B 168 -0.74 -43.95 -7.50
CA LYS B 168 0.10 -44.44 -8.60
C LYS B 168 0.51 -43.33 -9.57
N LEU B 169 -0.42 -42.39 -9.84
CA LEU B 169 -0.13 -41.21 -10.63
C LEU B 169 1.00 -40.45 -9.95
N TYR B 170 0.88 -40.24 -8.64
CA TYR B 170 1.95 -39.62 -7.85
C TYR B 170 3.25 -40.40 -8.05
N GLU B 171 3.24 -41.69 -7.69
CA GLU B 171 4.46 -42.51 -7.79
C GLU B 171 5.12 -42.43 -9.17
N THR B 172 4.33 -42.40 -10.22
CA THR B 172 4.87 -42.42 -11.58
C THR B 172 5.61 -41.13 -11.89
N PHE B 173 5.06 -40.03 -11.38
CA PHE B 173 5.63 -38.70 -11.53
C PHE B 173 6.89 -38.64 -10.68
N ALA B 174 6.73 -38.99 -9.42
CA ALA B 174 7.79 -38.98 -8.44
C ALA B 174 9.07 -39.64 -8.94
N GLU B 175 8.91 -40.72 -9.72
CA GLU B 175 10.04 -41.50 -10.18
C GLU B 175 10.86 -40.80 -11.25
N LEU B 176 10.45 -39.60 -11.64
CA LEU B 176 11.20 -38.85 -12.64
C LEU B 176 12.30 -37.99 -12.03
N PHE B 177 12.24 -37.84 -10.71
CA PHE B 177 13.09 -36.90 -9.99
C PHE B 177 13.87 -37.61 -8.92
N SER B 178 14.65 -36.87 -8.15
CA SER B 178 15.22 -37.38 -6.90
C SER B 178 14.64 -36.53 -5.77
N GLY B 179 14.28 -37.17 -4.66
CA GLY B 179 13.86 -36.46 -3.46
C GLY B 179 12.38 -36.47 -3.11
N MSE B 180 11.52 -36.89 -4.04
CA MSE B 180 10.08 -37.01 -3.78
C MSE B 180 9.79 -38.04 -2.70
O MSE B 180 10.44 -39.07 -2.62
CB MSE B 180 9.33 -37.36 -5.06
CG MSE B 180 9.54 -36.40 -6.18
SE MSE B 180 8.44 -34.84 -5.84
CE MSE B 180 6.95 -35.28 -7.05
N LEU B 181 8.79 -37.76 -1.86
CA LEU B 181 8.47 -38.59 -0.70
C LEU B 181 7.67 -39.80 -1.13
N VAL B 182 7.97 -40.95 -0.55
CA VAL B 182 7.10 -42.10 -0.73
C VAL B 182 5.84 -41.82 0.09
N ARG B 183 4.68 -41.80 -0.56
CA ARG B 183 3.41 -41.45 0.10
C ARG B 183 2.45 -42.62 0.28
N ASN B 184 2.21 -43.09 1.50
CA ASN B 184 1.16 -44.11 1.68
C ASN B 184 -0.19 -43.46 1.88
N GLU B 185 -1.24 -44.26 2.01
CA GLU B 185 -2.59 -43.72 2.16
C GLU B 185 -2.64 -42.82 3.38
N LYS B 186 -2.08 -43.29 4.47
CA LYS B 186 -2.10 -42.54 5.72
C LYS B 186 -1.49 -41.15 5.52
N TRP B 187 -0.42 -41.07 4.71
CA TRP B 187 0.25 -39.78 4.45
C TRP B 187 -0.68 -38.88 3.67
N TRP B 188 -1.20 -39.40 2.57
CA TRP B 188 -2.22 -38.71 1.82
C TRP B 188 -3.30 -38.15 2.72
N LEU B 189 -3.85 -38.99 3.60
CA LEU B 189 -5.01 -38.59 4.40
C LEU B 189 -4.72 -37.53 5.46
N GLN B 190 -3.51 -37.54 5.99
CA GLN B 190 -3.17 -36.73 7.14
C GLN B 190 -2.31 -35.53 6.83
N ALA B 191 -1.76 -35.47 5.62
CA ALA B 191 -0.74 -34.48 5.34
C ALA B 191 -0.93 -33.76 4.02
N VAL B 192 -1.43 -34.48 3.02
CA VAL B 192 -1.48 -33.96 1.64
C VAL B 192 -2.74 -33.14 1.37
N TYR B 193 -3.90 -33.70 1.72
CA TYR B 193 -5.20 -33.08 1.40
C TYR B 193 -5.44 -31.74 2.03
N ASP B 194 -5.01 -31.55 3.28
CA ASP B 194 -5.26 -30.30 4.00
C ASP B 194 -6.69 -29.84 3.74
N ASP B 195 -6.81 -28.59 3.30
CA ASP B 195 -8.08 -27.96 2.89
C ASP B 195 -8.32 -28.04 1.36
N LEU B 196 -7.61 -28.93 0.66
CA LEU B 196 -7.58 -28.94 -0.83
C LEU B 196 -8.63 -29.83 -1.48
N THR B 197 -8.81 -29.65 -2.78
CA THR B 197 -9.69 -30.46 -3.62
C THR B 197 -8.82 -31.16 -4.65
N LEU B 198 -9.11 -32.44 -4.90
CA LEU B 198 -8.39 -33.23 -5.88
C LEU B 198 -9.21 -33.37 -7.17
N ALA B 199 -8.56 -33.12 -8.29
CA ALA B 199 -9.16 -33.33 -9.60
C ALA B 199 -8.26 -34.30 -10.36
N ILE B 200 -8.85 -35.35 -10.94
CA ILE B 200 -8.09 -36.27 -11.81
C ILE B 200 -8.58 -36.15 -13.25
N TYR B 201 -7.63 -36.12 -14.19
CA TYR B 201 -7.98 -36.19 -15.60
C TYR B 201 -7.91 -37.63 -16.06
N TYR B 202 -8.99 -38.09 -16.66
CA TYR B 202 -9.10 -39.44 -17.21
C TYR B 202 -9.12 -39.37 -18.73
N ASP B 203 -8.60 -40.40 -19.40
CA ASP B 203 -8.53 -40.38 -20.87
C ASP B 203 -9.76 -41.02 -21.54
N GLU B 204 -9.71 -41.18 -22.87
CA GLU B 204 -10.78 -41.84 -23.66
C GLU B 204 -11.32 -43.10 -23.01
N ASN B 205 -10.44 -43.84 -22.35
CA ASN B 205 -10.75 -45.17 -21.85
C ASN B 205 -11.00 -45.17 -20.33
N GLN B 206 -11.19 -43.99 -19.77
CA GLN B 206 -11.39 -43.78 -18.32
C GLN B 206 -10.21 -44.28 -17.53
N THR B 207 -9.02 -43.90 -17.96
CA THR B 207 -7.81 -44.28 -17.28
C THR B 207 -7.16 -43.02 -16.77
N ALA B 208 -6.76 -43.03 -15.51
CA ALA B 208 -6.23 -41.83 -14.88
C ALA B 208 -4.91 -41.44 -15.53
N ALA B 209 -4.73 -40.16 -15.86
CA ALA B 209 -3.49 -39.72 -16.54
C ALA B 209 -2.78 -38.57 -15.85
N GLY B 210 -3.48 -37.90 -14.92
CA GLY B 210 -2.92 -36.77 -14.20
C GLY B 210 -3.85 -36.26 -13.11
N TYR B 211 -3.28 -35.58 -12.11
CA TYR B 211 -4.09 -34.97 -11.08
C TYR B 211 -3.58 -33.60 -10.76
N MSE B 212 -4.39 -32.81 -10.08
CA MSE B 212 -3.95 -31.54 -9.49
C MSE B 212 -4.61 -31.37 -8.14
O MSE B 212 -5.69 -31.91 -7.89
CB MSE B 212 -4.28 -30.35 -10.41
CG MSE B 212 -5.72 -30.26 -10.87
SE MSE B 212 -6.09 -28.66 -11.96
CE MSE B 212 -6.16 -27.27 -10.60
N LEU B 213 -3.93 -30.67 -7.24
CA LEU B 213 -4.50 -30.32 -5.94
C LEU B 213 -4.64 -28.81 -5.87
N TYR B 214 -5.79 -28.36 -5.37
CA TYR B 214 -6.15 -26.95 -5.43
C TYR B 214 -7.26 -26.54 -4.45
N LYS B 215 -7.50 -25.24 -4.40
CA LYS B 215 -8.56 -24.64 -3.59
C LYS B 215 -8.90 -23.31 -4.23
N ILE B 216 -10.07 -22.78 -3.92
CA ILE B 216 -10.50 -21.49 -4.44
C ILE B 216 -11.08 -20.66 -3.31
N GLU B 217 -10.59 -19.44 -3.15
CA GLU B 217 -11.15 -18.48 -2.19
C GLU B 217 -10.80 -17.06 -2.58
N ASN B 218 -11.78 -16.16 -2.40
CA ASN B 218 -11.68 -14.75 -2.76
C ASN B 218 -11.17 -14.53 -4.19
N TYR B 219 -11.69 -15.35 -5.10
CA TYR B 219 -11.40 -15.30 -6.53
C TYR B 219 -9.98 -15.74 -6.89
N LYS B 220 -9.27 -16.34 -5.94
CA LYS B 220 -7.97 -16.88 -6.24
C LYS B 220 -8.00 -18.41 -6.23
N MSE B 221 -7.49 -19.00 -7.29
CA MSE B 221 -7.23 -20.42 -7.27
C MSE B 221 -5.77 -20.69 -6.96
O MSE B 221 -4.86 -20.18 -7.64
CB MSE B 221 -7.60 -21.08 -8.60
CG MSE B 221 -7.50 -22.59 -8.50
SE MSE B 221 -7.50 -23.47 -10.19
CE MSE B 221 -9.40 -23.31 -10.61
N THR B 222 -5.54 -21.50 -5.94
CA THR B 222 -4.19 -21.79 -5.49
C THR B 222 -3.88 -23.25 -5.81
N VAL B 223 -3.01 -23.46 -6.79
CA VAL B 223 -2.71 -24.82 -7.23
C VAL B 223 -1.42 -25.31 -6.61
N GLU B 224 -1.56 -26.31 -5.74
CA GLU B 224 -0.44 -26.76 -4.92
C GLU B 224 0.35 -27.90 -5.53
N GLU B 225 -0.33 -28.74 -6.29
CA GLU B 225 0.32 -29.83 -6.99
C GLU B 225 -0.29 -29.96 -8.35
N PHE B 226 0.56 -29.99 -9.36
CA PHE B 226 0.11 -30.14 -10.74
C PHE B 226 0.89 -31.27 -11.36
N VAL B 227 0.22 -32.40 -11.57
CA VAL B 227 0.94 -33.63 -11.91
C VAL B 227 0.30 -34.31 -13.12
N PRO B 228 0.83 -34.05 -14.32
CA PRO B 228 0.37 -34.79 -15.50
C PRO B 228 1.38 -35.85 -15.90
N LEU B 229 0.91 -36.94 -16.50
CA LEU B 229 1.85 -37.98 -16.94
C LEU B 229 2.28 -37.76 -18.38
N HIS B 230 1.52 -36.94 -19.10
CA HIS B 230 1.80 -36.66 -20.50
C HIS B 230 1.09 -35.40 -20.94
N ASN B 231 1.42 -34.91 -22.13
CA ASN B 231 0.91 -33.62 -22.60
C ASN B 231 -0.61 -33.55 -22.64
N GLU B 232 -1.26 -34.66 -22.98
CA GLU B 232 -2.73 -34.72 -22.93
C GLU B 232 -3.30 -34.48 -21.51
N ALA B 233 -2.70 -35.08 -20.48
CA ALA B 233 -3.11 -34.81 -19.10
C ALA B 233 -2.84 -33.36 -18.71
N ARG B 234 -1.76 -32.80 -19.23
CA ARG B 234 -1.41 -31.41 -19.02
C ARG B 234 -2.45 -30.48 -19.67
N ASN B 235 -2.83 -30.78 -20.90
CA ASN B 235 -3.83 -29.97 -21.59
C ASN B 235 -5.22 -30.10 -20.98
N GLY B 236 -5.54 -31.29 -20.50
CA GLY B 236 -6.87 -31.52 -19.93
C GLY B 236 -7.04 -30.87 -18.58
N LEU B 237 -5.99 -30.90 -17.78
CA LEU B 237 -6.01 -30.25 -16.47
C LEU B 237 -6.00 -28.74 -16.64
N TRP B 238 -5.24 -28.27 -17.62
CA TRP B 238 -5.28 -26.85 -17.95
C TRP B 238 -6.67 -26.38 -18.43
N ASN B 239 -7.23 -27.07 -19.42
CA ASN B 239 -8.56 -26.76 -19.87
C ASN B 239 -9.59 -26.73 -18.73
N PHE B 240 -9.38 -27.57 -17.71
CA PHE B 240 -10.23 -27.59 -16.52
C PHE B 240 -10.02 -26.33 -15.67
N ILE B 241 -8.78 -25.91 -15.54
CA ILE B 241 -8.51 -24.64 -14.88
C ILE B 241 -9.25 -23.53 -15.62
N CYS B 242 -9.19 -23.54 -16.95
CA CYS B 242 -9.83 -22.50 -17.76
C CYS B 242 -11.36 -22.46 -17.67
N GLN B 243 -11.96 -23.56 -17.24
CA GLN B 243 -13.40 -23.59 -17.07
C GLN B 243 -13.89 -22.78 -15.87
N HIS B 244 -12.95 -22.35 -15.03
CA HIS B 244 -13.25 -21.51 -13.89
C HIS B 244 -13.09 -20.02 -14.24
N ASP B 245 -12.87 -19.70 -15.51
CA ASP B 245 -12.51 -18.31 -15.90
C ASP B 245 -13.52 -17.28 -15.43
N SER B 246 -14.78 -17.69 -15.28
CA SER B 246 -15.80 -16.82 -14.75
C SER B 246 -15.65 -16.62 -13.24
N MSE B 247 -15.10 -17.63 -12.55
CA MSE B 247 -14.93 -17.57 -11.10
C MSE B 247 -13.66 -16.85 -10.62
O MSE B 247 -13.69 -16.23 -9.58
CB MSE B 247 -14.94 -18.96 -10.48
CG MSE B 247 -16.21 -19.72 -10.61
SE MSE B 247 -15.90 -21.49 -9.87
CE MSE B 247 -17.30 -22.46 -10.83
N ILE B 248 -12.56 -16.97 -11.35
CA ILE B 248 -11.30 -16.47 -10.81
C ILE B 248 -10.65 -15.25 -11.48
N LYS B 249 -9.85 -14.55 -10.68
CA LYS B 249 -9.13 -13.35 -11.08
C LYS B 249 -7.64 -13.57 -10.89
N ASP B 250 -7.30 -14.52 -10.02
CA ASP B 250 -5.91 -14.87 -9.74
C ASP B 250 -5.63 -16.38 -9.69
N LEU B 251 -4.49 -16.77 -10.25
CA LEU B 251 -4.03 -18.14 -10.25
C LEU B 251 -2.58 -18.23 -9.80
N GLU B 252 -2.32 -19.01 -8.75
CA GLU B 252 -0.97 -19.31 -8.28
C GLU B 252 -0.72 -20.81 -8.41
N MSE B 253 0.44 -21.20 -8.91
CA MSE B 253 0.78 -22.62 -9.02
C MSE B 253 2.16 -22.93 -8.44
O MSE B 253 3.10 -22.16 -8.60
CB MSE B 253 0.75 -23.06 -10.47
CG MSE B 253 -0.64 -23.03 -11.09
SE MSE B 253 -0.74 -23.98 -12.79
CE MSE B 253 -0.44 -22.48 -13.98
N THR B 254 2.27 -24.07 -7.77
CA THR B 254 3.56 -24.56 -7.32
C THR B 254 3.93 -25.77 -8.14
N VAL B 255 4.98 -25.60 -8.95
CA VAL B 255 5.47 -26.67 -9.84
C VAL B 255 6.99 -26.82 -9.71
N SER B 256 7.55 -27.85 -10.33
CA SER B 256 8.99 -27.99 -10.46
C SER B 256 9.52 -27.04 -11.52
N GLU B 257 10.81 -26.72 -11.45
CA GLU B 257 11.46 -25.90 -12.46
C GLU B 257 11.22 -26.44 -13.86
N ASN B 258 11.19 -27.76 -13.97
CA ASN B 258 11.18 -28.42 -15.25
C ASN B 258 9.78 -28.62 -15.83
N GLU B 259 8.76 -28.16 -15.12
CA GLU B 259 7.40 -28.16 -15.67
C GLU B 259 7.35 -27.18 -16.84
N PRO B 260 7.00 -27.70 -18.03
CA PRO B 260 7.02 -26.97 -19.29
C PRO B 260 5.79 -26.10 -19.54
N LEU B 261 4.75 -26.26 -18.73
CA LEU B 261 3.48 -25.54 -18.93
C LEU B 261 3.55 -24.06 -19.37
N LEU B 262 4.43 -23.26 -18.76
CA LEU B 262 4.40 -21.80 -18.95
C LEU B 262 4.84 -21.35 -20.35
N TYR B 263 5.75 -22.13 -20.94
CA TYR B 263 6.17 -21.94 -22.32
C TYR B 263 4.98 -21.92 -23.29
N THR B 264 3.89 -22.59 -22.92
CA THR B 264 2.74 -22.75 -23.82
C THR B 264 1.70 -21.64 -23.73
N LEU B 265 1.79 -20.80 -22.71
CA LEU B 265 0.83 -19.71 -22.52
C LEU B 265 0.83 -18.70 -23.69
N GLN B 266 -0.25 -17.95 -23.84
CA GLN B 266 -0.30 -16.91 -24.87
C GLN B 266 0.76 -15.86 -24.60
N GLU B 267 0.95 -15.53 -23.32
CA GLU B 267 2.02 -14.64 -22.90
C GLU B 267 2.85 -15.33 -21.84
N PRO B 268 3.91 -16.05 -22.24
CA PRO B 268 4.73 -16.82 -21.31
C PRO B 268 5.48 -15.98 -20.29
N ARG B 269 5.48 -14.65 -20.44
CA ARG B 269 6.17 -13.78 -19.48
C ARG B 269 5.34 -13.51 -18.23
N VAL B 270 5.03 -14.55 -17.47
CA VAL B 270 4.31 -14.34 -16.21
C VAL B 270 5.24 -14.17 -15.01
N LYS B 271 4.66 -13.63 -13.93
CA LYS B 271 5.34 -13.43 -12.67
C LYS B 271 5.64 -14.84 -12.09
N THR B 272 6.93 -15.13 -11.88
CA THR B 272 7.45 -16.51 -11.78
C THR B 272 8.74 -16.61 -10.97
N GLU B 273 8.68 -17.27 -9.81
CA GLU B 273 9.81 -17.26 -8.87
C GLU B 273 10.34 -18.66 -8.57
N ILE B 274 11.65 -18.82 -8.69
CA ILE B 274 12.32 -20.01 -8.19
C ILE B 274 12.71 -19.75 -6.75
N LYS B 275 12.44 -20.73 -5.90
CA LYS B 275 12.72 -20.65 -4.48
C LYS B 275 13.51 -21.88 -4.04
N PRO B 276 14.72 -21.67 -3.49
CA PRO B 276 15.31 -22.80 -2.77
C PRO B 276 14.35 -23.20 -1.65
N TYR B 277 14.15 -24.50 -1.44
CA TYR B 277 13.09 -24.98 -0.56
C TYR B 277 13.60 -25.93 0.49
N PHE B 278 14.24 -27.01 0.03
CA PHE B 278 14.54 -28.13 0.89
C PHE B 278 16.01 -28.49 0.85
N MSE B 279 16.52 -28.93 2.00
CA MSE B 279 17.90 -29.38 2.12
C MSE B 279 17.97 -30.89 2.29
O MSE B 279 17.03 -31.51 2.80
CB MSE B 279 18.61 -28.70 3.30
CG MSE B 279 18.88 -27.24 3.07
SE MSE B 279 19.69 -26.34 4.62
CE MSE B 279 21.57 -26.59 4.17
N GLY B 280 19.09 -31.46 1.82
CA GLY B 280 19.38 -32.89 1.91
C GLY B 280 20.79 -33.12 2.43
N ARG B 281 21.05 -34.32 2.94
CA ARG B 281 22.40 -34.74 3.35
C ARG B 281 22.54 -36.25 3.19
N ILE B 282 23.69 -36.71 2.70
CA ILE B 282 23.97 -38.13 2.77
C ILE B 282 24.49 -38.49 4.18
N VAL B 283 23.88 -39.49 4.78
CA VAL B 283 24.19 -39.87 6.15
C VAL B 283 25.29 -40.92 6.14
N ASP B 284 25.17 -41.86 5.19
CA ASP B 284 26.06 -43.03 5.09
C ASP B 284 26.46 -43.18 3.61
N VAL B 285 27.57 -42.54 3.23
CA VAL B 285 28.01 -42.57 1.84
C VAL B 285 28.09 -44.01 1.29
N GLU B 286 28.68 -44.92 2.07
CA GLU B 286 28.93 -46.28 1.58
C GLU B 286 27.66 -47.06 1.29
N GLN B 287 26.71 -47.01 2.23
CA GLN B 287 25.42 -47.67 2.02
C GLN B 287 24.57 -46.94 0.97
N PHE B 288 24.74 -45.61 0.87
CA PHE B 288 24.05 -44.80 -0.14
C PHE B 288 24.39 -45.25 -1.56
N LEU B 289 25.68 -45.31 -1.84
CA LEU B 289 26.11 -45.66 -3.19
C LEU B 289 25.72 -47.09 -3.56
N LYS B 290 25.63 -47.98 -2.57
CA LYS B 290 25.20 -49.37 -2.80
C LYS B 290 23.89 -49.45 -3.62
N GLN B 291 23.06 -48.41 -3.53
CA GLN B 291 21.74 -48.39 -4.17
C GLN B 291 21.62 -47.38 -5.31
N TYR B 292 22.70 -46.68 -5.58
CA TYR B 292 22.65 -45.51 -6.43
C TYR B 292 23.09 -45.86 -7.84
N GLU B 293 22.19 -45.75 -8.82
CA GLU B 293 22.51 -46.07 -10.21
C GLU B 293 23.17 -44.91 -10.93
N LEU B 294 24.34 -45.16 -11.52
CA LEU B 294 25.04 -44.13 -12.28
C LEU B 294 24.83 -44.27 -13.77
N ASN B 295 25.22 -43.21 -14.49
CA ASN B 295 25.25 -43.18 -15.93
C ASN B 295 26.60 -43.65 -16.43
N TRP B 296 26.63 -44.88 -16.93
CA TRP B 296 27.87 -45.50 -17.43
C TRP B 296 28.06 -45.36 -18.95
N ASN B 297 27.36 -44.42 -19.58
CA ASN B 297 27.44 -44.29 -21.03
C ASN B 297 28.74 -43.67 -21.58
N ASN B 298 28.83 -42.35 -21.63
CA ASN B 298 30.02 -41.68 -22.17
C ASN B 298 31.06 -41.39 -21.09
N VAL B 299 31.56 -42.45 -20.46
CA VAL B 299 32.53 -42.33 -19.38
C VAL B 299 33.86 -42.99 -19.74
N GLN B 300 34.91 -42.19 -19.80
CA GLN B 300 36.22 -42.71 -20.12
C GLN B 300 36.98 -43.13 -18.86
N GLN B 301 37.64 -42.17 -18.21
CA GLN B 301 38.50 -42.47 -17.06
C GLN B 301 37.70 -42.97 -15.85
N GLU B 302 38.41 -43.51 -14.87
CA GLU B 302 37.84 -43.77 -13.55
C GLU B 302 37.56 -42.44 -12.87
N VAL B 303 36.66 -42.46 -11.90
CA VAL B 303 36.39 -41.31 -11.07
C VAL B 303 36.75 -41.66 -9.64
N ILE B 304 37.68 -40.89 -9.08
CA ILE B 304 38.08 -41.06 -7.68
C ILE B 304 37.63 -39.84 -6.87
N LEU B 305 36.76 -40.08 -5.87
CA LEU B 305 36.26 -39.02 -4.99
C LEU B 305 36.82 -39.17 -3.58
N HIS B 306 37.43 -38.09 -3.07
CA HIS B 306 37.99 -38.06 -1.71
C HIS B 306 37.05 -37.26 -0.84
N ILE B 307 36.22 -37.97 -0.09
CA ILE B 307 35.14 -37.32 0.65
C ILE B 307 35.54 -36.89 2.06
N THR B 308 35.33 -35.61 2.35
CA THR B 308 35.46 -35.06 3.70
C THR B 308 34.09 -34.88 4.32
N ASP B 309 34.02 -35.08 5.64
CA ASP B 309 32.80 -34.83 6.42
C ASP B 309 33.23 -34.44 7.83
N SER B 310 33.24 -33.14 8.11
CA SER B 310 33.83 -32.66 9.36
C SER B 310 33.00 -33.06 10.57
N PHE B 311 31.81 -33.59 10.34
CA PHE B 311 30.80 -33.78 11.39
C PHE B 311 30.37 -35.25 11.56
N ALA B 312 30.32 -36.01 10.47
CA ALA B 312 30.05 -37.43 10.54
C ALA B 312 31.33 -38.21 10.16
N GLN B 313 32.06 -38.66 11.17
CA GLN B 313 33.38 -39.28 11.02
C GLN B 313 33.48 -40.41 9.96
N TRP B 314 32.44 -41.23 9.87
CA TRP B 314 32.49 -42.42 9.00
C TRP B 314 32.43 -42.10 7.52
N ASN B 315 32.09 -40.86 7.15
CA ASN B 315 32.06 -40.47 5.72
C ASN B 315 33.39 -39.94 5.15
N ASN B 316 34.42 -39.86 5.99
CA ASN B 316 35.75 -39.49 5.49
C ASN B 316 36.46 -40.68 4.82
N ILE B 317 35.98 -41.01 3.61
CA ILE B 317 36.47 -42.16 2.85
C ILE B 317 36.79 -41.77 1.42
N THR B 318 37.45 -42.66 0.70
CA THR B 318 37.65 -42.48 -0.73
C THR B 318 36.81 -43.47 -1.54
N VAL B 319 36.27 -42.99 -2.65
CA VAL B 319 35.37 -43.77 -3.51
C VAL B 319 35.91 -43.91 -4.94
N ARG B 320 35.94 -45.15 -5.44
CA ARG B 320 36.36 -45.44 -6.82
C ARG B 320 35.13 -45.78 -7.68
N ILE B 321 35.04 -45.14 -8.85
CA ILE B 321 33.96 -45.39 -9.79
C ILE B 321 34.54 -45.86 -11.11
N ALA B 322 34.51 -47.18 -11.35
CA ALA B 322 35.19 -47.77 -12.48
C ALA B 322 34.66 -49.15 -12.76
N ASN B 323 34.83 -49.61 -14.01
CA ASN B 323 34.39 -50.95 -14.44
C ASN B 323 32.93 -51.21 -14.05
N HIS B 324 32.09 -50.19 -14.24
CA HIS B 324 30.66 -50.26 -13.88
C HIS B 324 30.38 -50.58 -12.41
N GLU B 325 31.36 -50.33 -11.53
CA GLU B 325 31.16 -50.58 -10.11
C GLU B 325 31.72 -49.50 -9.18
N ILE B 326 30.96 -49.16 -8.14
CA ILE B 326 31.35 -48.21 -7.13
C ILE B 326 31.96 -48.97 -5.96
N THR B 327 33.27 -48.79 -5.71
CA THR B 327 33.93 -49.47 -4.58
C THR B 327 34.50 -48.46 -3.58
N ILE B 328 35.00 -48.94 -2.44
CA ILE B 328 35.59 -48.07 -1.42
C ILE B 328 37.03 -48.47 -1.25
N ILE B 329 37.94 -47.53 -1.46
CA ILE B 329 39.36 -47.83 -1.46
C ILE B 329 40.16 -46.97 -0.50
N GLU B 330 41.29 -47.48 -0.02
CA GLU B 330 42.21 -46.66 0.78
C GLU B 330 42.63 -45.46 -0.07
N GLU B 331 42.66 -44.29 0.56
CA GLU B 331 43.09 -43.07 -0.10
C GLU B 331 44.43 -43.28 -0.83
N PRO B 332 44.43 -43.03 -2.17
CA PRO B 332 45.67 -43.04 -2.94
C PRO B 332 46.47 -41.75 -2.76
N ILE B 333 47.78 -41.88 -2.94
CA ILE B 333 48.72 -40.75 -2.93
C ILE B 333 48.45 -39.80 -4.12
N ASP B 334 47.80 -40.33 -5.16
CA ASP B 334 47.39 -39.56 -6.34
C ASP B 334 45.99 -39.01 -6.18
N LYS B 335 45.92 -37.71 -5.94
CA LYS B 335 44.64 -37.04 -5.69
C LYS B 335 43.76 -37.00 -6.94
N GLY B 336 42.59 -37.60 -6.83
CA GLY B 336 41.50 -37.38 -7.76
C GLY B 336 40.76 -36.10 -7.41
N ILE B 337 39.49 -36.22 -7.05
CA ILE B 337 38.63 -35.06 -6.77
C ILE B 337 38.39 -34.96 -5.28
N LYS B 338 38.63 -33.77 -4.73
CA LYS B 338 38.31 -33.47 -3.33
C LYS B 338 36.99 -32.71 -3.21
N LEU B 339 36.11 -33.17 -2.33
CA LEU B 339 34.82 -32.52 -2.11
C LEU B 339 34.29 -32.80 -0.73
N ASP B 340 33.47 -31.89 -0.19
CA ASP B 340 32.84 -32.13 1.11
C ASP B 340 31.46 -32.81 1.02
N ILE B 341 30.95 -33.25 2.16
CA ILE B 341 29.66 -33.96 2.20
C ILE B 341 28.52 -33.09 1.65
N ASN B 342 28.61 -31.78 1.93
CA ASN B 342 27.70 -30.81 1.35
C ASN B 342 27.68 -30.94 -0.18
N ALA B 343 28.86 -30.95 -0.78
CA ALA B 343 29.00 -30.99 -2.24
C ALA B 343 28.49 -32.33 -2.79
N LEU B 344 28.91 -33.42 -2.13
CA LEU B 344 28.49 -34.75 -2.56
C LEU B 344 26.98 -34.83 -2.59
N SER B 345 26.35 -34.40 -1.49
CA SER B 345 24.92 -34.52 -1.32
C SER B 345 24.18 -33.75 -2.41
N THR B 346 24.59 -32.50 -2.63
CA THR B 346 23.91 -31.68 -3.62
C THR B 346 24.14 -32.14 -5.06
N ILE B 347 25.25 -32.86 -5.30
CA ILE B 347 25.52 -33.41 -6.61
C ILE B 347 24.70 -34.67 -6.82
N LEU B 348 24.66 -35.53 -5.81
CA LEU B 348 23.91 -36.78 -5.96
C LEU B 348 22.40 -36.59 -6.07
N PHE B 349 21.90 -35.45 -5.57
CA PHE B 349 20.50 -35.10 -5.72
C PHE B 349 20.22 -34.52 -7.10
N GLY B 350 21.27 -34.08 -7.78
CA GLY B 350 21.12 -33.44 -9.10
C GLY B 350 20.92 -31.93 -9.07
N TYR B 351 21.02 -31.36 -7.87
CA TYR B 351 20.70 -29.95 -7.62
C TYR B 351 21.73 -28.98 -8.20
N ARG B 352 23.00 -29.30 -8.00
CA ARG B 352 24.09 -28.61 -8.65
C ARG B 352 25.02 -29.63 -9.30
N ARG B 353 25.48 -29.30 -10.51
CA ARG B 353 26.32 -30.20 -11.29
C ARG B 353 27.78 -30.05 -10.89
N PRO B 354 28.56 -31.13 -11.00
CA PRO B 354 30.00 -31.06 -10.78
C PRO B 354 30.67 -29.81 -11.39
N LEU B 355 30.39 -29.53 -12.67
CA LEU B 355 30.97 -28.36 -13.33
C LEU B 355 30.65 -27.03 -12.62
N GLU B 356 29.46 -26.90 -12.06
CA GLU B 356 29.10 -25.69 -11.31
C GLU B 356 29.91 -25.57 -10.03
N LEU B 357 29.96 -26.66 -9.26
CA LEU B 357 30.71 -26.66 -8.00
C LEU B 357 32.24 -26.55 -8.18
N ASN B 358 32.74 -26.96 -9.34
CA ASN B 358 34.14 -26.72 -9.67
C ASN B 358 34.37 -25.24 -9.96
N GLU B 359 33.42 -24.63 -10.66
CA GLU B 359 33.50 -23.22 -11.02
C GLU B 359 33.49 -22.37 -9.76
N LEU B 360 32.71 -22.81 -8.77
CA LEU B 360 32.64 -22.13 -7.48
C LEU B 360 33.78 -22.53 -6.57
N GLU B 361 34.75 -23.25 -7.13
CA GLU B 361 35.90 -23.75 -6.36
C GLU B 361 35.52 -24.51 -5.09
N LEU B 362 34.33 -25.12 -5.10
CA LEU B 362 33.83 -25.89 -3.97
C LEU B 362 34.22 -27.36 -4.07
N ILE B 363 34.66 -27.77 -5.26
CA ILE B 363 35.33 -29.04 -5.45
C ILE B 363 36.58 -28.78 -6.30
N SER B 364 37.56 -29.69 -6.26
CA SER B 364 38.75 -29.52 -7.08
C SER B 364 39.12 -30.78 -7.85
N GLY B 365 39.73 -30.59 -9.01
CA GLY B 365 40.20 -31.68 -9.85
C GLY B 365 40.64 -31.13 -11.19
N SER B 366 41.19 -32.00 -12.04
CA SER B 366 41.58 -31.61 -13.39
C SER B 366 40.33 -31.52 -14.27
N GLU B 367 40.45 -30.83 -15.41
CA GLU B 367 39.38 -30.84 -16.39
C GLU B 367 38.96 -32.28 -16.67
N GLU B 368 39.95 -33.13 -16.96
CA GLU B 368 39.75 -34.58 -17.15
C GLU B 368 38.81 -35.21 -16.10
N GLU B 369 39.16 -35.06 -14.82
CA GLU B 369 38.46 -35.76 -13.74
C GLU B 369 37.05 -35.23 -13.54
N ILE B 370 36.91 -33.90 -13.47
CA ILE B 370 35.62 -33.23 -13.36
C ILE B 370 34.66 -33.58 -14.51
N ARG B 371 35.17 -33.56 -15.74
CA ARG B 371 34.38 -33.93 -16.93
C ARG B 371 33.77 -35.34 -16.80
N ALA B 372 34.60 -36.29 -16.38
CA ALA B 372 34.18 -37.66 -16.12
C ALA B 372 33.12 -37.70 -15.01
N PHE B 373 33.41 -36.97 -13.92
CA PHE B 373 32.48 -36.86 -12.80
C PHE B 373 31.18 -36.26 -13.29
N GLU B 374 31.24 -35.15 -14.02
CA GLU B 374 30.05 -34.56 -14.63
C GLU B 374 29.27 -35.63 -15.37
N SER B 375 29.99 -36.52 -16.04
CA SER B 375 29.37 -37.56 -16.88
C SER B 375 28.61 -38.62 -16.09
N VAL B 376 29.28 -39.26 -15.13
CA VAL B 376 28.66 -40.37 -14.38
C VAL B 376 27.40 -40.02 -13.58
N VAL B 377 27.27 -38.78 -13.13
CA VAL B 377 26.14 -38.37 -12.25
C VAL B 377 24.87 -38.21 -13.09
N PRO B 378 23.77 -38.91 -12.73
CA PRO B 378 22.57 -38.93 -13.59
C PRO B 378 21.99 -37.54 -13.74
N VAL B 379 21.46 -37.23 -14.91
CA VAL B 379 21.00 -35.87 -15.22
C VAL B 379 19.64 -35.54 -14.58
N ARG B 380 19.06 -36.56 -13.95
CA ARG B 380 17.80 -36.47 -13.23
C ARG B 380 17.76 -35.23 -12.36
N LYS B 381 16.58 -34.64 -12.24
CA LYS B 381 16.43 -33.40 -11.45
C LYS B 381 15.80 -33.62 -10.05
N PRO B 382 16.18 -32.78 -9.07
CA PRO B 382 15.59 -32.97 -7.73
C PRO B 382 14.26 -32.26 -7.56
N PHE B 383 13.40 -32.81 -6.71
CA PHE B 383 12.11 -32.19 -6.43
C PHE B 383 11.39 -32.83 -5.23
N ILE B 384 10.65 -32.01 -4.49
CA ILE B 384 9.81 -32.52 -3.41
C ILE B 384 8.54 -31.65 -3.28
N TYR B 385 7.38 -32.28 -3.15
CA TYR B 385 6.13 -31.53 -3.02
C TYR B 385 5.65 -31.51 -1.59
N ASP B 386 6.41 -32.16 -0.72
CA ASP B 386 5.96 -32.35 0.62
C ASP B 386 6.59 -31.41 1.63
N PHE B 387 5.93 -31.30 2.78
CA PHE B 387 6.44 -30.51 3.87
C PHE B 387 6.49 -31.30 5.17
N PHE B 388 7.56 -31.14 5.93
CA PHE B 388 7.60 -31.63 7.32
C PHE B 388 8.64 -30.86 8.15
N ASN C 5 -31.89 9.91 39.57
CA ASN C 5 -31.39 9.59 38.21
C ASN C 5 -30.38 8.45 38.16
N VAL C 6 -29.19 8.67 38.72
CA VAL C 6 -28.14 7.65 38.68
C VAL C 6 -28.41 6.54 39.69
N ILE C 7 -28.40 5.30 39.19
CA ILE C 7 -28.56 4.12 40.03
C ILE C 7 -27.29 3.26 39.99
N ARG C 8 -27.02 2.54 41.07
CA ARG C 8 -25.94 1.55 41.09
C ARG C 8 -26.52 0.25 40.54
N LEU C 9 -26.05 -0.17 39.37
CA LEU C 9 -26.65 -1.31 38.68
C LEU C 9 -26.48 -2.60 39.46
N LYS C 10 -27.56 -3.38 39.54
CA LYS C 10 -27.51 -4.68 40.20
C LYS C 10 -26.99 -5.76 39.25
N GLU C 11 -26.56 -6.86 39.83
CA GLU C 11 -26.18 -8.05 39.08
C GLU C 11 -27.03 -8.20 37.80
N ASP C 12 -28.35 -8.13 37.95
CA ASP C 12 -29.32 -8.43 36.87
C ASP C 12 -29.20 -7.63 35.56
N LYS C 13 -28.58 -6.45 35.60
CA LYS C 13 -28.43 -5.58 34.42
C LYS C 13 -27.03 -5.64 33.79
N PHE C 14 -26.12 -6.44 34.33
CA PHE C 14 -24.74 -6.50 33.84
C PHE C 14 -24.65 -6.97 32.38
N ARG C 15 -25.56 -7.85 31.99
CA ARG C 15 -25.67 -8.28 30.59
C ARG C 15 -26.04 -7.10 29.69
N GLU C 16 -27.00 -6.28 30.13
CA GLU C 16 -27.43 -5.11 29.36
C GLU C 16 -26.30 -4.11 29.22
N ALA C 17 -25.55 -3.90 30.31
CA ALA C 17 -24.39 -3.00 30.33
C ALA C 17 -23.33 -3.42 29.32
N LEU C 18 -23.12 -4.73 29.22
CA LEU C 18 -22.14 -5.25 28.29
C LEU C 18 -22.55 -5.07 26.83
N ARG C 19 -23.84 -5.13 26.56
CA ARG C 19 -24.32 -4.81 25.23
C ARG C 19 -23.95 -3.37 24.82
N LEU C 20 -24.03 -2.44 25.78
CA LEU C 20 -23.56 -1.08 25.56
C LEU C 20 -22.02 -1.02 25.42
N SER C 21 -21.31 -1.87 26.13
CA SER C 21 -19.87 -1.91 25.98
C SER C 21 -19.51 -2.47 24.59
N GLU C 22 -20.22 -3.51 24.16
CA GLU C 22 -20.03 -4.10 22.84
C GLU C 22 -20.35 -3.10 21.72
N TYR C 23 -21.33 -2.23 21.96
CA TYR C 23 -21.74 -1.26 20.96
C TYR C 23 -20.73 -0.14 20.88
N ALA C 24 -20.68 0.66 21.95
CA ALA C 24 -19.79 1.81 22.04
C ALA C 24 -18.34 1.50 21.68
N PHE C 25 -17.87 0.30 21.99
CA PHE C 25 -16.45 -0.03 21.81
C PHE C 25 -16.16 -1.02 20.68
N GLN C 26 -17.23 -1.46 20.01
CA GLN C 26 -17.17 -2.22 18.76
C GLN C 26 -16.39 -3.53 18.90
N TYR C 27 -16.97 -4.49 19.61
CA TYR C 27 -16.38 -5.81 19.77
C TYR C 27 -17.45 -6.79 20.21
N LYS C 28 -17.25 -8.07 19.92
CA LYS C 28 -18.14 -9.12 20.39
C LYS C 28 -17.41 -10.01 21.40
N VAL C 29 -17.89 -10.01 22.65
CA VAL C 29 -17.38 -10.88 23.69
C VAL C 29 -17.87 -12.30 23.45
N ASP C 30 -17.01 -13.27 23.73
CA ASP C 30 -17.28 -14.69 23.47
C ASP C 30 -18.48 -15.25 24.24
N GLU C 31 -18.87 -16.47 23.89
CA GLU C 31 -19.86 -17.24 24.65
C GLU C 31 -19.41 -17.36 26.12
N ASP C 32 -18.38 -18.16 26.35
CA ASP C 32 -17.90 -18.47 27.71
C ASP C 32 -17.27 -17.27 28.41
N ARG C 33 -16.57 -16.43 27.66
CA ARG C 33 -15.83 -15.29 28.24
C ARG C 33 -16.75 -14.17 28.74
N LEU C 34 -18.03 -14.26 28.37
CA LEU C 34 -19.07 -13.33 28.85
C LEU C 34 -19.23 -13.39 30.37
N GLN C 35 -19.13 -14.60 30.92
CA GLN C 35 -19.29 -14.82 32.36
C GLN C 35 -18.14 -14.24 33.19
N GLN C 36 -16.95 -14.21 32.61
CA GLN C 36 -15.78 -13.62 33.28
C GLN C 36 -15.87 -12.11 33.39
N GLN C 37 -16.57 -11.48 32.45
CA GLN C 37 -16.87 -10.06 32.55
C GLN C 37 -17.87 -9.83 33.68
N ILE C 38 -18.92 -10.65 33.71
CA ILE C 38 -19.94 -10.55 34.76
C ILE C 38 -19.31 -10.72 36.12
N THR C 39 -18.47 -11.74 36.28
CA THR C 39 -17.78 -11.99 37.53
C THR C 39 -16.97 -10.77 37.95
N LYS C 40 -15.99 -10.41 37.13
CA LYS C 40 -15.14 -9.24 37.39
C LYS C 40 -15.94 -8.02 37.90
N MSE C 41 -17.03 -7.71 37.19
CA MSE C 41 -17.89 -6.59 37.54
C MSE C 41 -18.56 -6.77 38.92
O MSE C 41 -18.64 -5.80 39.68
CB MSE C 41 -18.95 -6.39 36.45
CG MSE C 41 -18.41 -5.77 35.16
SE MSE C 41 -19.67 -5.89 33.63
CE MSE C 41 -21.13 -4.75 34.26
N LYS C 42 -19.00 -7.98 39.23
CA LYS C 42 -19.50 -8.28 40.58
C LYS C 42 -18.42 -8.00 41.59
N GLU C 43 -17.24 -8.57 41.34
CA GLU C 43 -16.20 -8.71 42.33
C GLU C 43 -15.48 -7.42 42.67
N SER C 44 -15.29 -6.54 41.70
CA SER C 44 -14.37 -5.42 41.89
C SER C 44 -14.77 -4.14 41.16
N HIS C 45 -15.98 -4.12 40.62
CA HIS C 45 -16.49 -2.92 39.94
C HIS C 45 -17.71 -2.36 40.66
N GLU C 46 -17.85 -1.05 40.57
CA GLU C 46 -19.09 -0.41 40.96
C GLU C 46 -19.69 0.19 39.69
N VAL C 47 -20.67 -0.50 39.13
CA VAL C 47 -21.19 -0.12 37.83
C VAL C 47 -22.41 0.75 37.97
N TYR C 48 -22.30 1.99 37.48
CA TYR C 48 -23.37 2.98 37.58
C TYR C 48 -24.06 3.24 36.25
N GLY C 49 -25.34 3.57 36.32
CA GLY C 49 -26.12 3.84 35.12
C GLY C 49 -27.26 4.81 35.29
N ILE C 50 -27.72 5.34 34.17
CA ILE C 50 -28.98 6.08 34.09
C ILE C 50 -29.92 5.32 33.15
N MSE C 51 -31.20 5.29 33.49
CA MSE C 51 -32.22 4.69 32.62
C MSE C 51 -32.97 5.76 31.84
O MSE C 51 -33.28 6.82 32.37
CB MSE C 51 -33.22 3.87 33.44
CG MSE C 51 -32.61 2.99 34.53
SE MSE C 51 -31.49 1.58 33.79
CE MSE C 51 -32.90 0.44 33.05
N GLU C 52 -33.25 5.47 30.58
CA GLU C 52 -34.32 6.18 29.89
C GLU C 52 -35.38 5.15 29.65
N GLY C 53 -36.59 5.44 30.08
CA GLY C 53 -37.67 4.45 30.08
C GLY C 53 -37.23 3.18 30.80
N GLU C 54 -37.28 2.05 30.09
CA GLU C 54 -36.89 0.77 30.65
C GLU C 54 -35.46 0.42 30.29
N ASN C 55 -34.86 1.24 29.44
CA ASN C 55 -33.57 0.92 28.82
C ASN C 55 -32.39 1.58 29.49
N LEU C 56 -31.28 0.86 29.53
CA LEU C 56 -30.04 1.46 29.98
C LEU C 56 -29.55 2.40 28.90
N ALA C 57 -29.27 3.62 29.29
CA ALA C 57 -28.88 4.68 28.35
C ALA C 57 -27.40 4.92 28.39
N ALA C 58 -26.86 5.02 29.61
CA ALA C 58 -25.47 5.41 29.80
C ALA C 58 -24.88 4.68 30.99
N LYS C 59 -23.58 4.49 30.99
CA LYS C 59 -22.94 3.78 32.11
C LYS C 59 -21.55 4.32 32.43
N LEU C 60 -21.13 4.06 33.67
CA LEU C 60 -19.79 4.38 34.14
C LEU C 60 -19.38 3.35 35.18
N HIS C 61 -18.17 2.81 35.06
CA HIS C 61 -17.63 1.90 36.08
C HIS C 61 -16.67 2.69 36.93
N LEU C 62 -16.77 2.52 38.24
CA LEU C 62 -15.72 2.98 39.13
C LEU C 62 -15.04 1.73 39.66
N ILE C 63 -13.72 1.65 39.45
CA ILE C 63 -12.94 0.50 39.92
C ILE C 63 -12.07 0.86 41.14
N PRO C 64 -12.41 0.34 42.32
CA PRO C 64 -11.57 0.59 43.51
C PRO C 64 -10.10 0.23 43.30
N PHE C 65 -9.22 1.23 43.39
CA PHE C 65 -7.79 1.03 43.22
C PHE C 65 -6.97 1.64 44.35
N HIS C 66 -5.66 1.50 44.19
CA HIS C 66 -4.68 2.18 44.99
C HIS C 66 -3.52 2.43 44.03
N ILE C 67 -2.78 3.52 44.23
CA ILE C 67 -1.63 3.83 43.37
C ILE C 67 -0.43 4.24 44.20
N TYR C 68 0.75 4.18 43.58
CA TYR C 68 1.97 4.65 44.23
C TYR C 68 2.19 6.11 43.85
N ILE C 69 2.32 6.97 44.85
CA ILE C 69 2.94 8.27 44.67
C ILE C 69 4.16 8.24 45.56
N GLY C 70 5.28 7.84 44.99
CA GLY C 70 6.44 7.50 45.77
C GLY C 70 6.13 6.24 46.55
N LYS C 71 6.56 6.22 47.80
CA LYS C 71 6.32 5.06 48.65
C LYS C 71 4.92 5.07 49.23
N GLU C 72 4.27 6.22 49.13
CA GLU C 72 2.97 6.40 49.76
C GLU C 72 1.85 5.89 48.85
N LYS C 73 1.03 5.00 49.38
CA LYS C 73 -0.10 4.47 48.63
C LYS C 73 -1.30 5.38 48.80
N PHE C 74 -1.86 5.83 47.69
CA PHE C 74 -3.07 6.64 47.74
C PHE C 74 -4.21 5.79 47.27
N LYS C 75 -5.35 5.96 47.92
CA LYS C 75 -6.58 5.34 47.43
C LYS C 75 -6.99 6.01 46.09
N MSE C 76 -7.16 5.22 45.04
CA MSE C 76 -7.47 5.78 43.70
C MSE C 76 -8.77 5.25 43.09
O MSE C 76 -9.02 4.04 43.06
CB MSE C 76 -6.29 5.55 42.75
CG MSE C 76 -6.38 6.28 41.42
SE MSE C 76 -7.27 5.28 39.99
CE MSE C 76 -5.82 4.11 39.47
N GLY C 77 -9.61 6.15 42.59
CA GLY C 77 -10.84 5.74 41.93
C GLY C 77 -10.64 5.68 40.42
N GLY C 78 -10.62 4.47 39.86
CA GLY C 78 -10.38 4.34 38.43
C GLY C 78 -11.68 4.40 37.65
N VAL C 79 -11.81 5.39 36.79
CA VAL C 79 -13.00 5.50 35.93
C VAL C 79 -12.77 4.72 34.64
N ALA C 80 -13.64 3.74 34.38
CA ALA C 80 -13.51 2.90 33.21
C ALA C 80 -14.86 2.70 32.53
N GLY C 81 -14.81 2.21 31.30
CA GLY C 81 -16.00 1.85 30.52
C GLY C 81 -17.13 2.86 30.48
N VAL C 82 -16.80 4.15 30.38
CA VAL C 82 -17.80 5.21 30.22
C VAL C 82 -18.37 5.18 28.82
N ALA C 83 -19.70 5.11 28.72
CA ALA C 83 -20.35 5.00 27.42
C ALA C 83 -21.80 5.43 27.42
N THR C 84 -22.28 5.85 26.26
CA THR C 84 -23.69 6.09 26.10
C THR C 84 -24.09 5.60 24.72
N TYR C 85 -25.33 5.10 24.61
CA TYR C 85 -25.86 4.83 23.29
C TYR C 85 -26.11 6.20 22.65
N PRO C 86 -25.85 6.31 21.34
CA PRO C 86 -25.85 7.60 20.65
C PRO C 86 -27.19 8.32 20.61
N GLU C 87 -28.28 7.57 20.64
CA GLU C 87 -29.62 8.17 20.56
C GLU C 87 -29.99 8.90 21.85
N TYR C 88 -29.09 8.84 22.83
CA TYR C 88 -29.26 9.53 24.12
C TYR C 88 -28.23 10.64 24.38
N ARG C 89 -27.26 10.78 23.48
CA ARG C 89 -26.13 11.74 23.63
C ARG C 89 -26.58 13.20 23.90
N ARG C 90 -27.65 13.62 23.22
CA ARG C 90 -28.34 14.89 23.52
C ARG C 90 -28.65 15.11 25.01
N SER C 91 -28.98 14.03 25.72
CA SER C 91 -29.37 14.13 27.13
C SER C 91 -28.23 14.44 28.08
N GLY C 92 -26.98 14.37 27.60
CA GLY C 92 -25.82 14.55 28.45
C GLY C 92 -25.89 13.75 29.75
N TYR C 93 -26.00 12.43 29.63
CA TYR C 93 -26.05 11.56 30.80
C TYR C 93 -24.65 11.22 31.32
N VAL C 94 -23.65 11.23 30.43
CA VAL C 94 -22.29 10.94 30.88
C VAL C 94 -21.83 12.01 31.85
N LYS C 95 -22.18 13.26 31.59
CA LYS C 95 -21.91 14.33 32.54
C LYS C 95 -22.50 13.97 33.91
N GLU C 96 -23.81 13.67 33.94
CA GLU C 96 -24.51 13.32 35.19
C GLU C 96 -23.75 12.21 35.93
N LEU C 97 -23.29 11.21 35.18
CA LEU C 97 -22.55 10.07 35.73
C LEU C 97 -21.17 10.44 36.28
N LEU C 98 -20.44 11.29 35.57
CA LEU C 98 -19.14 11.76 36.04
C LEU C 98 -19.27 12.59 37.32
N GLN C 99 -20.24 13.51 37.34
CA GLN C 99 -20.53 14.27 38.55
C GLN C 99 -20.78 13.32 39.69
N HIS C 100 -21.64 12.33 39.45
CA HIS C 100 -21.99 11.36 40.47
C HIS C 100 -20.76 10.53 40.92
N SER C 101 -19.90 10.17 39.98
CA SER C 101 -18.73 9.40 40.34
C SER C 101 -17.81 10.20 41.26
N LEU C 102 -17.78 11.51 41.06
CA LEU C 102 -16.99 12.38 41.93
C LEU C 102 -17.50 12.42 43.36
N GLN C 103 -18.80 12.67 43.55
CA GLN C 103 -19.45 12.61 44.87
C GLN C 103 -19.13 11.31 45.62
N THR C 104 -19.22 10.18 44.91
CA THR C 104 -18.99 8.88 45.52
C THR C 104 -17.57 8.79 46.00
N MSE C 105 -16.66 9.14 45.12
CA MSE C 105 -15.24 9.11 45.41
C MSE C 105 -14.92 9.97 46.62
O MSE C 105 -14.16 9.57 47.52
CB MSE C 105 -14.44 9.50 44.17
CG MSE C 105 -14.38 8.39 43.13
SE MSE C 105 -13.17 8.79 41.66
CE MSE C 105 -14.43 9.51 40.34
N LYS C 106 -15.53 11.16 46.65
CA LYS C 106 -15.42 12.02 47.82
C LYS C 106 -15.85 11.26 49.09
N LYS C 107 -17.08 10.77 49.11
CA LYS C 107 -17.68 10.13 50.28
C LYS C 107 -16.94 8.88 50.73
N ASP C 108 -16.46 8.11 49.77
CA ASP C 108 -15.74 6.85 50.06
C ASP C 108 -14.27 7.08 50.46
N GLY C 109 -13.74 8.27 50.20
CA GLY C 109 -12.36 8.60 50.53
C GLY C 109 -11.32 8.39 49.42
N TYR C 110 -11.77 8.32 48.18
CA TYR C 110 -10.84 8.35 47.07
C TYR C 110 -10.36 9.77 46.95
N THR C 111 -9.05 9.93 46.87
CA THR C 111 -8.45 11.25 46.82
C THR C 111 -8.09 11.65 45.38
N VAL C 112 -7.84 10.64 44.55
CA VAL C 112 -7.39 10.81 43.17
C VAL C 112 -8.14 9.85 42.22
N SER C 113 -8.17 10.20 40.94
CA SER C 113 -8.90 9.41 39.93
C SER C 113 -8.10 9.30 38.65
N MSE C 114 -8.06 8.12 38.07
CA MSE C 114 -7.38 7.96 36.80
C MSE C 114 -8.24 7.22 35.79
O MSE C 114 -9.04 6.38 36.18
CB MSE C 114 -6.04 7.27 36.98
CG MSE C 114 -5.05 8.08 37.79
SE MSE C 114 -3.42 7.07 38.13
CE MSE C 114 -2.44 7.44 36.48
N LEU C 115 -8.05 7.54 34.52
CA LEU C 115 -8.80 6.91 33.43
C LEU C 115 -8.04 6.99 32.12
N HIS C 116 -8.44 6.15 31.17
CA HIS C 116 -7.90 6.21 29.83
C HIS C 116 -8.94 6.84 28.95
N PRO C 117 -8.61 7.98 28.32
CA PRO C 117 -9.60 8.73 27.56
C PRO C 117 -9.80 8.25 26.12
N PHE C 118 -11.07 8.13 25.70
CA PHE C 118 -11.35 7.96 24.28
C PHE C 118 -11.06 9.27 23.55
N ALA C 119 -11.21 10.38 24.28
CA ALA C 119 -10.95 11.73 23.78
C ALA C 119 -10.61 12.61 24.98
N VAL C 120 -9.42 13.20 24.92
CA VAL C 120 -8.90 13.99 26.02
C VAL C 120 -9.76 15.21 26.24
N SER C 121 -10.09 15.93 25.16
CA SER C 121 -10.79 17.20 25.25
C SER C 121 -12.09 17.08 26.05
N PHE C 122 -12.70 15.90 25.99
CA PHE C 122 -13.93 15.61 26.72
C PHE C 122 -13.72 15.63 28.24
N TYR C 123 -12.70 14.92 28.73
CA TYR C 123 -12.48 14.79 30.17
C TYR C 123 -11.86 16.03 30.81
N ARG C 124 -11.18 16.83 30.00
CA ARG C 124 -10.59 18.08 30.47
C ARG C 124 -11.66 19.03 30.98
N LYS C 125 -12.77 19.11 30.27
CA LYS C 125 -13.88 19.98 30.62
C LYS C 125 -14.36 19.74 32.04
N TYR C 126 -14.10 18.53 32.54
CA TYR C 126 -14.57 18.08 33.85
C TYR C 126 -13.42 17.90 34.87
N GLY C 127 -12.22 18.34 34.51
CA GLY C 127 -11.18 18.47 35.48
C GLY C 127 -10.03 17.50 35.40
N TRP C 128 -10.22 16.38 34.72
CA TRP C 128 -9.12 15.45 34.44
C TRP C 128 -8.12 16.11 33.52
N GLU C 129 -6.86 15.73 33.69
CA GLU C 129 -5.77 16.22 32.85
C GLU C 129 -4.84 15.05 32.50
N LEU C 130 -4.11 15.16 31.39
CA LEU C 130 -3.07 14.20 31.07
C LEU C 130 -2.08 14.13 32.22
N CYS C 131 -1.61 12.93 32.56
CA CYS C 131 -0.69 12.77 33.68
C CYS C 131 0.39 11.70 33.49
N ALA C 132 0.41 11.01 32.35
CA ALA C 132 1.41 9.97 32.11
C ALA C 132 1.62 9.69 30.62
N ASN C 133 2.88 9.53 30.21
CA ASN C 133 3.18 9.09 28.85
C ASN C 133 3.62 7.63 28.78
N LEU C 134 3.51 7.06 27.58
CA LEU C 134 4.17 5.80 27.27
C LEU C 134 5.18 6.05 26.17
N LEU C 135 6.28 5.31 26.21
CA LEU C 135 7.33 5.42 25.20
C LEU C 135 7.37 4.12 24.43
N VAL C 136 7.13 4.18 23.14
CA VAL C 136 7.12 2.98 22.31
C VAL C 136 8.20 3.10 21.26
N CYS C 137 9.02 2.08 21.16
CA CYS C 137 10.12 2.06 20.20
C CYS C 137 10.20 0.74 19.49
N HIS C 138 10.63 0.81 18.24
CA HIS C 138 10.65 -0.35 17.38
C HIS C 138 12.04 -0.53 16.85
N MSE C 139 12.50 -1.76 16.91
CA MSE C 139 13.81 -2.14 16.39
C MSE C 139 13.63 -3.26 15.37
O MSE C 139 12.55 -3.81 15.21
CB MSE C 139 14.71 -2.58 17.53
CG MSE C 139 15.35 -1.44 18.26
SE MSE C 139 15.08 -1.57 20.19
CE MSE C 139 13.14 -1.34 20.19
N THR C 140 14.73 -3.59 14.70
CA THR C 140 14.77 -4.66 13.72
C THR C 140 15.86 -5.67 14.09
N LYS C 141 15.93 -6.77 13.36
CA LYS C 141 16.93 -7.82 13.60
C LYS C 141 18.36 -7.28 13.84
N SER C 142 18.79 -6.35 13.00
CA SER C 142 20.15 -5.82 13.04
C SER C 142 20.45 -4.97 14.29
N ASP C 143 19.43 -4.80 15.12
CA ASP C 143 19.57 -4.01 16.35
C ASP C 143 19.89 -4.90 17.53
N LEU C 144 19.53 -6.17 17.40
CA LEU C 144 19.74 -7.14 18.47
C LEU C 144 21.20 -7.57 18.56
N VAL C 145 22.04 -6.62 18.90
CA VAL C 145 23.47 -6.84 19.11
C VAL C 145 23.77 -7.09 20.61
N MSE C 146 24.37 -8.25 20.87
CA MSE C 146 24.71 -8.70 22.22
C MSE C 146 25.57 -7.69 22.96
O MSE C 146 26.48 -7.10 22.41
CB MSE C 146 25.48 -10.02 22.14
CG MSE C 146 24.65 -11.22 21.70
SE MSE C 146 23.65 -11.96 23.21
CE MSE C 146 25.16 -12.60 24.30
N LYS C 147 25.28 -7.49 24.24
CA LYS C 147 26.16 -6.71 25.10
C LYS C 147 27.18 -7.64 25.73
N LYS C 148 28.02 -7.12 26.62
CA LYS C 148 28.92 -7.98 27.38
C LYS C 148 28.09 -8.92 28.26
N GLN C 149 28.61 -10.13 28.44
CA GLN C 149 27.93 -11.20 29.15
C GLN C 149 27.86 -10.93 30.66
N VAL C 150 26.71 -11.24 31.27
CA VAL C 150 26.57 -11.14 32.72
C VAL C 150 26.41 -12.51 33.38
N ASN C 151 26.83 -12.59 34.65
CA ASN C 151 26.84 -13.84 35.42
C ASN C 151 25.46 -14.43 35.77
N GLY C 152 24.41 -13.62 35.72
CA GLY C 152 23.08 -14.07 36.13
C GLY C 152 22.31 -14.87 35.09
N THR C 153 21.15 -15.39 35.47
CA THR C 153 20.31 -16.16 34.55
C THR C 153 18.88 -15.66 34.45
N VAL C 154 18.19 -16.09 33.38
CA VAL C 154 16.80 -15.71 33.12
C VAL C 154 15.88 -16.92 33.14
N LYS C 155 14.76 -16.83 33.85
CA LYS C 155 13.72 -17.88 33.84
C LYS C 155 12.36 -17.37 33.28
N ARG C 156 11.67 -18.23 32.52
CA ARG C 156 10.36 -17.89 31.93
C ARG C 156 9.22 -18.39 32.82
N PHE C 157 8.14 -17.62 32.87
CA PHE C 157 7.00 -17.96 33.71
C PHE C 157 5.71 -17.67 32.96
N ASN C 158 4.62 -18.30 33.36
CA ASN C 158 3.30 -17.94 32.83
C ASN C 158 2.28 -17.73 33.96
N LYS C 159 1.05 -17.36 33.61
CA LYS C 159 -0.04 -17.16 34.56
C LYS C 159 -0.05 -18.20 35.70
N GLU C 160 0.04 -19.47 35.32
CA GLU C 160 -0.03 -20.60 36.25
C GLU C 160 1.26 -20.80 37.06
N SER C 161 2.37 -20.24 36.60
CA SER C 161 3.63 -20.40 37.29
C SER C 161 3.98 -19.13 38.06
N HIS C 162 3.01 -18.20 38.14
CA HIS C 162 3.22 -16.88 38.75
C HIS C 162 4.17 -16.93 39.96
N PRO C 163 5.31 -16.21 39.90
CA PRO C 163 6.27 -16.22 40.99
C PRO C 163 6.06 -15.05 41.94
N GLU C 164 6.08 -15.29 43.24
CA GLU C 164 5.80 -14.20 44.17
C GLU C 164 6.80 -13.04 44.01
N GLU C 165 8.06 -13.37 43.77
CA GLU C 165 9.15 -12.38 43.64
C GLU C 165 8.99 -11.28 42.56
N VAL C 166 8.23 -11.53 41.50
CA VAL C 166 7.94 -10.45 40.54
C VAL C 166 7.17 -9.33 41.23
N GLU C 167 6.32 -9.69 42.18
CA GLU C 167 5.49 -8.71 42.85
C GLU C 167 6.33 -7.64 43.57
N LYS C 168 7.40 -8.07 44.23
CA LYS C 168 8.32 -7.16 44.92
C LYS C 168 9.12 -6.36 43.89
N LEU C 169 9.50 -7.01 42.80
CA LEU C 169 10.21 -6.30 41.74
C LEU C 169 9.35 -5.15 41.26
N TYR C 170 8.13 -5.45 40.84
CA TYR C 170 7.23 -4.40 40.40
C TYR C 170 7.16 -3.27 41.44
N GLU C 171 7.02 -3.62 42.72
CA GLU C 171 6.84 -2.60 43.74
C GLU C 171 8.02 -1.64 43.80
N THR C 172 9.23 -2.18 43.75
CA THR C 172 10.44 -1.36 43.83
C THR C 172 10.50 -0.36 42.68
N PHE C 173 10.18 -0.84 41.48
CA PHE C 173 10.06 0.01 40.30
C PHE C 173 8.96 1.06 40.55
N ALA C 174 7.74 0.59 40.81
CA ALA C 174 6.57 1.43 40.98
C ALA C 174 6.81 2.62 41.90
N GLU C 175 7.62 2.40 42.93
CA GLU C 175 7.85 3.38 44.01
C GLU C 175 8.71 4.55 43.58
N LEU C 176 9.44 4.38 42.50
CA LEU C 176 10.21 5.48 41.91
C LEU C 176 9.35 6.52 41.17
N PHE C 177 8.08 6.18 40.92
CA PHE C 177 7.21 7.01 40.09
C PHE C 177 6.03 7.60 40.82
N SER C 178 5.17 8.29 40.07
CA SER C 178 3.83 8.60 40.53
C SER C 178 2.79 8.09 39.53
N GLY C 179 1.78 7.39 40.03
CA GLY C 179 0.67 6.95 39.21
C GLY C 179 0.61 5.47 38.97
N MSE C 180 1.68 4.74 39.28
CA MSE C 180 1.67 3.29 39.14
C MSE C 180 0.59 2.65 40.02
O MSE C 180 0.43 3.02 41.18
CB MSE C 180 3.04 2.69 39.45
CG MSE C 180 4.16 3.22 38.59
SE MSE C 180 4.20 2.43 36.82
CE MSE C 180 5.28 0.85 37.16
N LEU C 181 -0.13 1.67 39.46
CA LEU C 181 -1.11 0.88 40.18
C LEU C 181 -0.48 -0.01 41.25
N VAL C 182 -1.11 -0.10 42.41
CA VAL C 182 -0.72 -1.13 43.37
C VAL C 182 -1.30 -2.44 42.84
N ARG C 183 -0.47 -3.48 42.73
CA ARG C 183 -0.88 -4.74 42.08
C ARG C 183 -0.93 -5.88 43.07
N ASN C 184 -2.12 -6.34 43.43
CA ASN C 184 -2.17 -7.55 44.24
C ASN C 184 -2.05 -8.78 43.34
N GLU C 185 -1.94 -9.95 43.96
CA GLU C 185 -1.79 -11.19 43.21
C GLU C 185 -2.92 -11.40 42.20
N LYS C 186 -4.14 -11.06 42.62
CA LYS C 186 -5.33 -11.22 41.82
C LYS C 186 -5.27 -10.35 40.55
N TRP C 187 -4.91 -9.07 40.71
CA TRP C 187 -4.74 -8.19 39.56
C TRP C 187 -3.72 -8.81 38.60
N TRP C 188 -2.59 -9.27 39.13
CA TRP C 188 -1.56 -9.86 38.28
C TRP C 188 -2.18 -10.90 37.35
N LEU C 189 -2.89 -11.86 37.95
CA LEU C 189 -3.41 -13.01 37.22
C LEU C 189 -4.50 -12.64 36.22
N GLN C 190 -5.35 -11.70 36.60
CA GLN C 190 -6.57 -11.48 35.87
C GLN C 190 -6.50 -10.32 34.89
N ALA C 191 -5.47 -9.51 34.96
CA ALA C 191 -5.36 -8.33 34.10
C ALA C 191 -3.99 -8.14 33.48
N VAL C 192 -2.92 -8.51 34.19
CA VAL C 192 -1.57 -8.25 33.71
C VAL C 192 -1.10 -9.32 32.72
N TYR C 193 -1.27 -10.59 33.09
CA TYR C 193 -0.76 -11.70 32.27
C TYR C 193 -1.31 -11.75 30.86
N ASP C 194 -2.63 -11.80 30.72
CA ASP C 194 -3.24 -11.93 29.40
C ASP C 194 -2.68 -13.15 28.66
N ASP C 195 -2.01 -12.87 27.56
CA ASP C 195 -1.39 -13.86 26.69
C ASP C 195 0.15 -13.74 26.73
N LEU C 196 0.65 -13.01 27.73
CA LEU C 196 2.06 -12.65 27.77
C LEU C 196 2.90 -13.67 28.49
N THR C 197 4.22 -13.56 28.34
CA THR C 197 5.13 -14.44 29.03
C THR C 197 5.98 -13.60 29.93
N LEU C 198 6.11 -14.04 31.18
CA LEU C 198 6.99 -13.37 32.13
C LEU C 198 8.39 -13.97 32.08
N ALA C 199 9.39 -13.12 31.91
CA ALA C 199 10.78 -13.52 32.08
C ALA C 199 11.40 -12.74 33.23
N ILE C 200 12.18 -13.40 34.08
CA ILE C 200 12.88 -12.73 35.18
C ILE C 200 14.40 -12.94 35.11
N TYR C 201 15.15 -11.86 35.36
CA TYR C 201 16.60 -11.95 35.47
C TYR C 201 16.98 -12.13 36.93
N TYR C 202 17.81 -13.14 37.19
CA TYR C 202 18.39 -13.35 38.53
C TYR C 202 19.89 -13.13 38.49
N ASP C 203 20.43 -12.45 39.51
CA ASP C 203 21.87 -12.16 39.54
C ASP C 203 22.74 -13.30 40.09
N GLU C 204 24.05 -13.04 40.14
CA GLU C 204 25.03 -13.94 40.74
C GLU C 204 24.51 -14.72 41.94
N ASN C 205 23.75 -14.03 42.80
CA ASN C 205 23.24 -14.59 44.05
C ASN C 205 21.88 -15.25 43.90
N GLN C 206 21.37 -15.28 42.66
CA GLN C 206 20.03 -15.79 42.35
C GLN C 206 18.94 -14.96 43.00
N THR C 207 19.20 -13.66 43.12
CA THR C 207 18.24 -12.67 43.58
C THR C 207 17.62 -12.04 42.34
N ALA C 208 16.29 -11.99 42.31
CA ALA C 208 15.58 -11.36 41.20
C ALA C 208 16.01 -9.92 41.12
N ALA C 209 16.27 -9.44 39.90
CA ALA C 209 16.72 -8.05 39.69
C ALA C 209 15.87 -7.32 38.68
N GLY C 210 15.17 -8.05 37.82
CA GLY C 210 14.35 -7.42 36.79
C GLY C 210 13.42 -8.41 36.12
N TYR C 211 12.44 -7.89 35.39
CA TYR C 211 11.51 -8.73 34.68
C TYR C 211 11.04 -8.09 33.37
N MSE C 212 10.53 -8.92 32.45
CA MSE C 212 9.82 -8.44 31.27
C MSE C 212 8.55 -9.24 30.98
O MSE C 212 8.44 -10.42 31.35
CB MSE C 212 10.72 -8.38 30.05
CG MSE C 212 11.56 -9.63 29.82
SE MSE C 212 12.78 -9.41 28.30
CE MSE C 212 11.51 -9.54 26.83
N LEU C 213 7.61 -8.59 30.33
CA LEU C 213 6.42 -9.26 29.81
C LEU C 213 6.37 -9.10 28.31
N TYR C 214 6.34 -10.21 27.58
CA TYR C 214 6.45 -10.18 26.13
C TYR C 214 5.64 -11.31 25.47
N LYS C 215 5.40 -11.16 24.17
CA LYS C 215 4.79 -12.20 23.36
C LYS C 215 5.47 -12.18 22.00
N ILE C 216 5.60 -13.35 21.37
CA ILE C 216 6.22 -13.39 20.07
C ILE C 216 5.21 -13.98 19.11
N GLU C 217 4.91 -13.23 18.05
CA GLU C 217 4.02 -13.74 17.04
C GLU C 217 4.26 -13.13 15.67
N ASN C 218 4.26 -14.02 14.68
CA ASN C 218 4.53 -13.66 13.30
C ASN C 218 5.77 -12.77 13.19
N TYR C 219 6.83 -13.27 13.83
CA TYR C 219 8.18 -12.68 13.81
C TYR C 219 8.27 -11.30 14.45
N LYS C 220 7.34 -10.99 15.33
CA LYS C 220 7.43 -9.75 16.08
C LYS C 220 7.32 -10.04 17.55
N MSE C 221 8.39 -9.72 18.27
CA MSE C 221 8.33 -9.71 19.71
C MSE C 221 7.77 -8.36 20.17
O MSE C 221 8.30 -7.29 19.81
CB MSE C 221 9.68 -10.00 20.35
CG MSE C 221 9.62 -9.96 21.87
SE MSE C 221 11.38 -10.20 22.67
CE MSE C 221 11.56 -12.11 22.52
N THR C 222 6.70 -8.42 20.95
CA THR C 222 6.16 -7.24 21.60
C THR C 222 6.48 -7.40 23.08
N VAL C 223 7.27 -6.45 23.60
CA VAL C 223 7.58 -6.36 25.02
C VAL C 223 6.72 -5.25 25.63
N GLU C 224 5.83 -5.64 26.54
CA GLU C 224 4.85 -4.71 27.06
C GLU C 224 5.26 -4.10 28.39
N GLU C 225 6.10 -4.80 29.13
CA GLU C 225 6.70 -4.26 30.33
C GLU C 225 8.16 -4.66 30.38
N PHE C 226 9.03 -3.68 30.56
CA PHE C 226 10.47 -3.93 30.67
C PHE C 226 10.94 -3.26 31.95
N VAL C 227 11.38 -4.05 32.93
CA VAL C 227 11.58 -3.52 34.28
C VAL C 227 12.86 -4.03 34.94
N PRO C 228 14.01 -3.49 34.53
CA PRO C 228 15.27 -3.83 35.16
C PRO C 228 15.55 -2.94 36.36
N LEU C 229 15.87 -3.52 37.51
CA LEU C 229 16.18 -2.66 38.66
C LEU C 229 17.56 -2.02 38.56
N HIS C 230 18.53 -2.73 37.97
CA HIS C 230 19.86 -2.18 37.74
C HIS C 230 20.40 -2.58 36.39
N ASN C 231 21.59 -2.09 36.05
CA ASN C 231 22.12 -2.25 34.70
C ASN C 231 22.44 -3.70 34.33
N GLU C 232 22.92 -4.48 35.29
CA GLU C 232 23.16 -5.90 35.09
C GLU C 232 21.87 -6.56 34.61
N ALA C 233 20.76 -6.24 35.27
CA ALA C 233 19.43 -6.74 34.88
C ALA C 233 19.05 -6.27 33.49
N ARG C 234 19.25 -4.97 33.24
CA ARG C 234 19.01 -4.40 31.90
C ARG C 234 19.73 -5.24 30.86
N ASN C 235 21.04 -5.33 31.01
CA ASN C 235 21.88 -6.15 30.12
C ASN C 235 21.44 -7.61 29.98
N GLY C 236 21.18 -8.25 31.11
CA GLY C 236 20.77 -9.66 31.16
C GLY C 236 19.50 -9.86 30.38
N LEU C 237 18.49 -9.05 30.70
CA LEU C 237 17.22 -9.07 29.95
C LEU C 237 17.43 -8.80 28.46
N TRP C 238 18.23 -7.78 28.16
CA TRP C 238 18.55 -7.48 26.77
C TRP C 238 19.26 -8.62 26.06
N ASN C 239 20.23 -9.26 26.71
CA ASN C 239 20.89 -10.42 26.08
C ASN C 239 19.90 -11.54 25.73
N PHE C 240 18.93 -11.77 26.62
CA PHE C 240 17.83 -12.71 26.44
C PHE C 240 16.95 -12.36 25.22
N ILE C 241 16.70 -11.08 25.04
CA ILE C 241 16.01 -10.62 23.86
C ILE C 241 16.85 -10.96 22.62
N CYS C 242 18.16 -10.75 22.69
CA CYS C 242 19.04 -11.03 21.54
C CYS C 242 19.13 -12.51 21.16
N GLN C 243 19.00 -13.41 22.13
CA GLN C 243 19.00 -14.86 21.84
C GLN C 243 17.81 -15.27 20.97
N HIS C 244 16.77 -14.43 20.95
CA HIS C 244 15.62 -14.59 20.05
C HIS C 244 15.87 -14.06 18.65
N ASP C 245 17.11 -13.70 18.33
CA ASP C 245 17.43 -13.04 17.04
C ASP C 245 17.07 -13.84 15.77
N SER C 246 17.14 -15.17 15.84
CA SER C 246 16.79 -16.00 14.69
C SER C 246 15.28 -16.18 14.56
N MSE C 247 14.54 -15.59 15.50
CA MSE C 247 13.09 -15.74 15.59
C MSE C 247 12.32 -14.48 15.21
O MSE C 247 11.14 -14.56 14.89
CB MSE C 247 12.67 -16.09 17.02
CG MSE C 247 12.78 -17.54 17.39
SE MSE C 247 11.83 -17.76 19.09
CE MSE C 247 13.31 -18.59 20.06
N ILE C 248 12.98 -13.33 15.28
CA ILE C 248 12.25 -12.08 15.06
C ILE C 248 12.83 -11.13 14.02
N LYS C 249 11.92 -10.44 13.35
CA LYS C 249 12.27 -9.45 12.36
C LYS C 249 11.94 -8.07 12.91
N ASP C 250 11.04 -8.01 13.88
CA ASP C 250 10.65 -6.74 14.52
C ASP C 250 10.51 -6.87 16.03
N LEU C 251 10.98 -5.85 16.75
CA LEU C 251 10.92 -5.80 18.21
C LEU C 251 10.24 -4.52 18.70
N GLU C 252 9.14 -4.65 19.43
CA GLU C 252 8.46 -3.47 19.99
C GLU C 252 8.55 -3.47 21.51
N MSE C 253 8.86 -2.31 22.07
CA MSE C 253 9.02 -2.17 23.50
C MSE C 253 8.33 -0.95 24.03
O MSE C 253 8.48 0.15 23.48
CB MSE C 253 10.50 -2.09 23.84
CG MSE C 253 11.25 -3.38 23.67
SE MSE C 253 12.99 -3.23 24.52
CE MSE C 253 13.88 -2.18 23.17
N THR C 254 7.55 -1.14 25.10
CA THR C 254 6.94 -0.03 25.82
C THR C 254 7.66 0.18 27.16
N VAL C 255 8.20 1.39 27.33
CA VAL C 255 9.01 1.72 28.50
C VAL C 255 8.65 3.11 29.05
N SER C 256 9.28 3.51 30.15
CA SER C 256 9.06 4.86 30.69
C SER C 256 9.99 5.84 29.99
N GLU C 257 9.51 7.08 29.79
CA GLU C 257 10.32 8.14 29.18
C GLU C 257 11.79 8.10 29.64
N ASN C 258 12.00 7.62 30.86
CA ASN C 258 13.31 7.66 31.50
C ASN C 258 14.16 6.41 31.33
N GLU C 259 13.67 5.44 30.57
CA GLU C 259 14.42 4.21 30.32
C GLU C 259 15.55 4.48 29.30
N PRO C 260 16.81 4.43 29.77
CA PRO C 260 17.97 4.78 28.97
C PRO C 260 18.41 3.73 27.93
N LEU C 261 17.93 2.51 28.03
CA LEU C 261 18.30 1.42 27.10
C LEU C 261 18.68 1.82 25.66
N LEU C 262 17.87 2.65 25.03
CA LEU C 262 18.15 3.04 23.64
C LEU C 262 19.53 3.69 23.46
N TYR C 263 19.93 4.55 24.41
CA TYR C 263 21.24 5.16 24.38
C TYR C 263 22.37 4.13 24.20
N THR C 264 22.11 2.91 24.66
CA THR C 264 23.15 1.88 24.67
C THR C 264 23.28 1.11 23.38
N LEU C 265 22.33 1.28 22.47
CA LEU C 265 22.35 0.50 21.23
C LEU C 265 23.51 0.92 20.33
N GLN C 266 23.82 0.08 19.34
CA GLN C 266 24.81 0.44 18.30
C GLN C 266 24.37 1.66 17.50
N GLU C 267 23.09 1.66 17.09
CA GLU C 267 22.50 2.77 16.36
C GLU C 267 21.25 3.25 17.09
N PRO C 268 21.41 4.18 18.06
CA PRO C 268 20.29 4.57 18.91
C PRO C 268 19.20 5.33 18.19
N ARG C 269 19.42 5.68 16.92
CA ARG C 269 18.40 6.37 16.12
C ARG C 269 17.36 5.41 15.53
N VAL C 270 16.65 4.69 16.39
CA VAL C 270 15.52 3.86 16.00
C VAL C 270 14.19 4.62 16.16
N LYS C 271 13.16 4.17 15.46
CA LYS C 271 11.80 4.68 15.61
C LYS C 271 11.34 4.64 17.09
N THR C 272 11.04 5.81 17.64
CA THR C 272 10.73 5.97 19.06
C THR C 272 9.79 7.14 19.28
N GLU C 273 8.60 6.86 19.80
CA GLU C 273 7.57 7.90 19.98
C GLU C 273 7.11 7.99 21.44
N ILE C 274 6.94 9.21 21.94
CA ILE C 274 6.24 9.38 23.21
C ILE C 274 4.77 9.61 22.94
N LYS C 275 3.96 8.85 23.66
CA LYS C 275 2.52 8.88 23.51
C LYS C 275 1.92 9.31 24.86
N PRO C 276 1.17 10.42 24.86
CA PRO C 276 0.30 10.65 26.01
C PRO C 276 -0.72 9.52 26.10
N TYR C 277 -0.88 9.00 27.32
CA TYR C 277 -1.53 7.73 27.58
C TYR C 277 -2.69 7.84 28.56
N PHE C 278 -2.39 8.28 29.77
CA PHE C 278 -3.38 8.30 30.83
C PHE C 278 -3.67 9.67 31.40
N MSE C 279 -4.83 9.78 32.05
CA MSE C 279 -5.32 11.01 32.64
C MSE C 279 -5.58 10.83 34.13
O MSE C 279 -5.98 9.77 34.57
CB MSE C 279 -6.58 11.49 31.91
CG MSE C 279 -6.31 12.14 30.57
SE MSE C 279 -7.90 12.84 29.65
CE MSE C 279 -7.96 14.65 30.34
N GLY C 280 -5.34 11.88 34.90
CA GLY C 280 -5.62 11.88 36.33
C GLY C 280 -6.34 13.12 36.77
N ARG C 281 -7.00 13.04 37.92
CA ARG C 281 -7.72 14.16 38.52
C ARG C 281 -7.64 14.06 40.03
N ILE C 282 -7.28 15.14 40.70
CA ILE C 282 -7.42 15.20 42.15
C ILE C 282 -8.89 15.40 42.49
N VAL C 283 -9.47 14.43 43.20
CA VAL C 283 -10.88 14.43 43.58
C VAL C 283 -11.15 15.38 44.76
N ASP C 284 -10.38 15.21 45.84
CA ASP C 284 -10.54 16.03 47.06
C ASP C 284 -9.19 16.61 47.44
N VAL C 285 -9.00 17.88 47.10
CA VAL C 285 -7.71 18.54 47.32
C VAL C 285 -7.27 18.52 48.79
N GLU C 286 -8.20 18.88 49.68
CA GLU C 286 -7.93 18.96 51.11
C GLU C 286 -7.44 17.61 51.65
N GLN C 287 -8.11 16.55 51.25
CA GLN C 287 -7.80 15.21 51.74
C GLN C 287 -6.57 14.59 51.06
N PHE C 288 -6.35 14.94 49.79
CA PHE C 288 -5.18 14.49 49.01
C PHE C 288 -3.90 15.09 49.58
N LEU C 289 -3.95 16.39 49.85
CA LEU C 289 -2.81 17.11 50.38
C LEU C 289 -2.35 16.65 51.76
N LYS C 290 -3.24 15.99 52.50
CA LYS C 290 -2.91 15.46 53.83
C LYS C 290 -1.92 14.29 53.78
N GLN C 291 -1.77 13.72 52.58
CA GLN C 291 -0.91 12.56 52.36
C GLN C 291 0.29 12.90 51.50
N TYR C 292 0.15 13.96 50.73
CA TYR C 292 1.12 14.32 49.73
C TYR C 292 2.34 14.99 50.33
N GLU C 293 3.47 14.30 50.34
CA GLU C 293 4.71 14.89 50.87
C GLU C 293 5.35 15.84 49.85
N LEU C 294 5.88 16.97 50.35
CA LEU C 294 6.49 18.00 49.50
C LEU C 294 7.99 18.19 49.75
N ASN C 295 8.56 19.21 49.09
CA ASN C 295 9.99 19.47 49.15
C ASN C 295 10.27 20.81 49.84
N TRP C 296 10.93 20.76 50.99
CA TRP C 296 11.15 21.98 51.76
C TRP C 296 12.64 22.34 51.84
N ASN C 297 13.38 22.05 50.77
CA ASN C 297 14.83 22.30 50.70
C ASN C 297 15.17 23.79 50.65
N GLN C 301 9.16 32.38 49.63
CA GLN C 301 9.05 31.13 50.39
C GLN C 301 7.60 30.73 50.72
N GLU C 302 6.68 31.70 50.71
CA GLU C 302 5.25 31.43 50.98
C GLU C 302 4.49 30.90 49.76
N VAL C 303 3.77 29.79 49.93
CA VAL C 303 3.07 29.12 48.81
C VAL C 303 1.54 28.97 49.01
N ILE C 304 0.80 29.94 48.46
CA ILE C 304 -0.66 29.95 48.58
C ILE C 304 -1.31 29.80 47.20
N LEU C 305 -2.28 28.88 47.12
CA LEU C 305 -2.92 28.48 45.87
C LEU C 305 -4.44 28.72 45.85
N HIS C 306 -4.91 29.57 44.94
CA HIS C 306 -6.34 29.73 44.69
C HIS C 306 -6.80 28.74 43.63
N ILE C 307 -7.50 27.69 44.07
CA ILE C 307 -7.94 26.64 43.17
C ILE C 307 -9.40 26.79 42.72
N THR C 308 -9.60 26.71 41.41
CA THR C 308 -10.92 26.64 40.79
C THR C 308 -11.19 25.22 40.31
N ASP C 309 -12.44 24.79 40.49
CA ASP C 309 -12.91 23.49 40.02
C ASP C 309 -14.37 23.65 39.68
N SER C 310 -14.64 23.93 38.40
CA SER C 310 -16.00 24.25 37.94
C SER C 310 -16.96 23.05 37.97
N PHE C 311 -16.41 21.87 38.22
CA PHE C 311 -17.21 20.64 38.21
C PHE C 311 -17.34 19.95 39.58
N ALA C 312 -16.28 19.97 40.39
CA ALA C 312 -16.38 19.51 41.77
C ALA C 312 -16.34 20.72 42.71
N GLN C 313 -17.51 21.14 43.19
CA GLN C 313 -17.66 22.38 43.94
C GLN C 313 -16.76 22.50 45.19
N TRP C 314 -16.69 21.42 45.97
CA TRP C 314 -15.86 21.38 47.19
C TRP C 314 -14.36 21.62 46.95
N ASN C 315 -13.93 21.74 45.69
CA ASN C 315 -12.52 22.03 45.42
C ASN C 315 -12.20 23.51 45.13
N ASN C 316 -13.21 24.36 45.17
CA ASN C 316 -12.98 25.80 45.03
C ASN C 316 -12.51 26.39 46.34
N ILE C 317 -11.24 26.17 46.64
CA ILE C 317 -10.61 26.58 47.91
C ILE C 317 -9.27 27.20 47.66
N THR C 318 -8.80 27.94 48.63
CA THR C 318 -7.45 28.47 48.65
C THR C 318 -6.65 27.69 49.70
N VAL C 319 -5.54 27.12 49.28
CA VAL C 319 -4.70 26.35 50.19
C VAL C 319 -3.50 27.16 50.67
N ARG C 320 -3.26 27.12 51.99
CA ARG C 320 -2.03 27.65 52.57
C ARG C 320 -1.03 26.51 52.77
N ILE C 321 0.08 26.59 52.05
CA ILE C 321 1.18 25.65 52.23
C ILE C 321 2.49 26.41 52.46
N ALA C 322 2.97 26.28 53.69
CA ALA C 322 4.16 26.98 54.17
C ALA C 322 4.39 26.52 55.62
N ASN C 323 5.54 26.91 56.18
CA ASN C 323 6.00 26.47 57.52
C ASN C 323 5.90 24.95 57.74
N HIS C 324 6.27 24.19 56.70
CA HIS C 324 6.09 22.73 56.68
C HIS C 324 4.68 22.31 57.15
N GLU C 325 3.65 22.92 56.56
CA GLU C 325 2.26 22.75 57.05
C GLU C 325 1.19 23.00 55.98
N ILE C 326 0.01 22.43 56.24
CA ILE C 326 -1.16 22.47 55.34
C ILE C 326 -2.43 23.04 56.02
N THR C 327 -2.85 24.22 55.55
CA THR C 327 -4.09 24.85 56.03
C THR C 327 -4.91 25.42 54.89
N ILE C 328 -6.15 25.79 55.22
CA ILE C 328 -7.11 26.29 54.25
C ILE C 328 -7.60 27.68 54.66
N ILE C 329 -7.41 28.64 53.77
CA ILE C 329 -7.76 30.03 54.06
C ILE C 329 -9.17 30.39 53.58
N GLU C 330 -10.08 30.46 54.55
CA GLU C 330 -11.45 30.93 54.36
C GLU C 330 -11.50 32.41 53.98
N GLU C 331 -10.52 33.17 54.45
CA GLU C 331 -10.46 34.63 54.26
C GLU C 331 -10.04 35.02 52.83
N PRO C 332 -10.73 36.02 52.24
CA PRO C 332 -10.37 36.48 50.89
C PRO C 332 -9.04 37.25 50.85
N ILE C 333 -8.23 36.96 49.84
CA ILE C 333 -7.00 37.70 49.54
C ILE C 333 -6.62 37.38 48.11
N ASP C 334 -6.34 38.40 47.30
CA ASP C 334 -6.02 38.14 45.88
C ASP C 334 -4.55 37.75 45.63
N LYS C 335 -3.67 38.03 46.60
CA LYS C 335 -2.27 37.59 46.55
C LYS C 335 -2.18 36.07 46.38
N GLY C 336 -1.38 35.62 45.42
CA GLY C 336 -1.13 34.18 45.27
C GLY C 336 -1.32 33.59 43.89
N ILE C 337 -1.21 32.27 43.80
CA ILE C 337 -1.29 31.56 42.54
C ILE C 337 -2.72 31.11 42.22
N LYS C 338 -3.25 31.58 41.09
CA LYS C 338 -4.53 31.11 40.58
C LYS C 338 -4.29 29.95 39.59
N LEU C 339 -4.91 28.81 39.85
CA LEU C 339 -4.86 27.64 38.95
C LEU C 339 -6.17 26.82 39.03
N ASP C 340 -6.48 26.07 37.97
CA ASP C 340 -7.63 25.16 38.03
C ASP C 340 -7.23 23.75 38.45
N ILE C 341 -8.24 22.87 38.56
CA ILE C 341 -8.02 21.49 38.98
C ILE C 341 -7.19 20.65 37.99
N ASN C 342 -7.29 20.96 36.70
CA ASN C 342 -6.48 20.27 35.70
C ASN C 342 -5.01 20.64 35.90
N ALA C 343 -4.77 21.91 36.18
CA ALA C 343 -3.43 22.41 36.42
C ALA C 343 -2.84 21.84 37.71
N LEU C 344 -3.60 21.91 38.81
CA LEU C 344 -3.14 21.31 40.05
C LEU C 344 -2.89 19.83 39.86
N SER C 345 -3.84 19.15 39.22
CA SER C 345 -3.74 17.71 39.00
C SER C 345 -2.49 17.32 38.22
N THR C 346 -2.23 17.98 37.09
CA THR C 346 -1.07 17.61 36.27
C THR C 346 0.27 17.94 36.92
N ILE C 347 0.28 19.03 37.69
CA ILE C 347 1.47 19.47 38.39
C ILE C 347 1.83 18.47 39.47
N LEU C 348 0.81 18.00 40.19
CA LEU C 348 1.03 17.17 41.38
C LEU C 348 1.41 15.74 41.05
N PHE C 349 0.97 15.27 39.89
CA PHE C 349 1.46 14.02 39.34
C PHE C 349 2.91 14.15 38.85
N GLY C 350 3.33 15.38 38.53
CA GLY C 350 4.67 15.62 38.00
C GLY C 350 4.72 15.50 36.49
N TYR C 351 3.57 15.68 35.84
CA TYR C 351 3.51 15.59 34.40
C TYR C 351 4.00 16.89 33.72
N ARG C 352 3.43 18.02 34.13
CA ARG C 352 3.88 19.31 33.64
C ARG C 352 4.30 20.19 34.82
N ARG C 353 5.54 20.66 34.83
CA ARG C 353 6.03 21.52 35.91
C ARG C 353 5.24 22.84 36.00
N PRO C 354 5.19 23.44 37.20
CA PRO C 354 4.63 24.80 37.39
C PRO C 354 5.23 25.83 36.42
N LEU C 355 6.55 25.84 36.31
CA LEU C 355 7.28 26.66 35.34
C LEU C 355 6.73 26.54 33.92
N GLU C 356 6.40 25.33 33.48
CA GLU C 356 5.87 25.16 32.12
C GLU C 356 4.52 25.80 32.05
N LEU C 357 3.63 25.36 32.95
CA LEU C 357 2.26 25.84 32.97
C LEU C 357 2.14 27.36 33.13
N ASN C 358 3.13 27.97 33.79
CA ASN C 358 3.24 29.42 33.79
C ASN C 358 3.55 29.98 32.39
N GLU C 359 4.61 29.47 31.76
CA GLU C 359 4.99 29.92 30.42
C GLU C 359 3.80 29.78 29.48
N LEU C 360 3.01 28.74 29.72
CA LEU C 360 1.81 28.45 28.94
C LEU C 360 0.58 29.24 29.38
N GLU C 361 0.78 30.14 30.35
CA GLU C 361 -0.28 31.06 30.81
C GLU C 361 -1.48 30.33 31.38
N LEU C 362 -1.26 29.09 31.79
CA LEU C 362 -2.32 28.28 32.40
C LEU C 362 -2.38 28.44 33.90
N ILE C 363 -1.34 29.04 34.48
CA ILE C 363 -1.37 29.49 35.89
C ILE C 363 -0.77 30.89 36.00
N SER C 364 -1.30 31.71 36.89
CA SER C 364 -0.82 33.08 37.06
C SER C 364 -0.17 33.29 38.43
N GLY C 365 0.72 34.27 38.50
CA GLY C 365 1.39 34.64 39.75
C GLY C 365 2.69 35.37 39.50
N SER C 366 3.30 35.89 40.57
CA SER C 366 4.63 36.50 40.46
C SER C 366 5.73 35.44 40.35
N GLU C 367 6.88 35.85 39.83
CA GLU C 367 8.05 34.98 39.73
C GLU C 367 8.38 34.33 41.06
N GLU C 368 8.35 35.15 42.12
CA GLU C 368 8.57 34.71 43.50
C GLU C 368 7.80 33.43 43.81
N GLU C 369 6.48 33.53 43.71
CA GLU C 369 5.57 32.47 44.11
C GLU C 369 5.70 31.24 43.20
N ILE C 370 5.84 31.47 41.89
CA ILE C 370 5.99 30.38 40.92
C ILE C 370 7.27 29.60 41.17
N ARG C 371 8.40 30.29 41.31
CA ARG C 371 9.69 29.64 41.55
C ARG C 371 9.67 28.85 42.86
N ALA C 372 8.91 29.36 43.84
CA ALA C 372 8.70 28.70 45.11
C ALA C 372 7.81 27.47 44.92
N PHE C 373 6.76 27.64 44.14
CA PHE C 373 5.87 26.54 43.78
C PHE C 373 6.65 25.46 43.06
N GLU C 374 7.42 25.85 42.05
CA GLU C 374 8.30 24.92 41.32
C GLU C 374 9.23 24.20 42.29
N SER C 375 9.61 24.88 43.36
CA SER C 375 10.51 24.30 44.34
C SER C 375 9.87 23.17 45.16
N VAL C 376 8.61 23.34 45.59
CA VAL C 376 8.03 22.42 46.56
C VAL C 376 7.47 21.13 45.95
N VAL C 377 6.97 21.22 44.72
CA VAL C 377 6.45 20.05 44.02
C VAL C 377 7.64 19.14 43.69
N PRO C 378 7.60 17.87 44.14
CA PRO C 378 8.79 17.00 44.00
C PRO C 378 9.04 16.70 42.55
N VAL C 379 10.26 16.24 42.23
CA VAL C 379 10.71 16.05 40.83
C VAL C 379 10.47 14.64 40.29
N ARG C 380 9.68 13.87 41.02
CA ARG C 380 9.28 12.52 40.64
C ARG C 380 8.51 12.55 39.32
N LYS C 381 8.82 11.61 38.43
CA LYS C 381 8.17 11.54 37.12
C LYS C 381 7.00 10.57 37.16
N PRO C 382 5.92 10.89 36.44
CA PRO C 382 4.75 10.02 36.45
C PRO C 382 4.78 8.91 35.40
N PHE C 383 4.05 7.84 35.69
CA PHE C 383 4.03 6.64 34.86
C PHE C 383 2.99 5.63 35.37
N ILE C 384 2.44 4.89 34.42
CA ILE C 384 1.47 3.83 34.72
C ILE C 384 1.60 2.76 33.65
N TYR C 385 1.92 1.53 34.07
CA TYR C 385 2.13 0.43 33.15
C TYR C 385 0.85 -0.34 32.86
N ASP C 386 -0.24 0.06 33.53
CA ASP C 386 -1.49 -0.67 33.47
C ASP C 386 -2.51 -0.02 32.55
N PHE C 387 -3.58 -0.77 32.27
CA PHE C 387 -4.70 -0.25 31.50
C PHE C 387 -6.02 -0.77 32.06
N PHE C 388 -7.05 0.08 32.11
CA PHE C 388 -8.39 -0.37 32.51
C PHE C 388 -9.50 0.42 31.84
N ASN D 5 2.78 -1.69 -51.10
CA ASN D 5 4.21 -2.12 -51.09
C ASN D 5 5.07 -1.33 -50.09
N VAL D 6 5.95 -2.06 -49.40
CA VAL D 6 6.92 -1.52 -48.45
C VAL D 6 7.98 -0.68 -49.13
N ILE D 7 8.36 0.43 -48.49
CA ILE D 7 9.46 1.26 -48.96
C ILE D 7 10.52 1.44 -47.87
N ARG D 8 11.76 1.66 -48.30
CA ARG D 8 12.84 2.05 -47.42
C ARG D 8 12.75 3.55 -47.19
N LEU D 9 12.48 3.95 -45.95
CA LEU D 9 12.30 5.36 -45.62
C LEU D 9 13.59 6.16 -45.78
N LYS D 10 13.48 7.22 -46.58
CA LYS D 10 14.56 8.19 -46.77
C LYS D 10 14.69 9.13 -45.58
N GLU D 11 15.93 9.56 -45.33
CA GLU D 11 16.32 10.48 -44.25
C GLU D 11 15.31 11.60 -43.92
N ASP D 12 14.56 12.07 -44.91
CA ASP D 12 13.59 13.16 -44.69
C ASP D 12 12.29 12.75 -43.95
N LYS D 13 11.79 11.54 -44.21
CA LYS D 13 10.61 11.01 -43.51
C LYS D 13 10.94 10.60 -42.08
N PHE D 14 12.19 10.74 -41.68
CA PHE D 14 12.66 10.22 -40.39
C PHE D 14 11.95 10.82 -39.18
N ARG D 15 11.54 12.08 -39.30
CA ARG D 15 10.84 12.78 -38.22
C ARG D 15 9.42 12.26 -38.05
N GLU D 16 8.72 12.06 -39.17
CA GLU D 16 7.39 11.47 -39.15
C GLU D 16 7.42 10.09 -38.45
N ALA D 17 8.49 9.33 -38.68
CA ALA D 17 8.65 8.01 -38.06
C ALA D 17 8.72 8.08 -36.54
N LEU D 18 9.49 9.03 -36.05
CA LEU D 18 9.57 9.24 -34.60
C LEU D 18 8.26 9.65 -33.98
N ARG D 19 7.48 10.47 -34.69
CA ARG D 19 6.12 10.81 -34.25
C ARG D 19 5.32 9.54 -33.96
N LEU D 20 5.43 8.56 -34.84
CA LEU D 20 4.73 7.27 -34.67
C LEU D 20 5.33 6.40 -33.55
N SER D 21 6.65 6.47 -33.40
CA SER D 21 7.32 5.84 -32.26
C SER D 21 6.83 6.43 -30.93
N GLU D 22 6.65 7.74 -30.90
CA GLU D 22 6.19 8.48 -29.71
C GLU D 22 4.77 8.12 -29.33
N TYR D 23 3.92 8.01 -30.35
CA TYR D 23 2.54 7.60 -30.15
C TYR D 23 2.51 6.19 -29.58
N ALA D 24 3.15 5.28 -30.33
CA ALA D 24 3.08 3.83 -30.11
C ALA D 24 3.76 3.33 -28.83
N PHE D 25 4.85 3.99 -28.44
CA PHE D 25 5.60 3.57 -27.25
C PHE D 25 5.40 4.51 -26.09
N GLN D 26 4.52 5.49 -26.28
CA GLN D 26 3.93 6.33 -25.20
C GLN D 26 4.94 7.21 -24.46
N TYR D 27 5.84 7.83 -25.23
CA TYR D 27 6.85 8.71 -24.67
C TYR D 27 7.00 9.93 -25.58
N LYS D 28 7.38 11.08 -25.00
CA LYS D 28 7.66 12.25 -25.82
C LYS D 28 9.09 12.77 -25.60
N VAL D 29 9.83 12.93 -26.69
CA VAL D 29 11.22 13.42 -26.66
C VAL D 29 11.34 14.76 -27.38
N GLU D 31 12.98 18.88 -29.51
CA GLU D 31 13.86 18.76 -30.68
C GLU D 31 15.31 18.49 -30.28
N ASP D 32 15.71 19.01 -29.12
CA ASP D 32 17.09 18.90 -28.62
C ASP D 32 17.47 17.46 -28.28
N ARG D 33 16.75 16.86 -27.35
CA ARG D 33 16.93 15.44 -26.99
C ARG D 33 16.68 14.47 -28.17
N LEU D 34 16.32 15.03 -29.33
CA LEU D 34 15.90 14.25 -30.50
C LEU D 34 16.98 14.02 -31.54
N GLN D 35 17.94 14.94 -31.63
CA GLN D 35 18.93 14.88 -32.70
C GLN D 35 19.70 13.58 -32.75
N GLN D 36 20.05 13.03 -31.59
CA GLN D 36 20.77 11.75 -31.51
C GLN D 36 19.97 10.55 -32.05
N GLN D 37 18.64 10.66 -32.00
CA GLN D 37 17.77 9.60 -32.46
C GLN D 37 17.63 9.56 -33.98
N ILE D 38 17.66 10.73 -34.61
CA ILE D 38 17.75 10.85 -36.07
C ILE D 38 19.11 10.32 -36.55
N THR D 39 20.17 10.74 -35.87
CA THR D 39 21.53 10.36 -36.22
C THR D 39 21.72 8.85 -36.03
N LYS D 40 21.18 8.30 -34.94
CA LYS D 40 21.28 6.88 -34.68
C LYS D 40 20.64 6.10 -35.82
N MSE D 41 19.47 6.54 -36.25
CA MSE D 41 18.79 5.92 -37.39
C MSE D 41 19.68 5.95 -38.64
O MSE D 41 20.06 4.90 -39.15
CB MSE D 41 17.43 6.55 -37.64
CG MSE D 41 16.35 5.97 -36.76
SE MSE D 41 14.80 7.14 -36.45
CE MSE D 41 14.05 7.16 -38.25
N LYS D 42 20.03 7.15 -39.12
CA LYS D 42 20.89 7.29 -40.30
C LYS D 42 22.09 6.34 -40.26
N GLU D 43 22.84 6.37 -39.15
CA GLU D 43 24.08 5.59 -38.97
C GLU D 43 23.88 4.07 -38.95
N SER D 44 23.01 3.58 -38.08
CA SER D 44 23.00 2.15 -37.79
C SER D 44 21.68 1.40 -37.95
N HIS D 45 20.65 2.09 -38.45
CA HIS D 45 19.34 1.46 -38.68
C HIS D 45 18.99 1.40 -40.17
N GLU D 46 18.07 0.53 -40.53
CA GLU D 46 17.42 0.58 -41.84
C GLU D 46 15.93 0.66 -41.58
N VAL D 47 15.31 1.79 -41.91
CA VAL D 47 13.91 2.01 -41.56
C VAL D 47 12.96 1.78 -42.73
N TYR D 48 12.03 0.84 -42.56
CA TYR D 48 11.05 0.51 -43.60
C TYR D 48 9.64 0.92 -43.16
N GLY D 49 8.83 1.37 -44.11
CA GLY D 49 7.46 1.76 -43.79
C GLY D 49 6.45 1.42 -44.87
N ILE D 50 5.17 1.66 -44.57
CA ILE D 50 4.09 1.59 -45.54
C ILE D 50 3.30 2.89 -45.46
N MSE D 51 3.06 3.49 -46.62
CA MSE D 51 2.28 4.73 -46.70
C MSE D 51 0.82 4.43 -46.93
O MSE D 51 0.47 3.46 -47.61
CB MSE D 51 2.79 5.62 -47.84
CG MSE D 51 4.30 5.90 -47.83
SE MSE D 51 4.86 7.06 -46.36
CE MSE D 51 3.92 8.70 -46.91
N GLU D 52 -0.07 5.25 -46.36
CA GLU D 52 -1.43 5.34 -46.87
C GLU D 52 -1.74 6.79 -47.18
N GLY D 53 -1.79 7.09 -48.48
CA GLY D 53 -1.90 8.46 -48.96
C GLY D 53 -0.63 9.21 -48.64
N GLU D 54 -0.78 10.48 -48.27
CA GLU D 54 0.37 11.33 -47.98
C GLU D 54 1.07 10.94 -46.66
N ASN D 55 0.53 9.95 -45.95
CA ASN D 55 0.89 9.67 -44.54
C ASN D 55 1.49 8.29 -44.24
N LEU D 56 2.48 8.28 -43.34
CA LEU D 56 3.09 7.04 -42.86
C LEU D 56 2.11 6.37 -41.93
N ALA D 57 1.95 5.06 -42.10
CA ALA D 57 0.93 4.28 -41.42
C ALA D 57 1.55 3.26 -40.49
N ALA D 58 2.62 2.64 -40.96
CA ALA D 58 3.29 1.62 -40.19
C ALA D 58 4.78 1.66 -40.49
N LYS D 59 5.59 1.17 -39.54
CA LYS D 59 7.04 1.11 -39.72
C LYS D 59 7.70 -0.08 -39.02
N LEU D 60 8.92 -0.38 -39.47
CA LEU D 60 9.78 -1.36 -38.84
C LEU D 60 11.25 -0.97 -39.06
N HIS D 61 12.09 -1.18 -38.04
CA HIS D 61 13.52 -0.92 -38.17
C HIS D 61 14.27 -2.22 -38.22
N LEU D 62 15.13 -2.35 -39.22
CA LEU D 62 16.06 -3.45 -39.27
C LEU D 62 17.45 -2.94 -38.89
N ILE D 63 17.96 -3.44 -37.77
CA ILE D 63 19.29 -3.04 -37.28
C ILE D 63 20.30 -4.17 -37.50
N PRO D 64 21.37 -3.90 -38.27
CA PRO D 64 22.39 -4.92 -38.55
C PRO D 64 23.30 -5.15 -37.35
N PHE D 65 23.34 -6.40 -36.88
CA PHE D 65 24.14 -6.79 -35.72
C PHE D 65 24.94 -8.02 -36.05
N HIS D 66 25.77 -8.44 -35.09
CA HIS D 66 26.30 -9.80 -35.06
C HIS D 66 26.04 -10.35 -33.68
N ILE D 67 25.93 -11.67 -33.56
CA ILE D 67 25.80 -12.27 -32.24
C ILE D 67 26.82 -13.38 -32.10
N TYR D 68 27.17 -13.70 -30.86
CA TYR D 68 28.00 -14.83 -30.57
C TYR D 68 27.09 -16.02 -30.43
N ILE D 69 27.34 -17.05 -31.24
CA ILE D 69 26.82 -18.38 -30.95
C ILE D 69 28.04 -19.22 -30.62
N GLY D 70 28.36 -19.24 -29.33
CA GLY D 70 29.65 -19.72 -28.86
C GLY D 70 30.76 -18.81 -29.42
N LYS D 71 31.74 -19.44 -30.05
CA LYS D 71 32.93 -18.75 -30.54
C LYS D 71 32.63 -17.97 -31.82
N GLU D 72 31.55 -18.37 -32.48
CA GLU D 72 31.27 -17.98 -33.86
C GLU D 72 30.38 -16.75 -33.94
N LYS D 73 30.74 -15.83 -34.83
CA LYS D 73 29.98 -14.63 -35.00
C LYS D 73 29.00 -14.80 -36.13
N PHE D 74 27.73 -14.67 -35.80
CA PHE D 74 26.66 -14.75 -36.79
C PHE D 74 26.11 -13.35 -37.10
N LYS D 75 26.11 -13.00 -38.38
CA LYS D 75 25.41 -11.83 -38.89
C LYS D 75 23.91 -11.92 -38.51
N MSE D 76 23.44 -10.99 -37.68
CA MSE D 76 22.08 -11.02 -37.06
C MSE D 76 21.27 -9.76 -37.37
O MSE D 76 21.81 -8.64 -37.42
CB MSE D 76 22.21 -11.18 -35.53
CG MSE D 76 20.92 -11.40 -34.75
SE MSE D 76 19.91 -9.79 -34.20
CE MSE D 76 20.89 -9.26 -32.58
N GLY D 77 19.98 -9.95 -37.57
CA GLY D 77 19.09 -8.88 -38.00
C GLY D 77 18.11 -8.54 -36.91
N GLY D 78 18.37 -7.42 -36.24
CA GLY D 78 17.58 -7.00 -35.09
C GLY D 78 16.35 -6.25 -35.53
N VAL D 79 15.20 -6.71 -35.06
CA VAL D 79 13.95 -6.04 -35.36
C VAL D 79 13.55 -5.12 -34.19
N ALA D 80 13.34 -3.84 -34.48
CA ALA D 80 12.93 -2.90 -33.45
C ALA D 80 11.96 -1.86 -33.96
N GLY D 81 11.30 -1.17 -33.01
CA GLY D 81 10.37 -0.09 -33.32
C GLY D 81 9.28 -0.45 -34.31
N VAL D 82 8.82 -1.69 -34.25
CA VAL D 82 7.68 -2.12 -35.04
C VAL D 82 6.44 -1.44 -34.50
N ALA D 83 5.69 -0.76 -35.36
CA ALA D 83 4.56 0.08 -34.94
C ALA D 83 3.62 0.45 -36.08
N THR D 84 2.37 0.71 -35.72
CA THR D 84 1.35 1.15 -36.66
C THR D 84 0.44 2.12 -35.90
N TYR D 85 -0.19 3.05 -36.61
CA TYR D 85 -1.20 3.89 -35.98
C TYR D 85 -2.52 3.11 -35.95
N PRO D 86 -3.29 3.25 -34.86
CA PRO D 86 -4.44 2.38 -34.63
C PRO D 86 -5.47 2.37 -35.78
N GLU D 87 -5.77 3.54 -36.32
CA GLU D 87 -6.72 3.67 -37.43
C GLU D 87 -6.35 2.85 -38.68
N TYR D 88 -5.07 2.54 -38.83
CA TYR D 88 -4.60 1.74 -39.97
C TYR D 88 -4.32 0.30 -39.56
N ARG D 89 -4.81 -0.08 -38.38
CA ARG D 89 -4.52 -1.41 -37.86
C ARG D 89 -5.35 -2.49 -38.56
N ARG D 90 -6.59 -2.13 -38.94
CA ARG D 90 -7.47 -3.02 -39.71
C ARG D 90 -6.87 -3.45 -41.04
N SER D 91 -5.79 -2.80 -41.46
CA SER D 91 -5.11 -3.14 -42.71
C SER D 91 -3.99 -4.16 -42.54
N GLY D 92 -3.53 -4.35 -41.30
CA GLY D 92 -2.47 -5.32 -41.00
C GLY D 92 -1.23 -5.14 -41.85
N TYR D 93 -0.69 -3.92 -41.84
CA TYR D 93 0.50 -3.56 -42.63
C TYR D 93 1.75 -4.17 -42.05
N VAL D 94 1.71 -4.46 -40.76
CA VAL D 94 2.86 -4.93 -40.01
C VAL D 94 3.26 -6.32 -40.46
N LYS D 95 2.24 -7.12 -40.79
CA LYS D 95 2.48 -8.42 -41.40
C LYS D 95 3.31 -8.26 -42.68
N GLU D 96 2.91 -7.32 -43.54
CA GLU D 96 3.64 -7.02 -44.80
C GLU D 96 5.09 -6.57 -44.53
N LEU D 97 5.28 -5.75 -43.50
CA LEU D 97 6.62 -5.28 -43.14
C LEU D 97 7.52 -6.40 -42.64
N LEU D 98 7.00 -7.23 -41.73
CA LEU D 98 7.76 -8.39 -41.24
C LEU D 98 8.17 -9.30 -42.38
N GLN D 99 7.21 -9.72 -43.20
CA GLN D 99 7.52 -10.54 -44.36
C GLN D 99 8.63 -9.89 -45.16
N HIS D 100 8.51 -8.59 -45.36
CA HIS D 100 9.50 -7.86 -46.12
C HIS D 100 10.86 -7.97 -45.47
N SER D 101 10.91 -7.77 -44.15
CA SER D 101 12.19 -7.78 -43.45
C SER D 101 12.91 -9.12 -43.63
N LEU D 102 12.18 -10.23 -43.49
CA LEU D 102 12.75 -11.56 -43.69
C LEU D 102 13.37 -11.74 -45.08
N GLN D 103 12.72 -11.19 -46.11
CA GLN D 103 13.21 -11.24 -47.49
C GLN D 103 14.51 -10.48 -47.64
N THR D 104 14.53 -9.27 -47.06
CA THR D 104 15.72 -8.44 -46.96
C THR D 104 16.85 -9.16 -46.19
N MSE D 105 16.52 -9.76 -45.06
CA MSE D 105 17.52 -10.47 -44.29
C MSE D 105 18.15 -11.62 -45.10
O MSE D 105 19.39 -11.74 -45.15
CB MSE D 105 16.96 -10.92 -42.95
CG MSE D 105 16.84 -9.77 -41.98
SE MSE D 105 16.19 -10.22 -40.21
CE MSE D 105 14.34 -9.67 -40.40
N LYS D 106 17.30 -12.41 -45.75
CA LYS D 106 17.74 -13.53 -46.60
C LYS D 106 18.71 -13.07 -47.70
N LYS D 107 18.36 -11.96 -48.36
CA LYS D 107 19.14 -11.42 -49.47
C LYS D 107 20.47 -10.85 -48.99
N ASP D 108 20.43 -10.10 -47.90
CA ASP D 108 21.63 -9.47 -47.35
C ASP D 108 22.50 -10.42 -46.51
N GLY D 109 21.99 -11.61 -46.24
CA GLY D 109 22.77 -12.67 -45.63
C GLY D 109 22.75 -12.74 -44.11
N TYR D 110 21.75 -12.15 -43.49
CA TYR D 110 21.52 -12.34 -42.05
C TYR D 110 20.90 -13.70 -41.79
N THR D 111 21.66 -14.62 -41.20
CA THR D 111 21.16 -15.99 -41.00
C THR D 111 20.11 -16.09 -39.90
N VAL D 112 20.18 -15.20 -38.91
CA VAL D 112 19.35 -15.25 -37.71
C VAL D 112 18.77 -13.88 -37.38
N SER D 113 17.67 -13.85 -36.63
CA SER D 113 17.04 -12.58 -36.23
C SER D 113 16.66 -12.59 -34.74
N MSE D 114 16.72 -11.44 -34.10
CA MSE D 114 16.23 -11.32 -32.74
C MSE D 114 15.43 -10.02 -32.58
O MSE D 114 15.63 -9.09 -33.36
CB MSE D 114 17.37 -11.37 -31.73
CG MSE D 114 18.30 -12.58 -31.87
SE MSE D 114 19.81 -12.55 -30.62
CE MSE D 114 18.91 -13.16 -28.99
N LEU D 115 14.55 -10.00 -31.58
CA LEU D 115 13.74 -8.83 -31.26
C LEU D 115 13.21 -8.93 -29.84
N HIS D 116 12.91 -7.77 -29.25
CA HIS D 116 12.19 -7.69 -27.99
C HIS D 116 10.69 -7.57 -28.22
N PRO D 117 9.92 -8.58 -27.78
CA PRO D 117 8.50 -8.63 -28.13
C PRO D 117 7.63 -7.71 -27.24
N PHE D 118 6.71 -6.97 -27.85
CA PHE D 118 5.73 -6.28 -27.03
C PHE D 118 4.71 -7.33 -26.55
N ALA D 119 4.54 -8.38 -27.35
CA ALA D 119 3.71 -9.53 -27.00
C ALA D 119 4.24 -10.76 -27.71
N VAL D 120 4.46 -11.83 -26.94
CA VAL D 120 5.07 -13.02 -27.46
C VAL D 120 4.21 -13.72 -28.51
N SER D 121 2.91 -13.80 -28.29
CA SER D 121 2.03 -14.48 -29.24
C SER D 121 2.04 -13.85 -30.64
N PHE D 122 2.36 -12.56 -30.72
CA PHE D 122 2.31 -11.88 -32.02
C PHE D 122 3.41 -12.38 -32.94
N TYR D 123 4.63 -12.41 -32.43
CA TYR D 123 5.76 -12.82 -33.22
C TYR D 123 5.79 -14.35 -33.44
N ARG D 124 5.23 -15.09 -32.48
CA ARG D 124 5.16 -16.54 -32.55
C ARG D 124 4.50 -17.02 -33.83
N LYS D 125 3.58 -16.21 -34.33
CA LYS D 125 2.83 -16.58 -35.51
C LYS D 125 3.65 -16.42 -36.77
N TYR D 126 4.81 -15.78 -36.66
CA TYR D 126 5.63 -15.52 -37.83
C TYR D 126 6.97 -16.24 -37.69
N GLY D 127 7.01 -17.22 -36.80
CA GLY D 127 8.19 -18.05 -36.65
C GLY D 127 9.18 -17.63 -35.59
N TRP D 128 9.02 -16.46 -34.96
CA TRP D 128 9.92 -16.14 -33.86
C TRP D 128 9.52 -16.96 -32.65
N GLU D 129 10.50 -17.24 -31.79
CA GLU D 129 10.24 -17.97 -30.58
C GLU D 129 11.06 -17.40 -29.43
N LEU D 130 10.65 -17.71 -28.20
CA LEU D 130 11.46 -17.30 -27.05
C LEU D 130 12.83 -17.98 -27.09
N CYS D 131 13.87 -17.23 -26.76
CA CYS D 131 15.21 -17.76 -26.86
C CYS D 131 16.12 -17.36 -25.68
N ALA D 132 15.64 -16.44 -24.84
CA ALA D 132 16.47 -15.96 -23.73
C ALA D 132 15.69 -15.45 -22.53
N ASN D 133 16.20 -15.75 -21.33
CA ASN D 133 15.67 -15.25 -20.05
C ASN D 133 16.63 -14.28 -19.38
N LEU D 134 16.09 -13.44 -18.51
CA LEU D 134 16.87 -12.71 -17.53
C LEU D 134 16.49 -13.23 -16.15
N LEU D 135 17.47 -13.30 -15.26
CA LEU D 135 17.21 -13.60 -13.85
C LEU D 135 17.41 -12.32 -13.07
N VAL D 136 16.35 -11.86 -12.40
CA VAL D 136 16.41 -10.68 -11.56
C VAL D 136 16.23 -11.12 -10.11
N CYS D 137 17.19 -10.79 -9.27
CA CYS D 137 17.15 -11.16 -7.87
C CYS D 137 17.32 -9.93 -7.01
N HIS D 138 16.69 -9.97 -5.83
CA HIS D 138 16.68 -8.84 -4.92
C HIS D 138 17.24 -9.24 -3.58
N MSE D 139 18.16 -8.43 -3.07
CA MSE D 139 18.79 -8.67 -1.78
C MSE D 139 18.67 -7.46 -0.87
O MSE D 139 18.18 -6.41 -1.30
CB MSE D 139 20.26 -9.03 -1.98
CG MSE D 139 20.43 -10.48 -2.30
SE MSE D 139 21.74 -10.71 -3.69
CE MSE D 139 20.64 -9.99 -5.15
N THR D 140 19.09 -7.61 0.38
CA THR D 140 19.07 -6.52 1.36
C THR D 140 20.39 -6.43 2.12
N LYS D 141 20.55 -5.35 2.90
CA LYS D 141 21.78 -5.09 3.67
C LYS D 141 22.37 -6.36 4.30
N SER D 142 21.53 -7.15 4.96
CA SER D 142 21.94 -8.36 5.67
C SER D 142 22.42 -9.50 4.77
N ASP D 143 22.13 -9.41 3.47
CA ASP D 143 22.69 -10.35 2.50
C ASP D 143 24.13 -10.00 2.10
N LEU D 144 24.54 -8.77 2.37
CA LEU D 144 25.85 -8.29 1.95
C LEU D 144 26.97 -8.74 2.90
N VAL D 145 27.22 -10.04 2.93
CA VAL D 145 28.26 -10.62 3.80
C VAL D 145 29.52 -10.88 2.97
N MSE D 146 30.63 -10.30 3.44
CA MSE D 146 31.94 -10.48 2.80
C MSE D 146 32.25 -11.94 2.56
O MSE D 146 31.85 -12.81 3.32
CB MSE D 146 33.05 -9.91 3.67
CG MSE D 146 33.08 -8.40 3.76
SE MSE D 146 33.93 -7.54 2.24
CE MSE D 146 34.46 -5.90 3.19
N LYS D 147 32.97 -12.20 1.47
CA LYS D 147 33.50 -13.54 1.23
C LYS D 147 34.99 -13.48 1.50
N LYS D 148 35.70 -14.58 1.21
CA LYS D 148 37.15 -14.65 1.46
C LYS D 148 37.87 -13.62 0.60
N GLN D 149 38.82 -12.91 1.23
CA GLN D 149 39.60 -11.85 0.60
C GLN D 149 40.32 -12.29 -0.67
N VAL D 150 40.17 -11.53 -1.76
CA VAL D 150 40.92 -11.81 -2.99
C VAL D 150 42.08 -10.83 -3.14
N ASN D 151 43.11 -11.23 -3.89
CA ASN D 151 44.33 -10.41 -3.94
C ASN D 151 44.32 -9.27 -4.96
N GLY D 152 43.32 -9.28 -5.84
CA GLY D 152 43.21 -8.27 -6.90
C GLY D 152 42.69 -6.93 -6.41
N THR D 153 42.38 -6.05 -7.38
CA THR D 153 41.86 -4.70 -7.10
C THR D 153 40.70 -4.35 -8.02
N VAL D 154 39.85 -3.44 -7.58
CA VAL D 154 38.74 -2.94 -8.38
C VAL D 154 38.94 -1.48 -8.75
N LYS D 155 38.62 -1.11 -9.99
CA LYS D 155 38.65 0.28 -10.44
C LYS D 155 37.30 0.66 -11.03
N ARG D 156 36.96 1.94 -10.96
CA ARG D 156 35.68 2.45 -11.48
C ARG D 156 35.91 3.27 -12.73
N PHE D 157 34.98 3.17 -13.68
CA PHE D 157 35.01 3.92 -14.92
C PHE D 157 33.62 4.44 -15.28
N ASN D 158 33.56 5.51 -16.06
CA ASN D 158 32.29 6.01 -16.60
C ASN D 158 32.33 6.08 -18.14
N LYS D 159 31.23 6.52 -18.74
CA LYS D 159 31.12 6.66 -20.20
C LYS D 159 32.36 7.30 -20.83
N GLU D 160 32.91 8.31 -20.17
CA GLU D 160 34.01 9.10 -20.75
C GLU D 160 35.39 8.49 -20.54
N SER D 161 35.52 7.62 -19.52
CA SER D 161 36.77 6.93 -19.27
C SER D 161 36.75 5.47 -19.81
N HIS D 162 35.87 5.21 -20.77
CA HIS D 162 35.68 3.86 -21.33
C HIS D 162 36.97 3.08 -21.60
N PRO D 163 37.20 2.01 -20.83
CA PRO D 163 38.44 1.23 -20.94
C PRO D 163 38.35 0.18 -22.03
N GLU D 164 39.39 0.10 -22.88
CA GLU D 164 39.43 -0.89 -23.97
C GLU D 164 39.41 -2.33 -23.46
N GLU D 165 39.97 -2.58 -22.28
CA GLU D 165 40.04 -3.96 -21.77
C GLU D 165 38.67 -4.54 -21.39
N VAL D 166 37.66 -3.71 -21.16
CA VAL D 166 36.31 -4.23 -20.88
C VAL D 166 35.69 -4.85 -22.13
N GLU D 167 36.10 -4.38 -23.30
CA GLU D 167 35.59 -4.94 -24.57
C GLU D 167 35.98 -6.40 -24.75
N LYS D 168 37.24 -6.74 -24.48
CA LYS D 168 37.68 -8.14 -24.59
C LYS D 168 37.08 -8.95 -23.46
N LEU D 169 36.99 -8.35 -22.28
CA LEU D 169 36.39 -8.98 -21.11
C LEU D 169 34.97 -9.42 -21.41
N TYR D 170 34.20 -8.54 -22.06
CA TYR D 170 32.85 -8.89 -22.50
C TYR D 170 32.88 -10.09 -23.46
N GLU D 171 33.72 -10.00 -24.50
CA GLU D 171 33.73 -11.02 -25.55
C GLU D 171 34.04 -12.40 -25.03
N THR D 172 34.93 -12.48 -24.04
CA THR D 172 35.30 -13.76 -23.43
C THR D 172 34.11 -14.34 -22.69
N PHE D 173 33.34 -13.49 -22.03
CA PHE D 173 32.14 -13.94 -21.37
C PHE D 173 31.08 -14.35 -22.39
N ALA D 174 30.97 -13.58 -23.46
CA ALA D 174 29.88 -13.74 -24.41
C ALA D 174 29.96 -15.11 -25.09
N GLU D 175 31.16 -15.44 -25.54
CA GLU D 175 31.45 -16.69 -26.22
C GLU D 175 31.02 -17.95 -25.48
N LEU D 176 30.76 -17.82 -24.19
CA LEU D 176 30.21 -18.93 -23.43
C LEU D 176 28.72 -19.15 -23.69
N PHE D 177 28.09 -18.23 -24.41
CA PHE D 177 26.65 -18.34 -24.63
C PHE D 177 26.23 -18.40 -26.10
N SER D 178 24.92 -18.44 -26.29
CA SER D 178 24.31 -18.18 -27.58
C SER D 178 23.42 -16.93 -27.48
N GLY D 179 23.62 -16.02 -28.42
CA GLY D 179 22.73 -14.89 -28.61
C GLY D 179 23.26 -13.57 -28.13
N MSE D 180 24.29 -13.59 -27.30
CA MSE D 180 24.95 -12.36 -26.83
C MSE D 180 25.32 -11.48 -28.01
O MSE D 180 25.63 -11.99 -29.10
CB MSE D 180 26.21 -12.70 -26.03
CG MSE D 180 25.96 -13.41 -24.73
SE MSE D 180 25.26 -12.17 -23.42
CE MSE D 180 26.93 -11.35 -22.86
N LEU D 181 25.28 -10.18 -27.82
CA LEU D 181 25.47 -9.22 -28.91
C LEU D 181 26.95 -8.91 -29.10
N VAL D 182 27.36 -8.64 -30.34
CA VAL D 182 28.74 -8.25 -30.61
C VAL D 182 28.88 -6.74 -30.40
N ARG D 183 29.71 -6.37 -29.43
CA ARG D 183 29.76 -4.99 -28.97
C ARG D 183 31.00 -4.19 -29.43
N ASN D 184 30.87 -3.39 -30.49
CA ASN D 184 31.95 -2.46 -30.86
C ASN D 184 32.01 -1.31 -29.86
N GLU D 185 33.03 -0.44 -29.98
CA GLU D 185 33.16 0.66 -29.03
C GLU D 185 31.96 1.59 -29.07
N LYS D 186 31.43 1.82 -30.27
CA LYS D 186 30.33 2.77 -30.45
C LYS D 186 29.10 2.31 -29.68
N TRP D 187 28.82 1.01 -29.75
CA TRP D 187 27.76 0.42 -28.96
C TRP D 187 27.97 0.66 -27.45
N TRP D 188 29.17 0.38 -26.94
CA TRP D 188 29.49 0.63 -25.53
C TRP D 188 29.09 2.05 -25.10
N LEU D 189 29.70 3.05 -25.75
CA LEU D 189 29.36 4.46 -25.52
C LEU D 189 27.90 4.86 -25.77
N GLN D 190 27.33 4.43 -26.89
CA GLN D 190 26.01 4.92 -27.29
C GLN D 190 24.79 4.21 -26.70
N ALA D 191 24.96 3.00 -26.19
CA ALA D 191 23.82 2.17 -25.82
C ALA D 191 23.97 1.39 -24.52
N VAL D 192 25.20 1.11 -24.08
CA VAL D 192 25.43 0.23 -22.95
C VAL D 192 25.53 1.02 -21.64
N TYR D 193 26.18 2.17 -21.68
CA TYR D 193 26.51 2.90 -20.46
C TYR D 193 25.33 3.60 -19.81
N ASP D 194 24.45 4.19 -20.60
CA ASP D 194 23.47 5.18 -20.09
C ASP D 194 24.08 5.99 -18.95
N ASP D 195 23.41 5.87 -17.80
CA ASP D 195 23.72 6.57 -16.56
C ASP D 195 24.36 5.62 -15.55
N LEU D 196 25.02 4.58 -16.04
CA LEU D 196 25.60 3.54 -15.20
C LEU D 196 27.07 3.80 -14.92
N THR D 197 27.60 3.13 -13.89
CA THR D 197 29.03 3.17 -13.55
C THR D 197 29.68 1.80 -13.79
N LEU D 198 30.89 1.80 -14.34
CA LEU D 198 31.61 0.55 -14.62
C LEU D 198 32.68 0.21 -13.58
N ALA D 199 32.64 -1.00 -13.03
CA ALA D 199 33.75 -1.49 -12.20
C ALA D 199 34.35 -2.75 -12.81
N ILE D 200 35.67 -2.76 -12.94
CA ILE D 200 36.40 -3.94 -13.40
C ILE D 200 37.22 -4.53 -12.26
N TYR D 201 37.19 -5.85 -12.12
CA TYR D 201 38.06 -6.53 -11.19
C TYR D 201 39.35 -6.96 -11.91
N TYR D 202 40.49 -6.72 -11.26
CA TYR D 202 41.81 -7.06 -11.80
C TYR D 202 42.54 -8.06 -10.91
N ASP D 203 43.12 -9.12 -11.49
CA ASP D 203 43.84 -10.14 -10.71
C ASP D 203 45.26 -9.73 -10.27
N GLU D 204 46.10 -10.71 -9.91
CA GLU D 204 47.48 -10.44 -9.46
C GLU D 204 48.39 -10.01 -10.62
N ASN D 205 48.07 -10.49 -11.83
CA ASN D 205 48.75 -10.04 -13.03
C ASN D 205 48.37 -8.59 -13.41
N GLN D 206 47.61 -7.91 -12.53
CA GLN D 206 46.78 -6.75 -12.89
C GLN D 206 46.08 -6.92 -14.27
N THR D 207 45.55 -8.12 -14.51
CA THR D 207 44.82 -8.47 -15.72
C THR D 207 43.32 -8.39 -15.42
N ALA D 208 42.54 -7.95 -16.42
CA ALA D 208 41.09 -7.78 -16.27
C ALA D 208 40.33 -9.12 -16.25
N ALA D 209 39.58 -9.40 -15.18
CA ALA D 209 38.95 -10.71 -15.03
C ALA D 209 37.43 -10.68 -14.80
N GLY D 210 36.87 -9.50 -14.61
CA GLY D 210 35.44 -9.38 -14.41
C GLY D 210 35.03 -7.94 -14.41
N TYR D 211 33.81 -7.65 -14.87
CA TYR D 211 33.27 -6.30 -14.74
C TYR D 211 31.83 -6.35 -14.20
N MSE D 212 31.30 -5.17 -13.86
CA MSE D 212 29.91 -5.02 -13.46
C MSE D 212 29.43 -3.61 -13.72
O MSE D 212 30.18 -2.64 -13.49
CB MSE D 212 29.75 -5.35 -11.99
CG MSE D 212 30.52 -4.47 -11.03
SE MSE D 212 30.06 -4.93 -9.20
CE MSE D 212 28.52 -3.76 -8.95
N LEU D 213 28.20 -3.49 -14.24
CA LEU D 213 27.57 -2.19 -14.50
C LEU D 213 26.44 -1.93 -13.52
N TYR D 214 26.47 -0.77 -12.89
CA TYR D 214 25.58 -0.50 -11.75
C TYR D 214 25.30 1.00 -11.53
N LYS D 215 24.27 1.27 -10.74
CA LYS D 215 24.02 2.60 -10.23
C LYS D 215 23.59 2.47 -8.77
N ILE D 216 23.77 3.55 -8.02
CA ILE D 216 23.30 3.59 -6.66
C ILE D 216 22.48 4.84 -6.49
N GLU D 217 21.22 4.68 -6.12
CA GLU D 217 20.33 5.81 -5.83
C GLU D 217 19.23 5.40 -4.85
N ASN D 218 18.84 6.32 -3.97
CA ASN D 218 17.90 6.02 -2.90
C ASN D 218 18.20 4.74 -2.12
N TYR D 219 19.46 4.57 -1.72
CA TYR D 219 19.91 3.42 -0.96
C TYR D 219 19.69 2.10 -1.71
N LYS D 220 19.47 2.18 -3.02
CA LYS D 220 19.29 0.97 -3.82
C LYS D 220 20.39 0.84 -4.87
N MSE D 221 21.11 -0.27 -4.81
CA MSE D 221 22.05 -0.56 -5.87
C MSE D 221 21.44 -1.50 -6.89
O MSE D 221 21.05 -2.63 -6.58
CB MSE D 221 23.36 -1.13 -5.33
CG MSE D 221 24.40 -1.26 -6.42
SE MSE D 221 25.90 -2.36 -5.89
CE MSE D 221 27.15 -1.00 -5.34
N THR D 222 21.33 -1.01 -8.11
CA THR D 222 20.89 -1.81 -9.24
C THR D 222 22.12 -2.19 -10.07
N VAL D 223 22.41 -3.49 -10.12
CA VAL D 223 23.44 -4.03 -10.99
C VAL D 223 22.77 -4.54 -12.26
N GLU D 224 23.19 -3.99 -13.40
CA GLU D 224 22.58 -4.34 -14.68
C GLU D 224 23.31 -5.46 -15.36
N GLU D 225 24.62 -5.52 -15.10
CA GLU D 225 25.50 -6.51 -15.69
C GLU D 225 26.52 -6.90 -14.65
N PHE D 226 26.72 -8.21 -14.52
CA PHE D 226 27.64 -8.78 -13.54
C PHE D 226 28.37 -9.85 -14.34
N VAL D 227 29.68 -9.71 -14.48
CA VAL D 227 30.40 -10.54 -15.43
C VAL D 227 31.76 -11.03 -14.89
N PRO D 228 31.77 -12.10 -14.07
CA PRO D 228 33.08 -12.69 -13.69
C PRO D 228 33.53 -13.76 -14.70
N LEU D 229 34.82 -13.82 -14.98
CA LEU D 229 35.30 -14.87 -15.87
C LEU D 229 35.67 -16.11 -15.09
N HIS D 230 36.02 -15.92 -13.83
CA HIS D 230 36.26 -17.03 -12.90
C HIS D 230 35.75 -16.64 -11.50
N ASN D 231 35.95 -17.53 -10.54
CA ASN D 231 35.46 -17.35 -9.18
C ASN D 231 36.13 -16.23 -8.38
N GLU D 232 37.45 -16.10 -8.50
CA GLU D 232 38.16 -15.03 -7.84
C GLU D 232 37.54 -13.68 -8.20
N ALA D 233 37.27 -13.49 -9.49
CA ALA D 233 36.64 -12.26 -9.97
C ALA D 233 35.25 -12.12 -9.41
N ARG D 234 34.55 -13.23 -9.29
CA ARG D 234 33.21 -13.23 -8.72
C ARG D 234 33.26 -12.68 -7.29
N ASN D 235 34.25 -13.17 -6.54
CA ASN D 235 34.41 -12.82 -5.13
C ASN D 235 34.91 -11.39 -4.94
N GLY D 236 35.83 -10.97 -5.81
CA GLY D 236 36.33 -9.59 -5.81
C GLY D 236 35.19 -8.60 -6.04
N LEU D 237 34.42 -8.86 -7.09
CA LEU D 237 33.25 -8.07 -7.39
C LEU D 237 32.21 -8.09 -6.25
N TRP D 238 31.97 -9.26 -5.68
CA TRP D 238 31.03 -9.38 -4.55
C TRP D 238 31.52 -8.56 -3.35
N ASN D 239 32.78 -8.75 -2.98
CA ASN D 239 33.38 -7.93 -1.94
C ASN D 239 33.27 -6.42 -2.23
N PHE D 240 33.43 -6.04 -3.49
CA PHE D 240 33.30 -4.63 -3.87
C PHE D 240 31.88 -4.14 -3.60
N ILE D 241 30.90 -5.00 -3.84
CA ILE D 241 29.54 -4.66 -3.56
C ILE D 241 29.37 -4.59 -2.05
N CYS D 242 29.89 -5.56 -1.31
CA CYS D 242 29.76 -5.55 0.15
C CYS D 242 30.34 -4.32 0.83
N GLN D 243 31.27 -3.63 0.16
CA GLN D 243 31.85 -2.44 0.78
C GLN D 243 30.94 -1.22 0.69
N HIS D 244 29.79 -1.41 0.05
CA HIS D 244 28.76 -0.39 -0.05
C HIS D 244 27.67 -0.61 1.01
N ASP D 245 27.93 -1.50 1.97
CA ASP D 245 26.92 -1.94 2.91
C ASP D 245 26.35 -0.83 3.79
N SER D 246 27.17 0.19 4.06
CA SER D 246 26.71 1.31 4.87
C SER D 246 25.83 2.24 4.03
N MSE D 247 25.98 2.12 2.71
CA MSE D 247 25.25 2.98 1.77
C MSE D 247 23.89 2.42 1.35
O MSE D 247 23.01 3.18 0.95
CB MSE D 247 26.06 3.18 0.49
CG MSE D 247 27.28 4.04 0.60
SE MSE D 247 27.98 4.38 -1.20
CE MSE D 247 29.83 4.81 -0.73
N ILE D 248 23.71 1.10 1.38
CA ILE D 248 22.55 0.54 0.70
C ILE D 248 21.65 -0.37 1.53
N LYS D 249 20.36 -0.30 1.23
CA LYS D 249 19.34 -1.10 1.87
C LYS D 249 18.84 -2.17 0.93
N ASP D 250 18.89 -1.89 -0.37
CA ASP D 250 18.40 -2.81 -1.41
C ASP D 250 19.40 -3.02 -2.52
N LEU D 251 19.53 -4.26 -2.94
CA LEU D 251 20.39 -4.63 -4.05
C LEU D 251 19.61 -5.42 -5.10
N GLU D 252 19.71 -5.00 -6.36
CA GLU D 252 19.04 -5.67 -7.49
C GLU D 252 20.06 -6.04 -8.55
N MSE D 253 20.06 -7.30 -8.97
CA MSE D 253 21.02 -7.77 -9.95
C MSE D 253 20.38 -8.51 -11.10
O MSE D 253 19.51 -9.38 -10.91
CB MSE D 253 22.04 -8.68 -9.29
CG MSE D 253 22.87 -8.03 -8.21
SE MSE D 253 24.34 -9.21 -7.79
CE MSE D 253 23.28 -10.72 -7.18
N THR D 254 20.81 -8.17 -12.32
CA THR D 254 20.36 -8.91 -13.49
C THR D 254 21.46 -9.82 -14.01
N VAL D 255 21.20 -11.12 -13.94
CA VAL D 255 22.19 -12.14 -14.24
C VAL D 255 21.61 -13.30 -15.06
N SER D 256 22.47 -14.16 -15.59
CA SER D 256 21.99 -15.34 -16.32
C SER D 256 21.59 -16.44 -15.31
N GLU D 257 20.60 -17.25 -15.67
CA GLU D 257 20.15 -18.36 -14.83
C GLU D 257 21.36 -19.16 -14.37
N ASN D 258 22.40 -19.12 -15.20
CA ASN D 258 23.63 -19.88 -14.98
C ASN D 258 24.74 -19.13 -14.24
N GLU D 259 24.36 -18.09 -13.50
CA GLU D 259 25.27 -17.41 -12.59
C GLU D 259 24.94 -17.95 -11.17
N PRO D 260 25.93 -18.58 -10.53
CA PRO D 260 25.75 -19.33 -9.28
C PRO D 260 25.89 -18.52 -7.98
N LEU D 261 26.11 -17.22 -8.10
CA LEU D 261 26.30 -16.36 -6.92
C LEU D 261 25.32 -16.64 -5.78
N LEU D 262 24.03 -16.71 -6.11
CA LEU D 262 22.99 -16.85 -5.09
C LEU D 262 23.18 -18.07 -4.20
N TYR D 263 23.71 -19.15 -4.78
CA TYR D 263 24.01 -20.37 -4.06
C TYR D 263 25.00 -20.11 -2.92
N THR D 264 25.87 -19.13 -3.08
CA THR D 264 26.94 -18.89 -2.12
C THR D 264 26.61 -17.89 -1.00
N LEU D 265 25.42 -17.33 -1.03
CA LEU D 265 24.96 -16.46 0.05
C LEU D 265 24.80 -17.19 1.38
N GLN D 266 24.83 -16.44 2.47
CA GLN D 266 24.48 -16.95 3.78
C GLN D 266 23.06 -17.54 3.83
N GLU D 267 22.15 -16.88 3.12
CA GLU D 267 20.76 -17.29 3.00
C GLU D 267 20.37 -17.14 1.54
N PRO D 268 20.44 -18.24 0.77
CA PRO D 268 20.17 -18.15 -0.67
C PRO D 268 18.70 -17.94 -1.03
N ARG D 269 17.79 -18.29 -0.12
CA ARG D 269 16.36 -18.07 -0.33
C ARG D 269 16.07 -16.57 -0.30
N VAL D 270 16.30 -15.94 -1.46
CA VAL D 270 16.04 -14.53 -1.68
C VAL D 270 15.05 -14.39 -2.83
N LYS D 271 14.45 -13.21 -2.96
CA LYS D 271 13.46 -12.93 -4.00
C LYS D 271 14.07 -13.05 -5.40
N THR D 272 13.57 -13.98 -6.23
CA THR D 272 14.24 -14.32 -7.51
C THR D 272 13.29 -14.71 -8.66
N GLU D 273 13.21 -13.86 -9.69
CA GLU D 273 12.36 -14.16 -10.84
C GLU D 273 13.15 -14.41 -12.13
N ILE D 274 12.88 -15.53 -12.80
CA ILE D 274 13.33 -15.73 -14.19
C ILE D 274 12.28 -15.12 -15.11
N LYS D 275 12.71 -14.18 -15.94
CA LYS D 275 11.80 -13.52 -16.88
C LYS D 275 12.21 -13.91 -18.29
N PRO D 276 11.32 -14.58 -19.05
CA PRO D 276 11.55 -14.64 -20.49
C PRO D 276 11.69 -13.24 -21.03
N TYR D 277 12.65 -13.02 -21.92
CA TYR D 277 13.10 -11.67 -22.31
C TYR D 277 13.15 -11.43 -23.83
N PHE D 278 13.98 -12.19 -24.53
CA PHE D 278 14.16 -11.94 -25.95
C PHE D 278 13.63 -13.07 -26.83
N MSE D 279 13.26 -12.72 -28.05
CA MSE D 279 12.87 -13.71 -29.04
C MSE D 279 13.92 -13.80 -30.15
O MSE D 279 14.68 -12.86 -30.39
CB MSE D 279 11.48 -13.39 -29.60
CG MSE D 279 10.40 -13.40 -28.57
SE MSE D 279 8.62 -13.25 -29.35
CE MSE D 279 8.26 -15.14 -29.64
N GLY D 280 13.96 -14.95 -30.80
CA GLY D 280 14.93 -15.21 -31.86
C GLY D 280 14.29 -15.99 -32.99
N ARG D 281 14.84 -15.86 -34.21
CA ARG D 281 14.33 -16.64 -35.34
C ARG D 281 15.41 -16.91 -36.34
N ILE D 282 15.50 -18.17 -36.77
CA ILE D 282 16.37 -18.49 -37.88
C ILE D 282 15.71 -17.92 -39.12
N VAL D 283 16.46 -17.10 -39.85
CA VAL D 283 15.98 -16.45 -41.07
C VAL D 283 16.16 -17.35 -42.30
N ASP D 284 17.34 -17.97 -42.39
CA ASP D 284 17.76 -18.83 -43.49
C ASP D 284 18.40 -20.09 -42.90
N VAL D 285 17.64 -21.19 -42.92
CA VAL D 285 18.08 -22.43 -42.29
C VAL D 285 19.32 -22.99 -42.96
N GLU D 286 19.33 -22.99 -44.30
CA GLU D 286 20.45 -23.54 -45.07
C GLU D 286 21.79 -22.84 -44.80
N GLN D 287 21.78 -21.52 -44.80
CA GLN D 287 23.00 -20.78 -44.48
C GLN D 287 23.34 -20.80 -42.99
N PHE D 288 22.32 -20.83 -42.12
CA PHE D 288 22.54 -20.87 -40.69
C PHE D 288 23.37 -22.08 -40.32
N LEU D 289 22.89 -23.24 -40.72
CA LEU D 289 23.51 -24.52 -40.40
C LEU D 289 24.88 -24.71 -41.06
N LYS D 290 25.13 -23.98 -42.14
CA LYS D 290 26.44 -23.96 -42.78
C LYS D 290 27.48 -23.52 -41.76
N GLN D 291 27.06 -22.63 -40.87
CA GLN D 291 27.95 -21.95 -39.95
C GLN D 291 27.91 -22.57 -38.56
N TYR D 292 26.83 -23.29 -38.28
CA TYR D 292 26.51 -23.74 -36.93
C TYR D 292 27.22 -25.03 -36.55
N GLU D 293 28.13 -24.92 -35.59
CA GLU D 293 28.89 -26.08 -35.16
C GLU D 293 28.11 -26.91 -34.15
N LEU D 294 27.78 -28.13 -34.57
CA LEU D 294 27.05 -29.09 -33.77
C LEU D 294 27.96 -29.95 -32.89
N ASN D 295 27.36 -30.74 -32.03
CA ASN D 295 28.08 -31.67 -31.17
C ASN D 295 28.27 -33.00 -31.88
N TRP D 296 29.36 -33.09 -32.63
CA TRP D 296 29.49 -34.08 -33.70
C TRP D 296 29.72 -35.51 -33.23
N ASN D 297 30.64 -35.69 -32.29
CA ASN D 297 31.10 -37.04 -31.97
C ASN D 297 30.24 -37.78 -30.94
N ASN D 298 29.10 -37.19 -30.60
CA ASN D 298 28.11 -37.83 -29.72
C ASN D 298 27.07 -38.70 -30.46
N VAL D 299 26.53 -38.20 -31.57
CA VAL D 299 25.75 -39.04 -32.48
C VAL D 299 26.67 -39.96 -33.29
N GLN D 300 26.09 -40.97 -33.93
CA GLN D 300 26.81 -41.81 -34.90
C GLN D 300 25.81 -42.24 -35.99
N GLN D 301 24.56 -41.86 -35.75
CA GLN D 301 23.49 -41.99 -36.73
C GLN D 301 23.06 -40.60 -37.22
N GLU D 302 22.68 -40.53 -38.49
CA GLU D 302 22.22 -39.29 -39.08
C GLU D 302 20.98 -38.75 -38.36
N VAL D 303 20.86 -37.43 -38.35
CA VAL D 303 19.66 -36.80 -37.86
C VAL D 303 18.99 -36.13 -39.05
N ILE D 304 17.71 -36.43 -39.25
CA ILE D 304 16.97 -35.86 -40.35
C ILE D 304 15.94 -34.93 -39.77
N LEU D 305 15.94 -33.69 -40.23
CA LEU D 305 14.97 -32.69 -39.75
C LEU D 305 14.09 -32.18 -40.88
N HIS D 306 12.79 -32.42 -40.76
CA HIS D 306 11.81 -31.87 -41.69
C HIS D 306 11.35 -30.58 -41.09
N ILE D 307 11.53 -29.48 -41.82
CA ILE D 307 11.31 -28.17 -41.25
C ILE D 307 10.18 -27.43 -41.93
N THR D 308 9.14 -27.10 -41.15
CA THR D 308 8.04 -26.27 -41.63
C THR D 308 8.32 -24.82 -41.23
N ASP D 309 7.87 -23.87 -42.06
CA ASP D 309 7.98 -22.43 -41.79
C ASP D 309 6.93 -21.72 -42.61
N SER D 310 5.76 -21.51 -42.00
CA SER D 310 4.59 -21.03 -42.74
C SER D 310 4.73 -19.62 -43.31
N PHE D 311 5.71 -18.88 -42.81
CA PHE D 311 5.85 -17.47 -43.15
C PHE D 311 7.08 -17.13 -44.00
N ALA D 312 8.09 -18.00 -43.95
CA ALA D 312 9.25 -17.86 -44.81
C ALA D 312 9.34 -19.10 -45.69
N GLN D 313 8.81 -18.97 -46.90
CA GLN D 313 8.67 -20.11 -47.83
C GLN D 313 9.96 -20.95 -47.96
N TRP D 314 11.10 -20.32 -48.18
CA TRP D 314 12.37 -20.98 -48.47
C TRP D 314 12.91 -21.88 -47.37
N ASN D 315 12.33 -21.80 -46.17
CA ASN D 315 12.73 -22.67 -45.08
C ASN D 315 11.95 -23.98 -44.99
N ASN D 316 11.00 -24.18 -45.90
CA ASN D 316 10.26 -25.42 -45.93
C ASN D 316 11.13 -26.48 -46.60
N ILE D 317 12.09 -26.97 -45.82
CA ILE D 317 13.09 -27.90 -46.33
C ILE D 317 13.41 -29.01 -45.35
N THR D 318 13.90 -30.13 -45.87
CA THR D 318 14.35 -31.23 -45.04
C THR D 318 15.87 -31.28 -45.09
N VAL D 319 16.48 -31.44 -43.92
CA VAL D 319 17.92 -31.36 -43.74
C VAL D 319 18.50 -32.68 -43.19
N ARG D 320 19.66 -33.07 -43.70
CA ARG D 320 20.37 -34.24 -43.19
C ARG D 320 21.59 -33.79 -42.40
N ILE D 321 21.70 -34.27 -41.17
CA ILE D 321 22.89 -34.02 -40.35
C ILE D 321 23.63 -35.33 -40.19
N ALA D 322 24.78 -35.42 -40.84
CA ALA D 322 25.57 -36.66 -40.82
C ALA D 322 27.00 -36.39 -41.25
N ASN D 323 27.91 -37.18 -40.69
CA ASN D 323 29.32 -37.17 -41.11
C ASN D 323 29.93 -35.77 -41.17
N HIS D 324 29.74 -35.00 -40.10
CA HIS D 324 30.29 -33.64 -39.99
C HIS D 324 29.81 -32.66 -41.08
N GLU D 325 28.71 -32.98 -41.77
CA GLU D 325 28.17 -32.09 -42.80
C GLU D 325 26.66 -32.00 -42.82
N ILE D 326 26.17 -30.93 -43.43
CA ILE D 326 24.74 -30.65 -43.55
C ILE D 326 24.35 -30.68 -45.03
N THR D 327 23.35 -31.47 -45.38
CA THR D 327 22.84 -31.50 -46.75
C THR D 327 21.31 -31.44 -46.78
N ILE D 328 20.78 -30.61 -47.66
CA ILE D 328 19.36 -30.58 -47.97
C ILE D 328 19.02 -31.84 -48.78
N ILE D 329 18.01 -32.56 -48.31
CA ILE D 329 17.40 -33.65 -49.07
C ILE D 329 16.27 -33.03 -49.87
N GLU D 330 16.40 -33.06 -51.19
CA GLU D 330 15.41 -32.45 -52.06
C GLU D 330 14.07 -33.20 -52.01
N GLU D 331 14.13 -34.53 -52.01
CA GLU D 331 12.92 -35.36 -52.02
C GLU D 331 12.86 -36.37 -50.85
N PRO D 332 12.36 -35.90 -49.70
CA PRO D 332 12.44 -36.64 -48.45
C PRO D 332 11.48 -37.82 -48.34
N ILE D 333 11.76 -38.72 -47.39
CA ILE D 333 10.91 -39.85 -47.05
C ILE D 333 10.37 -39.67 -45.63
N ASP D 334 9.28 -40.36 -45.30
CA ASP D 334 8.54 -40.15 -44.05
C ASP D 334 9.22 -40.77 -42.82
N LYS D 335 10.44 -40.33 -42.53
CA LYS D 335 11.12 -40.69 -41.27
C LYS D 335 12.05 -39.56 -40.82
N GLY D 336 12.27 -39.49 -39.51
CA GLY D 336 13.02 -38.40 -38.92
C GLY D 336 12.07 -37.42 -38.28
N ILE D 337 12.63 -36.33 -37.74
CA ILE D 337 11.90 -35.34 -36.93
C ILE D 337 11.20 -34.25 -37.75
N LYS D 338 9.96 -33.94 -37.38
CA LYS D 338 9.27 -32.79 -37.94
C LYS D 338 9.15 -31.68 -36.90
N LEU D 339 9.42 -30.45 -37.32
CA LEU D 339 9.27 -29.33 -36.42
C LEU D 339 9.00 -27.99 -37.12
N ASP D 340 8.34 -27.09 -36.39
CA ASP D 340 8.19 -25.66 -36.71
C ASP D 340 9.56 -25.02 -36.81
N ILE D 341 9.65 -23.93 -37.57
CA ILE D 341 10.76 -23.00 -37.46
C ILE D 341 10.87 -22.40 -36.03
N ASN D 342 9.73 -22.18 -35.36
CA ASN D 342 9.76 -21.74 -33.98
C ASN D 342 10.53 -22.77 -33.16
N ALA D 343 10.24 -24.06 -33.39
CA ALA D 343 10.84 -25.10 -32.57
C ALA D 343 12.33 -25.25 -32.87
N LEU D 344 12.70 -25.19 -34.15
CA LEU D 344 14.08 -25.30 -34.55
C LEU D 344 14.84 -24.13 -33.97
N SER D 345 14.26 -22.95 -34.05
CA SER D 345 14.91 -21.75 -33.54
C SER D 345 15.19 -21.80 -32.04
N THR D 346 14.21 -22.23 -31.25
CA THR D 346 14.45 -22.30 -29.82
C THR D 346 15.42 -23.41 -29.46
N ILE D 347 15.38 -24.50 -30.23
CA ILE D 347 16.29 -25.59 -29.96
C ILE D 347 17.75 -25.19 -30.22
N LEU D 348 18.01 -24.55 -31.36
CA LEU D 348 19.39 -24.26 -31.76
C LEU D 348 20.05 -23.17 -30.91
N PHE D 349 19.22 -22.31 -30.34
CA PHE D 349 19.64 -21.33 -29.36
C PHE D 349 19.85 -21.97 -28.02
N GLY D 350 19.31 -23.19 -27.85
CA GLY D 350 19.47 -23.94 -26.61
C GLY D 350 18.54 -23.48 -25.50
N TYR D 351 17.51 -22.75 -25.89
CA TYR D 351 16.54 -22.26 -24.94
C TYR D 351 15.62 -23.35 -24.40
N ARG D 352 15.13 -24.22 -25.30
CA ARG D 352 14.41 -25.46 -24.93
C ARG D 352 15.11 -26.64 -25.58
N ARG D 353 15.14 -27.77 -24.89
CA ARG D 353 15.82 -28.94 -25.40
C ARG D 353 14.88 -29.77 -26.28
N PRO D 354 15.42 -30.51 -27.27
CA PRO D 354 14.57 -31.38 -28.06
C PRO D 354 13.62 -32.25 -27.21
N LEU D 355 14.13 -32.77 -26.08
CA LEU D 355 13.32 -33.61 -25.20
C LEU D 355 12.10 -32.90 -24.64
N GLU D 356 12.30 -31.64 -24.25
CA GLU D 356 11.24 -30.84 -23.66
C GLU D 356 10.14 -30.56 -24.66
N LEU D 357 10.52 -30.22 -25.89
CA LEU D 357 9.54 -29.91 -26.92
C LEU D 357 8.81 -31.14 -27.41
N ASN D 358 9.47 -32.29 -27.36
CA ASN D 358 8.84 -33.56 -27.70
C ASN D 358 7.76 -33.92 -26.68
N GLU D 359 8.06 -33.66 -25.42
CA GLU D 359 7.11 -33.83 -24.33
C GLU D 359 5.85 -32.97 -24.56
N LEU D 360 6.07 -31.72 -24.98
CA LEU D 360 4.98 -30.78 -25.31
C LEU D 360 4.30 -31.07 -26.66
N GLU D 361 4.72 -32.16 -27.31
CA GLU D 361 4.14 -32.57 -28.59
C GLU D 361 4.35 -31.50 -29.63
N LEU D 362 5.45 -30.76 -29.52
CA LEU D 362 5.72 -29.68 -30.46
C LEU D 362 6.67 -30.12 -31.57
N ILE D 363 7.44 -31.17 -31.30
CA ILE D 363 8.23 -31.84 -32.35
C ILE D 363 7.87 -33.32 -32.32
N SER D 364 8.15 -34.02 -33.40
CA SER D 364 7.77 -35.42 -33.47
C SER D 364 8.87 -36.30 -34.03
N GLY D 365 8.99 -37.50 -33.46
CA GLY D 365 9.91 -38.54 -33.91
C GLY D 365 10.03 -39.73 -32.95
N SER D 366 10.70 -40.79 -33.40
CA SER D 366 10.91 -41.95 -32.56
C SER D 366 11.74 -41.59 -31.32
N GLU D 367 11.62 -42.44 -30.27
CA GLU D 367 12.37 -42.25 -29.03
C GLU D 367 13.86 -42.21 -29.30
N GLU D 368 14.27 -42.85 -30.39
CA GLU D 368 15.68 -42.90 -30.77
C GLU D 368 16.09 -41.70 -31.62
N GLU D 369 15.20 -41.28 -32.53
CA GLU D 369 15.45 -40.11 -33.34
C GLU D 369 15.62 -38.88 -32.45
N ILE D 370 14.74 -38.76 -31.46
CA ILE D 370 14.76 -37.64 -30.55
C ILE D 370 16.01 -37.67 -29.67
N ARG D 371 16.39 -38.86 -29.21
CA ARG D 371 17.61 -39.03 -28.41
C ARG D 371 18.85 -38.54 -29.16
N ALA D 372 18.89 -38.80 -30.47
CA ALA D 372 19.99 -38.39 -31.35
C ALA D 372 19.97 -36.90 -31.66
N PHE D 373 18.78 -36.32 -31.79
CA PHE D 373 18.65 -34.89 -31.92
C PHE D 373 19.20 -34.20 -30.68
N GLU D 374 18.78 -34.69 -29.51
CA GLU D 374 19.21 -34.15 -28.21
C GLU D 374 20.73 -34.16 -28.06
N SER D 375 21.39 -35.20 -28.58
CA SER D 375 22.85 -35.31 -28.52
C SER D 375 23.59 -34.33 -29.42
N VAL D 376 23.11 -34.12 -30.65
CA VAL D 376 23.84 -33.25 -31.58
C VAL D 376 23.74 -31.76 -31.25
N VAL D 377 22.61 -31.33 -30.68
CA VAL D 377 22.45 -29.93 -30.36
C VAL D 377 23.31 -29.56 -29.17
N PRO D 378 24.19 -28.57 -29.34
CA PRO D 378 25.11 -28.15 -28.26
C PRO D 378 24.38 -27.84 -26.95
N VAL D 379 25.03 -28.08 -25.81
CA VAL D 379 24.47 -27.83 -24.46
C VAL D 379 24.55 -26.36 -24.00
N ARG D 380 25.33 -25.57 -24.72
CA ARG D 380 25.47 -24.12 -24.51
C ARG D 380 24.13 -23.46 -24.22
N LYS D 381 24.11 -22.50 -23.30
CA LYS D 381 22.88 -21.83 -22.90
C LYS D 381 22.71 -20.47 -23.60
N PRO D 382 21.46 -20.01 -23.78
CA PRO D 382 21.33 -18.71 -24.41
C PRO D 382 21.35 -17.56 -23.41
N PHE D 383 21.80 -16.40 -23.88
CA PHE D 383 21.80 -15.18 -23.09
C PHE D 383 22.04 -13.96 -23.97
N ILE D 384 21.32 -12.89 -23.67
CA ILE D 384 21.58 -11.59 -24.26
C ILE D 384 21.48 -10.56 -23.13
N TYR D 385 22.49 -9.70 -22.99
CA TYR D 385 22.48 -8.66 -21.97
C TYR D 385 22.00 -7.30 -22.50
N ASP D 386 21.82 -7.24 -23.81
CA ASP D 386 21.54 -5.99 -24.48
C ASP D 386 20.05 -5.78 -24.69
N PHE D 387 19.69 -4.55 -25.02
CA PHE D 387 18.32 -4.22 -25.42
C PHE D 387 18.32 -3.35 -26.68
N PHE D 388 17.30 -3.51 -27.53
CA PHE D 388 17.10 -2.63 -28.70
C PHE D 388 15.68 -2.57 -29.27
N ASN E 5 -12.41 50.72 -1.34
CA ASN E 5 -11.85 49.41 -0.94
C ASN E 5 -11.37 48.60 -2.15
N VAL E 6 -12.32 48.07 -2.93
CA VAL E 6 -12.02 47.20 -4.06
C VAL E 6 -11.56 48.01 -5.26
N ILE E 7 -10.38 47.67 -5.76
CA ILE E 7 -9.76 48.37 -6.88
C ILE E 7 -9.50 47.38 -8.00
N ARG E 8 -9.64 47.84 -9.24
CA ARG E 8 -9.22 47.03 -10.39
C ARG E 8 -7.71 47.08 -10.51
N LEU E 9 -7.07 45.92 -10.35
CA LEU E 9 -5.64 45.81 -10.46
C LEU E 9 -5.19 46.21 -11.84
N LYS E 10 -4.11 46.99 -11.90
CA LYS E 10 -3.48 47.32 -13.16
C LYS E 10 -2.27 46.44 -13.41
N GLU E 11 -1.78 46.48 -14.65
CA GLU E 11 -0.63 45.71 -15.12
C GLU E 11 0.58 45.61 -14.16
N ASP E 12 0.92 46.68 -13.45
CA ASP E 12 2.05 46.62 -12.50
C ASP E 12 1.88 45.56 -11.39
N LYS E 13 0.69 45.51 -10.80
CA LYS E 13 0.43 44.66 -9.62
C LYS E 13 0.19 43.20 -9.97
N PHE E 14 0.29 42.86 -11.26
CA PHE E 14 0.02 41.49 -11.75
C PHE E 14 0.99 40.43 -11.25
N ARG E 15 2.28 40.78 -11.11
CA ARG E 15 3.27 39.86 -10.56
C ARG E 15 2.96 39.56 -9.08
N GLU E 16 2.52 40.59 -8.36
CA GLU E 16 2.16 40.43 -6.96
C GLU E 16 0.94 39.53 -6.82
N ALA E 17 -0.02 39.69 -7.73
CA ALA E 17 -1.24 38.90 -7.78
C ALA E 17 -0.93 37.45 -8.00
N LEU E 18 -0.02 37.19 -8.92
CA LEU E 18 0.38 35.83 -9.23
C LEU E 18 1.20 35.22 -8.09
N ARG E 19 1.90 36.04 -7.31
CA ARG E 19 2.62 35.56 -6.12
C ARG E 19 1.66 35.04 -5.06
N LEU E 20 0.47 35.65 -5.00
CA LEU E 20 -0.61 35.21 -4.11
C LEU E 20 -1.31 33.99 -4.68
N SER E 21 -1.48 33.98 -5.99
CA SER E 21 -1.97 32.80 -6.69
C SER E 21 -1.04 31.59 -6.42
N GLU E 22 0.26 31.79 -6.60
CA GLU E 22 1.27 30.75 -6.39
C GLU E 22 1.24 30.20 -4.97
N TYR E 23 0.93 31.08 -4.01
CA TYR E 23 0.95 30.72 -2.59
C TYR E 23 -0.26 29.89 -2.20
N ALA E 24 -1.45 30.38 -2.59
CA ALA E 24 -2.75 29.81 -2.21
C ALA E 24 -3.03 28.46 -2.85
N PHE E 25 -2.49 28.25 -4.06
CA PHE E 25 -2.77 27.05 -4.82
C PHE E 25 -1.51 26.20 -4.97
N GLN E 26 -0.53 26.47 -4.12
CA GLN E 26 0.71 25.68 -3.96
C GLN E 26 1.32 25.18 -5.25
N TYR E 27 1.70 26.12 -6.12
CA TYR E 27 2.47 25.79 -7.32
C TYR E 27 3.53 26.86 -7.57
N LYS E 28 4.54 26.52 -8.36
CA LYS E 28 5.55 27.48 -8.76
C LYS E 28 5.65 27.43 -10.29
N VAL E 29 5.07 28.44 -10.94
CA VAL E 29 5.00 28.53 -12.42
C VAL E 29 6.36 28.56 -13.13
N GLU E 31 8.64 30.48 -14.79
CA GLU E 31 9.46 31.67 -14.97
C GLU E 31 9.30 32.27 -16.38
N ASP E 32 9.35 31.39 -17.39
CA ASP E 32 9.08 31.76 -18.78
C ASP E 32 7.58 31.72 -19.07
N ARG E 33 6.90 30.69 -18.55
CA ARG E 33 5.43 30.57 -18.62
C ARG E 33 4.73 31.64 -17.76
N LEU E 34 5.51 32.37 -16.95
CA LEU E 34 4.99 33.44 -16.12
C LEU E 34 4.39 34.58 -16.95
N GLN E 35 5.01 34.87 -18.09
CA GLN E 35 4.51 35.89 -19.00
C GLN E 35 3.23 35.52 -19.77
N GLN E 36 2.98 34.22 -19.94
CA GLN E 36 1.69 33.74 -20.46
C GLN E 36 0.56 34.20 -19.54
N GLN E 37 0.73 33.93 -18.25
CA GLN E 37 -0.25 34.27 -17.22
C GLN E 37 -0.52 35.78 -17.24
N ILE E 38 0.54 36.57 -17.18
CA ILE E 38 0.44 38.01 -17.31
C ILE E 38 -0.44 38.37 -18.50
N THR E 39 -0.11 37.82 -19.67
CA THR E 39 -0.83 38.11 -20.92
C THR E 39 -2.29 37.73 -20.82
N LYS E 40 -2.57 36.48 -20.45
CA LYS E 40 -3.94 35.99 -20.28
C LYS E 40 -4.74 36.97 -19.45
N MSE E 41 -4.15 37.44 -18.35
CA MSE E 41 -4.79 38.42 -17.48
C MSE E 41 -5.11 39.75 -18.16
O MSE E 41 -6.24 40.23 -18.08
CB MSE E 41 -3.97 38.61 -16.22
CG MSE E 41 -3.97 37.39 -15.32
SE MSE E 41 -2.66 37.51 -13.87
CE MSE E 41 -3.39 39.03 -12.89
N LYS E 42 -4.13 40.35 -18.85
CA LYS E 42 -4.37 41.57 -19.65
C LYS E 42 -5.48 41.36 -20.67
N GLU E 43 -5.37 40.26 -21.40
CA GLU E 43 -6.11 40.03 -22.63
C GLU E 43 -7.55 39.60 -22.42
N SER E 44 -7.84 38.95 -21.31
CA SER E 44 -9.14 38.29 -21.14
C SER E 44 -9.69 38.14 -19.71
N HIS E 45 -9.05 38.81 -18.75
CA HIS E 45 -9.50 38.83 -17.37
C HIS E 45 -9.74 40.26 -16.88
N GLU E 46 -10.54 40.36 -15.83
CA GLU E 46 -10.70 41.57 -15.03
C GLU E 46 -10.32 41.16 -13.61
N VAL E 47 -9.13 41.57 -13.20
CA VAL E 47 -8.54 41.18 -11.93
C VAL E 47 -8.82 42.22 -10.85
N TYR E 48 -9.46 41.79 -9.75
CA TYR E 48 -9.82 42.70 -8.67
C TYR E 48 -9.10 42.35 -7.37
N GLY E 49 -8.65 43.37 -6.64
CA GLY E 49 -7.98 43.16 -5.37
C GLY E 49 -8.35 44.14 -4.26
N ILE E 50 -7.94 43.78 -3.04
CA ILE E 50 -8.01 44.70 -1.92
C ILE E 50 -6.62 44.87 -1.27
N MSE E 51 -6.22 46.12 -1.02
CA MSE E 51 -4.92 46.38 -0.43
C MSE E 51 -5.01 46.54 1.09
O MSE E 51 -6.02 47.04 1.60
CB MSE E 51 -4.28 47.65 -1.02
CG MSE E 51 -4.35 47.76 -2.54
SE MSE E 51 -3.16 46.53 -3.52
CE MSE E 51 -1.40 47.18 -2.90
N GLU E 52 -3.98 46.09 1.80
CA GLU E 52 -3.81 46.45 3.20
C GLU E 52 -2.41 46.98 3.38
N GLY E 53 -2.31 48.26 3.74
CA GLY E 53 -1.05 48.98 3.67
C GLY E 53 -0.59 48.98 2.23
N GLU E 54 0.68 48.64 2.02
CA GLU E 54 1.26 48.63 0.68
C GLU E 54 1.04 47.30 -0.04
N ASN E 55 0.37 46.34 0.59
CA ASN E 55 0.33 44.98 0.08
C ASN E 55 -1.02 44.44 -0.37
N LEU E 56 -0.99 43.68 -1.45
CA LEU E 56 -2.18 43.06 -1.96
C LEU E 56 -2.53 41.90 -1.04
N ALA E 57 -3.76 41.92 -0.53
CA ALA E 57 -4.20 41.05 0.54
C ALA E 57 -5.13 39.96 0.03
N ALA E 58 -5.89 40.30 -1.01
CA ALA E 58 -6.83 39.37 -1.60
C ALA E 58 -7.12 39.71 -3.05
N LYS E 59 -7.43 38.68 -3.85
CA LYS E 59 -7.76 38.88 -5.25
C LYS E 59 -8.97 38.04 -5.70
N LEU E 60 -9.63 38.52 -6.76
CA LEU E 60 -10.65 37.76 -7.48
C LEU E 60 -10.48 38.08 -8.96
N HIS E 61 -10.63 37.09 -9.84
CA HIS E 61 -10.65 37.33 -11.29
C HIS E 61 -12.07 37.16 -11.83
N LEU E 62 -12.50 38.08 -12.70
CA LEU E 62 -13.77 37.93 -13.42
C LEU E 62 -13.51 37.80 -14.91
N ILE E 63 -13.77 36.61 -15.44
CA ILE E 63 -13.50 36.34 -16.84
C ILE E 63 -14.80 36.48 -17.61
N PRO E 64 -14.82 37.36 -18.62
CA PRO E 64 -15.99 37.46 -19.49
C PRO E 64 -16.14 36.19 -20.32
N PHE E 65 -17.30 35.55 -20.23
CA PHE E 65 -17.62 34.33 -20.97
C PHE E 65 -19.01 34.43 -21.57
N HIS E 66 -19.36 33.44 -22.38
CA HIS E 66 -20.73 33.16 -22.76
C HIS E 66 -21.01 31.66 -22.57
N ILE E 67 -22.25 31.31 -22.25
CA ILE E 67 -22.60 29.90 -22.15
C ILE E 67 -23.82 29.56 -23.00
N TYR E 68 -24.01 28.26 -23.24
CA TYR E 68 -25.21 27.76 -23.88
C TYR E 68 -26.23 27.26 -22.85
N ILE E 69 -27.40 27.88 -22.85
CA ILE E 69 -28.57 27.28 -22.26
C ILE E 69 -29.46 26.95 -23.45
N GLY E 70 -29.41 25.69 -23.87
CA GLY E 70 -29.93 25.30 -25.17
C GLY E 70 -29.23 26.08 -26.26
N LYS E 71 -29.98 26.50 -27.27
CA LYS E 71 -29.42 27.29 -28.35
C LYS E 71 -29.10 28.71 -27.92
N GLU E 72 -29.65 29.12 -26.78
CA GLU E 72 -29.55 30.52 -26.34
C GLU E 72 -28.22 30.81 -25.64
N LYS E 73 -27.55 31.87 -26.08
CA LYS E 73 -26.28 32.28 -25.51
C LYS E 73 -26.48 33.31 -24.42
N PHE E 74 -25.91 33.03 -23.26
CA PHE E 74 -26.06 33.87 -22.09
C PHE E 74 -24.70 34.43 -21.74
N LYS E 75 -24.66 35.73 -21.49
CA LYS E 75 -23.45 36.38 -21.03
C LYS E 75 -23.23 35.84 -19.64
N MSE E 76 -22.04 35.29 -19.40
CA MSE E 76 -21.75 34.60 -18.17
C MSE E 76 -20.42 35.09 -17.61
O MSE E 76 -19.44 35.12 -18.33
CB MSE E 76 -21.73 33.08 -18.40
CG MSE E 76 -21.50 32.24 -17.15
SE MSE E 76 -19.62 32.10 -16.61
CE MSE E 76 -19.11 30.57 -17.64
N GLY E 77 -20.42 35.46 -16.34
CA GLY E 77 -19.24 36.01 -15.67
C GLY E 77 -18.56 34.93 -14.86
N GLY E 78 -17.39 34.50 -15.34
CA GLY E 78 -16.62 33.45 -14.67
C GLY E 78 -15.80 34.00 -13.52
N VAL E 79 -16.06 33.50 -12.33
CA VAL E 79 -15.29 33.87 -11.16
C VAL E 79 -14.16 32.86 -11.02
N ALA E 80 -12.93 33.36 -10.87
CA ALA E 80 -11.76 32.47 -10.77
C ALA E 80 -10.63 33.11 -9.95
N GLY E 81 -9.64 32.29 -9.60
CA GLY E 81 -8.48 32.69 -8.81
C GLY E 81 -8.79 33.51 -7.58
N VAL E 82 -9.86 33.18 -6.88
CA VAL E 82 -10.23 33.84 -5.65
C VAL E 82 -9.26 33.40 -4.59
N ALA E 83 -8.63 34.35 -3.90
CA ALA E 83 -7.55 34.05 -2.94
C ALA E 83 -7.23 35.19 -1.97
N THR E 84 -6.72 34.83 -0.81
CA THR E 84 -6.29 35.77 0.21
C THR E 84 -5.14 35.19 1.01
N TYR E 85 -4.19 36.02 1.43
CA TYR E 85 -3.15 35.52 2.32
C TYR E 85 -3.78 35.29 3.69
N PRO E 86 -3.38 34.21 4.38
CA PRO E 86 -3.96 33.83 5.67
C PRO E 86 -3.97 34.94 6.73
N GLU E 87 -2.90 35.72 6.79
CA GLU E 87 -2.79 36.83 7.75
C GLU E 87 -3.91 37.86 7.61
N TYR E 88 -4.52 37.94 6.43
CA TYR E 88 -5.61 38.84 6.21
C TYR E 88 -6.97 38.13 6.14
N ARG E 89 -7.03 36.88 6.61
CA ARG E 89 -8.30 36.15 6.59
C ARG E 89 -9.31 36.69 7.60
N ARG E 90 -8.85 37.14 8.76
CA ARG E 90 -9.72 37.73 9.79
C ARG E 90 -10.49 38.97 9.27
N SER E 91 -9.87 39.71 8.36
CA SER E 91 -10.52 40.85 7.71
C SER E 91 -11.69 40.49 6.78
N GLY E 92 -11.71 39.27 6.23
CA GLY E 92 -12.79 38.86 5.33
C GLY E 92 -12.87 39.72 4.09
N TYR E 93 -11.78 39.73 3.32
CA TYR E 93 -11.68 40.54 2.13
C TYR E 93 -12.37 39.89 0.94
N VAL E 94 -12.45 38.57 0.95
CA VAL E 94 -13.04 37.83 -0.16
C VAL E 94 -14.54 38.15 -0.30
N LYS E 95 -15.23 38.26 0.84
CA LYS E 95 -16.63 38.65 0.85
C LYS E 95 -16.79 39.96 0.08
N GLU E 96 -16.04 41.00 0.45
CA GLU E 96 -16.11 42.32 -0.23
C GLU E 96 -15.92 42.18 -1.74
N LEU E 97 -14.92 41.41 -2.15
CA LEU E 97 -14.64 41.16 -3.56
C LEU E 97 -15.79 40.45 -4.27
N LEU E 98 -16.38 39.46 -3.61
CA LEU E 98 -17.44 38.70 -4.24
C LEU E 98 -18.69 39.57 -4.47
N GLN E 99 -18.99 40.42 -3.48
CA GLN E 99 -20.09 41.38 -3.57
C GLN E 99 -19.84 42.35 -4.70
N HIS E 100 -18.60 42.81 -4.81
CA HIS E 100 -18.24 43.77 -5.82
C HIS E 100 -18.39 43.16 -7.22
N SER E 101 -17.97 41.91 -7.38
CA SER E 101 -18.08 41.22 -8.68
C SER E 101 -19.54 41.06 -9.11
N LEU E 102 -20.42 40.74 -8.16
CA LEU E 102 -21.86 40.75 -8.41
C LEU E 102 -22.38 42.10 -8.95
N GLN E 103 -21.92 43.21 -8.37
CA GLN E 103 -22.38 44.53 -8.80
C GLN E 103 -21.86 44.88 -10.18
N THR E 104 -20.59 44.54 -10.42
CA THR E 104 -19.95 44.69 -11.71
C THR E 104 -20.67 43.88 -12.79
N MSE E 105 -21.09 42.68 -12.44
CA MSE E 105 -21.73 41.77 -13.38
C MSE E 105 -23.10 42.29 -13.78
O MSE E 105 -23.41 42.38 -14.96
CB MSE E 105 -21.81 40.35 -12.82
CG MSE E 105 -20.48 39.59 -12.91
SE MSE E 105 -20.52 37.72 -12.27
CE MSE E 105 -20.11 37.95 -10.39
N LYS E 106 -23.89 42.66 -12.78
CA LYS E 106 -25.19 43.25 -12.99
C LYS E 106 -25.04 44.44 -13.94
N LYS E 107 -24.05 45.28 -13.65
CA LYS E 107 -23.84 46.54 -14.38
C LYS E 107 -23.44 46.30 -15.86
N ASP E 108 -22.65 45.26 -16.10
CA ASP E 108 -22.11 44.94 -17.43
C ASP E 108 -23.05 44.07 -18.26
N GLY E 109 -24.06 43.51 -17.60
CA GLY E 109 -25.08 42.71 -18.29
C GLY E 109 -24.87 41.22 -18.18
N TYR E 110 -24.04 40.79 -17.23
CA TYR E 110 -23.92 39.37 -16.96
C TYR E 110 -25.13 38.91 -16.17
N THR E 111 -25.96 38.08 -16.77
CA THR E 111 -27.14 37.55 -16.08
C THR E 111 -26.84 36.32 -15.19
N VAL E 112 -25.75 35.63 -15.50
CA VAL E 112 -25.42 34.34 -14.89
C VAL E 112 -23.92 34.20 -14.62
N SER E 113 -23.57 33.55 -13.51
CA SER E 113 -22.17 33.35 -13.10
C SER E 113 -21.81 31.88 -12.80
N MSE E 114 -20.58 31.49 -13.10
CA MSE E 114 -20.10 30.13 -12.81
C MSE E 114 -18.68 30.14 -12.27
O MSE E 114 -17.86 30.95 -12.70
CB MSE E 114 -20.18 29.24 -14.06
CG MSE E 114 -21.59 29.00 -14.57
SE MSE E 114 -21.64 27.91 -16.17
CE MSE E 114 -21.44 26.14 -15.36
N LEU E 115 -18.41 29.25 -11.33
CA LEU E 115 -17.09 29.15 -10.73
C LEU E 115 -16.77 27.72 -10.31
N HIS E 116 -15.48 27.41 -10.15
CA HIS E 116 -15.08 26.13 -9.57
C HIS E 116 -14.69 26.31 -8.10
N PRO E 117 -15.47 25.73 -7.18
CA PRO E 117 -15.29 25.96 -5.73
C PRO E 117 -14.08 25.25 -5.13
N PHE E 118 -13.29 25.95 -4.32
CA PHE E 118 -12.34 25.23 -3.46
C PHE E 118 -13.14 24.51 -2.36
N ALA E 119 -14.20 25.18 -1.88
CA ALA E 119 -15.18 24.59 -0.97
C ALA E 119 -16.58 25.02 -1.42
N VAL E 120 -17.55 24.12 -1.31
CA VAL E 120 -18.90 24.44 -1.78
C VAL E 120 -19.63 25.31 -0.78
N SER E 121 -19.50 24.99 0.50
CA SER E 121 -20.23 25.72 1.54
C SER E 121 -19.92 27.22 1.55
N PHE E 122 -18.71 27.58 1.12
CA PHE E 122 -18.30 28.97 1.14
C PHE E 122 -19.03 29.79 0.06
N TYR E 123 -19.16 29.23 -1.14
CA TYR E 123 -19.87 29.96 -2.18
C TYR E 123 -21.38 29.81 -2.02
N ARG E 124 -21.81 28.71 -1.40
CA ARG E 124 -23.21 28.49 -1.11
C ARG E 124 -23.73 29.62 -0.30
N LYS E 125 -22.89 30.11 0.60
CA LYS E 125 -23.23 31.13 1.55
C LYS E 125 -23.64 32.39 0.79
N TYR E 126 -23.01 32.64 -0.36
CA TYR E 126 -23.21 33.89 -1.13
C TYR E 126 -24.06 33.72 -2.39
N GLY E 127 -24.79 32.61 -2.47
CA GLY E 127 -25.80 32.44 -3.50
C GLY E 127 -25.51 31.48 -4.64
N TRP E 128 -24.24 31.19 -4.89
CA TRP E 128 -23.86 30.17 -5.87
C TRP E 128 -24.36 28.83 -5.40
N GLU E 129 -24.64 27.92 -6.34
CA GLU E 129 -25.15 26.61 -6.00
C GLU E 129 -24.53 25.61 -6.92
N LEU E 130 -24.44 24.35 -6.50
CA LEU E 130 -23.92 23.31 -7.39
C LEU E 130 -24.81 23.27 -8.63
N CYS E 131 -24.21 23.18 -9.82
CA CYS E 131 -25.05 23.18 -11.00
C CYS E 131 -24.71 22.16 -12.08
N ALA E 132 -23.66 21.35 -11.87
CA ALA E 132 -23.22 20.39 -12.89
C ALA E 132 -22.31 19.29 -12.34
N ASN E 133 -22.49 18.06 -12.82
CA ASN E 133 -21.56 16.98 -12.51
C ASN E 133 -20.69 16.58 -13.72
N LEU E 134 -19.62 15.84 -13.40
CA LEU E 134 -18.90 15.04 -14.37
C LEU E 134 -19.03 13.61 -13.94
N LEU E 135 -19.16 12.73 -14.93
CA LEU E 135 -19.12 11.29 -14.71
C LEU E 135 -17.73 10.78 -15.13
N VAL E 136 -17.04 10.15 -14.20
CA VAL E 136 -15.76 9.55 -14.54
C VAL E 136 -15.90 8.05 -14.46
N CYS E 137 -15.63 7.38 -15.56
CA CYS E 137 -15.70 5.93 -15.55
C CYS E 137 -14.41 5.30 -16.00
N HIS E 138 -14.04 4.20 -15.34
CA HIS E 138 -12.80 3.46 -15.62
C HIS E 138 -13.09 2.06 -16.12
N MSE E 139 -12.49 1.72 -17.26
CA MSE E 139 -12.51 0.36 -17.74
C MSE E 139 -11.10 -0.20 -17.93
O MSE E 139 -10.11 0.52 -17.79
CB MSE E 139 -13.34 0.19 -19.00
CG MSE E 139 -13.32 1.34 -19.94
SE MSE E 139 -15.17 1.87 -20.34
CE MSE E 139 -15.47 2.99 -18.76
N THR E 140 -11.03 -1.51 -18.19
CA THR E 140 -9.78 -2.19 -18.41
C THR E 140 -9.74 -2.84 -19.80
N LYS E 141 -8.57 -3.38 -20.15
CA LYS E 141 -8.33 -4.07 -21.43
C LYS E 141 -9.48 -4.97 -21.88
N SER E 142 -9.96 -5.82 -20.97
CA SER E 142 -11.04 -6.78 -21.27
C SER E 142 -12.34 -6.12 -21.75
N ASP E 143 -12.59 -4.89 -21.29
CA ASP E 143 -13.78 -4.13 -21.70
C ASP E 143 -13.73 -3.65 -23.15
N LEU E 144 -12.55 -3.67 -23.77
CA LEU E 144 -12.33 -3.11 -25.11
C LEU E 144 -12.71 -4.05 -26.27
N VAL E 145 -13.98 -4.43 -26.29
CA VAL E 145 -14.56 -5.30 -27.31
C VAL E 145 -15.14 -4.40 -28.38
N MSE E 146 -14.87 -4.71 -29.63
CA MSE E 146 -15.34 -3.87 -30.72
C MSE E 146 -16.81 -4.09 -31.02
O MSE E 146 -17.32 -5.21 -30.87
CB MSE E 146 -14.52 -4.11 -31.98
CG MSE E 146 -13.05 -3.89 -31.75
SE MSE E 146 -12.29 -3.05 -33.32
CE MSE E 146 -12.30 -4.63 -34.51
N LYS E 147 -17.47 -3.03 -31.45
CA LYS E 147 -18.83 -3.13 -31.98
C LYS E 147 -18.75 -3.37 -33.48
N LYS E 148 -19.88 -3.47 -34.17
CA LYS E 148 -19.86 -3.73 -35.61
C LYS E 148 -19.02 -2.68 -36.34
N GLN E 149 -18.26 -3.13 -37.34
CA GLN E 149 -17.43 -2.23 -38.16
C GLN E 149 -18.26 -1.05 -38.66
N VAL E 150 -17.68 0.15 -38.57
CA VAL E 150 -18.35 1.36 -39.03
C VAL E 150 -17.66 1.89 -40.31
N ASN E 151 -18.44 2.48 -41.21
CA ASN E 151 -17.94 2.84 -42.55
C ASN E 151 -17.00 4.05 -42.64
N GLY E 152 -17.15 5.01 -41.75
CA GLY E 152 -16.36 6.25 -41.84
C GLY E 152 -14.92 6.11 -41.41
N THR E 153 -14.24 7.25 -41.30
CA THR E 153 -12.81 7.30 -40.93
C THR E 153 -12.56 8.19 -39.72
N VAL E 154 -11.53 7.85 -38.95
CA VAL E 154 -11.09 8.65 -37.81
C VAL E 154 -9.79 9.34 -38.22
N LYS E 155 -9.60 10.59 -37.81
CA LYS E 155 -8.36 11.32 -38.07
C LYS E 155 -7.85 12.04 -36.82
N ARG E 156 -6.54 12.24 -36.72
CA ARG E 156 -5.90 12.76 -35.51
C ARG E 156 -5.33 14.14 -35.72
N PHE E 157 -5.43 14.99 -34.69
CA PHE E 157 -4.93 16.36 -34.76
C PHE E 157 -4.30 16.74 -33.45
N ASN E 158 -3.48 17.79 -33.49
CA ASN E 158 -2.89 18.40 -32.31
C ASN E 158 -3.12 19.90 -32.39
N LYS E 159 -2.85 20.62 -31.29
CA LYS E 159 -3.00 22.08 -31.25
C LYS E 159 -2.63 22.75 -32.58
N GLU E 160 -1.51 22.34 -33.16
CA GLU E 160 -1.01 22.91 -34.42
C GLU E 160 -1.89 22.61 -35.63
N SER E 161 -2.57 21.48 -35.61
CA SER E 161 -3.40 21.09 -36.75
C SER E 161 -4.89 21.38 -36.50
N HIS E 162 -5.19 22.25 -35.53
CA HIS E 162 -6.57 22.55 -35.11
C HIS E 162 -7.52 22.73 -36.30
N PRO E 163 -8.48 21.80 -36.47
CA PRO E 163 -9.44 21.90 -37.55
C PRO E 163 -10.64 22.74 -37.14
N GLU E 164 -11.01 23.72 -37.97
CA GLU E 164 -12.12 24.62 -37.63
C GLU E 164 -13.43 23.85 -37.41
N GLU E 165 -13.57 22.70 -38.06
CA GLU E 165 -14.83 21.93 -38.03
C GLU E 165 -15.16 21.31 -36.67
N VAL E 166 -14.15 20.99 -35.87
CA VAL E 166 -14.35 20.50 -34.50
C VAL E 166 -15.17 21.48 -33.65
N GLU E 167 -15.12 22.77 -34.00
CA GLU E 167 -15.87 23.82 -33.31
C GLU E 167 -17.39 23.73 -33.52
N LYS E 168 -17.81 23.40 -34.75
CA LYS E 168 -19.21 23.14 -35.07
C LYS E 168 -19.75 21.93 -34.33
N LEU E 169 -18.96 20.84 -34.37
CA LEU E 169 -19.29 19.62 -33.65
C LEU E 169 -19.54 19.94 -32.21
N TYR E 170 -18.60 20.66 -31.60
CA TYR E 170 -18.75 21.06 -30.21
C TYR E 170 -20.04 21.85 -29.99
N GLU E 171 -20.28 22.89 -30.81
CA GLU E 171 -21.48 23.71 -30.64
C GLU E 171 -22.77 22.89 -30.67
N THR E 172 -22.86 21.98 -31.64
CA THR E 172 -24.02 21.10 -31.79
C THR E 172 -24.26 20.28 -30.53
N PHE E 173 -23.19 19.71 -29.98
CA PHE E 173 -23.23 18.99 -28.72
C PHE E 173 -23.71 19.90 -27.57
N ALA E 174 -23.09 21.07 -27.44
CA ALA E 174 -23.27 21.92 -26.28
C ALA E 174 -24.70 22.39 -26.16
N GLU E 175 -25.30 22.77 -27.29
CA GLU E 175 -26.68 23.23 -27.33
C GLU E 175 -27.71 22.24 -26.79
N LEU E 176 -27.29 21.01 -26.52
CA LEU E 176 -28.19 20.02 -25.91
C LEU E 176 -28.32 20.19 -24.40
N PHE E 177 -27.44 21.00 -23.82
CA PHE E 177 -27.31 21.14 -22.37
C PHE E 177 -27.57 22.54 -21.86
N SER E 178 -27.21 22.76 -20.60
CA SER E 178 -27.17 24.08 -20.01
C SER E 178 -25.82 24.23 -19.32
N GLY E 179 -25.11 25.32 -19.61
CA GLY E 179 -23.91 25.68 -18.88
C GLY E 179 -22.61 25.37 -19.61
N MSE E 180 -22.72 24.85 -20.84
CA MSE E 180 -21.54 24.66 -21.68
C MSE E 180 -20.98 26.01 -22.12
O MSE E 180 -21.71 26.95 -22.40
CB MSE E 180 -21.87 23.79 -22.90
CG MSE E 180 -22.32 22.36 -22.57
SE MSE E 180 -20.87 21.12 -22.13
CE MSE E 180 -20.07 20.95 -23.88
N LEU E 181 -19.65 26.10 -22.15
CA LEU E 181 -18.93 27.34 -22.41
C LEU E 181 -18.82 27.58 -23.91
N VAL E 182 -18.99 28.83 -24.34
CA VAL E 182 -18.84 29.15 -25.75
C VAL E 182 -17.35 29.25 -26.12
N ARG E 183 -16.88 28.26 -26.88
CA ARG E 183 -15.46 28.15 -27.15
C ARG E 183 -15.07 28.84 -28.46
N ASN E 184 -14.45 30.02 -28.41
CA ASN E 184 -13.83 30.54 -29.66
C ASN E 184 -12.49 29.89 -29.99
N GLU E 185 -11.99 30.10 -31.22
CA GLU E 185 -10.75 29.47 -31.67
C GLU E 185 -9.63 29.67 -30.66
N LYS E 186 -9.48 30.91 -30.20
CA LYS E 186 -8.49 31.29 -29.19
C LYS E 186 -8.61 30.47 -27.90
N TRP E 187 -9.84 30.18 -27.47
CA TRP E 187 -10.06 29.36 -26.30
C TRP E 187 -9.55 27.93 -26.55
N TRP E 188 -10.02 27.33 -27.64
CA TRP E 188 -9.57 26.01 -28.01
C TRP E 188 -8.06 25.86 -27.88
N LEU E 189 -7.30 26.76 -28.52
CA LEU E 189 -5.84 26.67 -28.57
C LEU E 189 -5.15 26.90 -27.21
N GLN E 190 -5.62 27.91 -26.48
CA GLN E 190 -5.00 28.30 -25.23
C GLN E 190 -5.44 27.46 -24.03
N ALA E 191 -6.65 26.89 -24.06
CA ALA E 191 -7.24 26.23 -22.86
C ALA E 191 -7.65 24.76 -22.99
N VAL E 192 -8.01 24.32 -24.18
CA VAL E 192 -8.62 23.00 -24.36
C VAL E 192 -7.62 21.88 -24.57
N TYR E 193 -6.63 22.11 -25.44
CA TYR E 193 -5.69 21.07 -25.86
C TYR E 193 -4.74 20.65 -24.75
N ASP E 194 -4.31 21.61 -23.93
CA ASP E 194 -3.25 21.35 -22.95
C ASP E 194 -2.22 20.39 -23.58
N ASP E 195 -2.21 19.14 -23.09
CA ASP E 195 -1.28 18.09 -23.50
C ASP E 195 -2.03 16.94 -24.24
N LEU E 196 -3.21 17.26 -24.76
CA LEU E 196 -4.12 16.25 -25.33
C LEU E 196 -4.04 16.14 -26.83
N THR E 197 -4.58 15.03 -27.32
CA THR E 197 -4.63 14.71 -28.75
C THR E 197 -6.10 14.70 -29.15
N LEU E 198 -6.42 15.31 -30.28
CA LEU E 198 -7.80 15.34 -30.77
C LEU E 198 -7.97 14.27 -31.81
N ALA E 199 -9.12 13.60 -31.78
CA ALA E 199 -9.47 12.68 -32.87
C ALA E 199 -10.91 12.92 -33.32
N ILE E 200 -11.11 13.12 -34.63
CA ILE E 200 -12.46 13.28 -35.18
C ILE E 200 -12.88 12.08 -36.03
N TYR E 201 -14.11 11.61 -35.82
CA TYR E 201 -14.70 10.62 -36.68
C TYR E 201 -15.51 11.30 -37.78
N TYR E 202 -15.28 10.90 -39.02
CA TYR E 202 -16.04 11.43 -40.15
C TYR E 202 -16.88 10.30 -40.73
N ASP E 203 -18.10 10.62 -41.16
CA ASP E 203 -19.00 9.62 -41.75
C ASP E 203 -18.61 9.19 -43.17
N GLU E 204 -19.48 8.38 -43.78
CA GLU E 204 -19.26 7.79 -45.10
C GLU E 204 -18.87 8.82 -46.16
N ASN E 205 -19.53 9.98 -46.14
CA ASN E 205 -19.23 11.07 -47.06
C ASN E 205 -18.51 12.23 -46.38
N GLN E 206 -17.47 11.86 -45.63
CA GLN E 206 -16.52 12.79 -45.04
C GLN E 206 -17.09 13.96 -44.22
N THR E 207 -18.21 13.73 -43.53
CA THR E 207 -18.77 14.74 -42.64
C THR E 207 -18.37 14.47 -41.19
N ALA E 208 -17.84 15.48 -40.53
CA ALA E 208 -17.47 15.41 -39.13
C ALA E 208 -18.70 15.04 -38.31
N ALA E 209 -18.56 14.10 -37.38
CA ALA E 209 -19.72 13.56 -36.68
C ALA E 209 -19.51 13.29 -35.18
N GLY E 210 -18.28 13.44 -34.70
CA GLY E 210 -18.01 13.26 -33.29
C GLY E 210 -16.54 13.45 -33.07
N TYR E 211 -16.15 13.78 -31.84
CA TYR E 211 -14.73 13.97 -31.56
C TYR E 211 -14.37 13.49 -30.17
N MSE E 212 -13.08 13.24 -29.94
CA MSE E 212 -12.60 12.98 -28.59
C MSE E 212 -11.27 13.66 -28.33
O MSE E 212 -10.49 13.89 -29.27
CB MSE E 212 -12.53 11.47 -28.29
CG MSE E 212 -11.75 10.63 -29.32
SE MSE E 212 -11.69 8.71 -28.92
CE MSE E 212 -10.28 8.71 -27.59
N LEU E 213 -11.02 14.02 -27.07
CA LEU E 213 -9.72 14.52 -26.64
C LEU E 213 -9.14 13.53 -25.66
N TYR E 214 -7.89 13.12 -25.90
CA TYR E 214 -7.29 12.08 -25.07
C TYR E 214 -5.78 12.17 -24.94
N LYS E 215 -5.23 11.35 -24.04
CA LYS E 215 -3.79 11.17 -23.96
C LYS E 215 -3.48 9.73 -23.55
N ILE E 216 -2.28 9.28 -23.87
CA ILE E 216 -1.83 7.96 -23.42
C ILE E 216 -0.47 8.09 -22.74
N GLU E 217 -0.40 7.66 -21.48
CA GLU E 217 0.88 7.56 -20.77
C GLU E 217 0.88 6.40 -19.79
N ASN E 218 2.06 5.81 -19.60
CA ASN E 218 2.22 4.63 -18.77
C ASN E 218 0.99 3.70 -18.82
N TYR E 219 0.64 3.31 -20.03
CA TYR E 219 -0.41 2.32 -20.34
C TYR E 219 -1.83 2.71 -19.93
N LYS E 220 -2.06 4.00 -19.74
CA LYS E 220 -3.40 4.47 -19.45
C LYS E 220 -3.85 5.48 -20.48
N MSE E 221 -4.97 5.19 -21.13
CA MSE E 221 -5.60 6.21 -21.96
C MSE E 221 -6.58 6.99 -21.10
O MSE E 221 -7.49 6.43 -20.50
CB MSE E 221 -6.32 5.62 -23.16
CG MSE E 221 -7.04 6.68 -23.96
SE MSE E 221 -8.01 5.94 -25.45
CE MSE E 221 -6.50 5.68 -26.65
N THR E 222 -6.36 8.29 -21.06
CA THR E 222 -7.23 9.19 -20.33
C THR E 222 -7.98 10.03 -21.33
N VAL E 223 -9.29 9.81 -21.42
CA VAL E 223 -10.16 10.46 -22.40
C VAL E 223 -10.91 11.64 -21.77
N GLU E 224 -10.45 12.86 -22.03
CA GLU E 224 -10.97 14.03 -21.32
C GLU E 224 -12.30 14.54 -21.87
N GLU E 225 -12.49 14.43 -23.19
CA GLU E 225 -13.74 14.80 -23.82
C GLU E 225 -14.15 13.73 -24.83
N PHE E 226 -15.37 13.23 -24.70
CA PHE E 226 -15.91 12.23 -25.63
C PHE E 226 -17.24 12.75 -26.18
N VAL E 227 -17.23 13.21 -27.43
CA VAL E 227 -18.37 13.95 -28.01
C VAL E 227 -18.91 13.34 -29.33
N PRO E 228 -19.81 12.35 -29.24
CA PRO E 228 -20.40 11.80 -30.46
C PRO E 228 -21.77 12.39 -30.75
N LEU E 229 -21.99 12.82 -31.99
CA LEU E 229 -23.27 13.44 -32.34
C LEU E 229 -24.36 12.41 -32.64
N HIS E 230 -23.97 11.21 -33.03
CA HIS E 230 -24.91 10.09 -33.16
C HIS E 230 -24.24 8.77 -32.81
N ASN E 231 -25.02 7.70 -32.78
CA ASN E 231 -24.48 6.40 -32.41
C ASN E 231 -23.38 5.91 -33.32
N GLU E 232 -23.53 6.10 -34.65
CA GLU E 232 -22.46 5.76 -35.59
C GLU E 232 -21.11 6.37 -35.16
N ALA E 233 -21.12 7.67 -34.89
CA ALA E 233 -19.94 8.36 -34.38
C ALA E 233 -19.43 7.72 -33.08
N ARG E 234 -20.37 7.42 -32.18
CA ARG E 234 -20.06 6.78 -30.90
C ARG E 234 -19.39 5.45 -31.14
N ASN E 235 -19.98 4.67 -32.04
CA ASN E 235 -19.43 3.39 -32.46
C ASN E 235 -18.05 3.55 -33.13
N GLY E 236 -17.95 4.50 -34.06
CA GLY E 236 -16.72 4.76 -34.78
C GLY E 236 -15.57 5.11 -33.84
N LEU E 237 -15.86 5.97 -32.87
CA LEU E 237 -14.86 6.36 -31.88
C LEU E 237 -14.51 5.24 -30.90
N TRP E 238 -15.51 4.49 -30.46
CA TRP E 238 -15.25 3.37 -29.60
C TRP E 238 -14.28 2.41 -30.28
N ASN E 239 -14.60 1.99 -31.51
CA ASN E 239 -13.73 1.09 -32.26
C ASN E 239 -12.31 1.63 -32.37
N PHE E 240 -12.17 2.91 -32.67
CA PHE E 240 -10.87 3.59 -32.62
C PHE E 240 -10.16 3.36 -31.28
N ILE E 241 -10.89 3.50 -30.17
CA ILE E 241 -10.30 3.25 -28.87
C ILE E 241 -9.85 1.80 -28.77
N CYS E 242 -10.73 0.88 -29.19
CA CYS E 242 -10.44 -0.56 -29.10
C CYS E 242 -9.15 -0.93 -29.84
N GLN E 243 -8.83 -0.16 -30.88
CA GLN E 243 -7.65 -0.38 -31.71
C GLN E 243 -6.35 -0.06 -30.97
N HIS E 244 -6.49 0.55 -29.81
CA HIS E 244 -5.36 0.81 -28.92
C HIS E 244 -5.15 -0.32 -27.90
N ASP E 245 -5.95 -1.38 -27.97
CA ASP E 245 -5.99 -2.38 -26.89
C ASP E 245 -4.63 -2.97 -26.53
N SER E 246 -3.74 -3.04 -27.50
CA SER E 246 -2.41 -3.63 -27.26
C SER E 246 -1.53 -2.69 -26.42
N MSE E 247 -1.80 -1.39 -26.48
CA MSE E 247 -1.05 -0.36 -25.74
C MSE E 247 -1.58 -0.04 -24.34
O MSE E 247 -0.86 0.52 -23.52
CB MSE E 247 -1.03 0.96 -26.51
CG MSE E 247 -0.61 0.90 -27.95
SE MSE E 247 -0.87 2.67 -28.73
CE MSE E 247 -1.06 2.13 -30.60
N ILE E 248 -2.84 -0.34 -24.05
CA ILE E 248 -3.43 0.18 -22.83
C ILE E 248 -4.00 -0.85 -21.89
N LYS E 249 -3.70 -0.67 -20.60
CA LYS E 249 -4.18 -1.55 -19.55
C LYS E 249 -5.40 -0.93 -18.90
N ASP E 250 -5.40 0.40 -18.79
CA ASP E 250 -6.50 1.11 -18.13
C ASP E 250 -7.04 2.26 -18.98
N LEU E 251 -8.37 2.37 -19.02
CA LEU E 251 -9.04 3.47 -19.71
C LEU E 251 -9.86 4.30 -18.74
N GLU E 252 -9.72 5.63 -18.83
CA GLU E 252 -10.52 6.54 -18.01
C GLU E 252 -11.22 7.53 -18.90
N MSE E 253 -12.53 7.61 -18.76
CA MSE E 253 -13.36 8.51 -19.54
C MSE E 253 -14.20 9.50 -18.71
O MSE E 253 -14.88 9.10 -17.75
CB MSE E 253 -14.27 7.73 -20.46
CG MSE E 253 -13.60 7.19 -21.69
SE MSE E 253 -14.94 6.49 -22.92
CE MSE E 253 -15.17 4.76 -22.05
N THR E 254 -14.19 10.77 -19.11
CA THR E 254 -15.03 11.80 -18.50
C THR E 254 -16.18 12.17 -19.44
N VAL E 255 -17.39 11.91 -18.98
CA VAL E 255 -18.57 12.13 -19.81
C VAL E 255 -19.71 12.74 -19.00
N SER E 256 -20.80 13.03 -19.70
CA SER E 256 -22.01 13.54 -19.09
C SER E 256 -22.80 12.38 -18.57
N GLU E 257 -23.77 12.65 -17.69
CA GLU E 257 -24.68 11.60 -17.25
C GLU E 257 -25.57 11.11 -18.41
N ASN E 258 -25.88 11.99 -19.36
CA ASN E 258 -26.64 11.64 -20.57
C ASN E 258 -25.90 10.80 -21.64
N GLU E 259 -24.68 10.33 -21.34
CA GLU E 259 -23.90 9.50 -22.28
C GLU E 259 -24.15 7.99 -22.02
N PRO E 260 -24.73 7.29 -23.00
CA PRO E 260 -25.22 5.93 -22.80
C PRO E 260 -24.21 4.81 -23.13
N LEU E 261 -22.95 5.17 -23.38
CA LEU E 261 -21.94 4.23 -23.84
C LEU E 261 -21.74 2.96 -23.00
N LEU E 262 -21.69 3.11 -21.68
CA LEU E 262 -21.43 1.98 -20.78
C LEU E 262 -22.43 0.84 -20.97
N TYR E 263 -23.70 1.22 -21.10
CA TYR E 263 -24.78 0.27 -21.30
C TYR E 263 -24.47 -0.74 -22.40
N THR E 264 -23.75 -0.31 -23.43
CA THR E 264 -23.49 -1.15 -24.60
C THR E 264 -22.34 -2.15 -24.42
N LEU E 265 -21.60 -2.07 -23.31
CA LEU E 265 -20.44 -2.94 -23.07
C LEU E 265 -20.84 -4.39 -22.83
N GLN E 266 -19.91 -5.33 -22.99
CA GLN E 266 -20.21 -6.74 -22.66
C GLN E 266 -20.50 -6.92 -21.17
N GLU E 267 -19.75 -6.19 -20.34
CA GLU E 267 -19.92 -6.20 -18.89
C GLU E 267 -20.03 -4.75 -18.41
N PRO E 268 -21.27 -4.21 -18.43
CA PRO E 268 -21.61 -2.83 -18.08
C PRO E 268 -21.34 -2.45 -16.62
N ARG E 269 -21.19 -3.44 -15.73
CA ARG E 269 -20.86 -3.15 -14.34
C ARG E 269 -19.39 -2.78 -14.23
N VAL E 270 -19.08 -1.56 -14.66
CA VAL E 270 -17.74 -1.04 -14.48
C VAL E 270 -17.76 0.10 -13.45
N LYS E 271 -16.58 0.45 -12.92
CA LYS E 271 -16.40 1.58 -11.99
C LYS E 271 -16.77 2.96 -12.61
N THR E 272 -17.79 3.60 -12.03
CA THR E 272 -18.37 4.84 -12.57
C THR E 272 -18.71 5.82 -11.46
N GLU E 273 -18.00 6.94 -11.39
CA GLU E 273 -18.24 7.90 -10.31
C GLU E 273 -18.86 9.22 -10.81
N ILE E 274 -19.90 9.67 -10.10
CA ILE E 274 -20.52 10.99 -10.30
C ILE E 274 -19.91 11.98 -9.33
N LYS E 275 -19.14 12.92 -9.87
CA LYS E 275 -18.54 14.00 -9.06
C LYS E 275 -19.26 15.30 -9.34
N PRO E 276 -19.91 15.89 -8.33
CA PRO E 276 -20.33 17.28 -8.48
C PRO E 276 -19.10 18.08 -8.87
N TYR E 277 -19.25 19.02 -9.77
CA TYR E 277 -18.09 19.63 -10.40
C TYR E 277 -18.05 21.14 -10.26
N PHE E 278 -19.07 21.79 -10.81
CA PHE E 278 -19.07 23.23 -10.97
C PHE E 278 -20.27 23.86 -10.25
N MSE E 279 -20.12 25.13 -9.87
CA MSE E 279 -21.22 25.90 -9.30
C MSE E 279 -21.63 27.07 -10.18
O MSE E 279 -20.79 27.67 -10.90
CB MSE E 279 -20.84 26.42 -7.93
CG MSE E 279 -20.54 25.34 -6.95
SE MSE E 279 -20.06 26.14 -5.26
CE MSE E 279 -21.85 26.59 -4.66
N GLY E 280 -22.92 27.38 -10.15
CA GLY E 280 -23.48 28.49 -10.92
C GLY E 280 -24.33 29.40 -10.07
N ARG E 281 -24.63 30.58 -10.58
CA ARG E 281 -25.48 31.53 -9.85
C ARG E 281 -26.21 32.49 -10.81
N ILE E 282 -27.49 32.70 -10.56
CA ILE E 282 -28.20 33.76 -11.27
C ILE E 282 -27.85 35.10 -10.64
N VAL E 283 -27.39 36.04 -11.47
CA VAL E 283 -26.94 37.35 -11.02
C VAL E 283 -28.06 38.39 -11.08
N ASP E 284 -28.68 38.54 -12.24
CA ASP E 284 -29.81 39.47 -12.43
C ASP E 284 -31.01 38.64 -12.90
N VAL E 285 -31.93 38.38 -11.97
CA VAL E 285 -33.08 37.50 -12.22
C VAL E 285 -34.00 38.02 -13.31
N GLU E 286 -34.51 39.24 -13.14
CA GLU E 286 -35.43 39.84 -14.11
C GLU E 286 -34.84 39.82 -15.52
N GLN E 287 -33.54 40.13 -15.61
CA GLN E 287 -32.86 40.18 -16.88
C GLN E 287 -32.55 38.77 -17.40
N PHE E 288 -32.43 37.81 -16.49
CA PHE E 288 -32.14 36.43 -16.84
C PHE E 288 -33.36 35.80 -17.48
N LEU E 289 -34.51 36.00 -16.84
CA LEU E 289 -35.75 35.37 -17.29
C LEU E 289 -36.25 36.00 -18.58
N LYS E 290 -35.82 37.22 -18.87
CA LYS E 290 -36.09 37.87 -20.13
C LYS E 290 -35.61 36.98 -21.29
N GLN E 291 -34.55 36.23 -21.06
CA GLN E 291 -33.96 35.41 -22.11
C GLN E 291 -34.36 33.93 -22.05
N TYR E 292 -34.70 33.47 -20.85
CA TYR E 292 -34.91 32.06 -20.55
C TYR E 292 -36.28 31.51 -21.00
N GLU E 293 -36.24 30.51 -21.89
CA GLU E 293 -37.45 29.90 -22.45
C GLU E 293 -37.90 28.68 -21.63
N LEU E 294 -39.16 28.69 -21.18
CA LEU E 294 -39.75 27.62 -20.38
C LEU E 294 -40.66 26.74 -21.23
N ASN E 295 -41.44 25.87 -20.59
CA ASN E 295 -42.37 24.96 -21.28
C ASN E 295 -43.84 25.12 -20.90
N TRP E 296 -44.71 25.28 -21.90
CA TRP E 296 -46.08 25.73 -21.64
C TRP E 296 -47.22 24.72 -21.86
N GLN E 301 -52.09 26.47 -12.35
CA GLN E 301 -52.20 27.06 -13.68
C GLN E 301 -50.98 27.94 -14.05
N GLU E 302 -50.83 29.09 -13.38
CA GLU E 302 -49.67 29.99 -13.55
C GLU E 302 -48.61 29.74 -12.46
N VAL E 303 -47.50 30.48 -12.49
CA VAL E 303 -46.45 30.28 -11.50
C VAL E 303 -45.93 31.59 -10.90
N ILE E 304 -46.15 31.74 -9.61
CA ILE E 304 -45.61 32.89 -8.89
C ILE E 304 -44.44 32.42 -8.04
N LEU E 305 -43.29 33.06 -8.23
CA LEU E 305 -42.07 32.77 -7.47
C LEU E 305 -41.64 33.96 -6.60
N HIS E 306 -41.55 33.73 -5.29
CA HIS E 306 -41.06 34.73 -4.35
C HIS E 306 -39.60 34.44 -4.09
N ILE E 307 -38.72 35.20 -4.74
CA ILE E 307 -37.31 34.89 -4.70
C ILE E 307 -36.64 35.73 -3.65
N THR E 308 -35.75 35.09 -2.89
CA THR E 308 -34.97 35.72 -1.85
C THR E 308 -33.50 35.64 -2.26
N ASP E 309 -32.73 36.65 -1.90
CA ASP E 309 -31.31 36.70 -2.22
C ASP E 309 -30.64 37.64 -1.23
N SER E 310 -29.85 37.06 -0.33
CA SER E 310 -29.28 37.81 0.79
C SER E 310 -27.95 38.48 0.48
N PHE E 311 -27.37 38.20 -0.68
CA PHE E 311 -26.11 38.86 -1.07
C PHE E 311 -26.29 39.89 -2.18
N ALA E 312 -27.25 39.66 -3.08
CA ALA E 312 -27.60 40.62 -4.12
C ALA E 312 -29.00 41.17 -3.88
N GLN E 313 -29.07 42.40 -3.37
CA GLN E 313 -30.33 43.05 -3.03
C GLN E 313 -31.38 42.99 -4.17
N TRP E 314 -30.94 43.24 -5.39
CA TRP E 314 -31.84 43.38 -6.55
C TRP E 314 -32.57 42.11 -6.97
N ASN E 315 -32.16 40.95 -6.48
CA ASN E 315 -32.91 39.72 -6.73
C ASN E 315 -34.00 39.42 -5.70
N ASN E 316 -34.27 40.34 -4.79
CA ASN E 316 -35.36 40.13 -3.83
C ASN E 316 -36.65 40.58 -4.48
N ILE E 317 -37.16 39.72 -5.35
CA ILE E 317 -38.32 40.07 -6.17
C ILE E 317 -39.33 38.92 -6.20
N THR E 318 -40.56 39.26 -6.59
CA THR E 318 -41.56 38.27 -6.84
C THR E 318 -41.90 38.30 -8.33
N VAL E 319 -41.88 37.12 -8.94
CA VAL E 319 -42.01 36.97 -10.38
C VAL E 319 -43.30 36.24 -10.79
N ARG E 320 -43.84 36.60 -11.94
CA ARG E 320 -45.07 35.97 -12.43
C ARG E 320 -44.77 35.32 -13.76
N ILE E 321 -44.86 34.00 -13.77
CA ILE E 321 -44.66 33.21 -14.98
C ILE E 321 -46.02 32.66 -15.42
N ALA E 322 -46.55 33.25 -16.48
CA ALA E 322 -47.92 32.98 -16.95
C ALA E 322 -48.01 33.37 -18.41
N ASN E 323 -48.92 32.71 -19.14
CA ASN E 323 -49.32 33.12 -20.50
C ASN E 323 -48.18 33.43 -21.50
N HIS E 324 -47.04 32.74 -21.38
CA HIS E 324 -45.88 33.03 -22.25
C HIS E 324 -45.22 34.36 -21.88
N GLU E 325 -45.11 34.66 -20.59
CA GLU E 325 -44.71 36.00 -20.16
C GLU E 325 -44.01 35.98 -18.80
N ILE E 326 -43.23 37.02 -18.53
CA ILE E 326 -42.56 37.19 -17.24
C ILE E 326 -42.76 38.62 -16.72
N THR E 327 -43.28 38.74 -15.51
CA THR E 327 -43.62 40.03 -14.95
C THR E 327 -43.29 40.09 -13.48
N ILE E 328 -43.04 41.30 -13.00
CA ILE E 328 -42.64 41.49 -11.62
C ILE E 328 -43.78 42.06 -10.79
N ILE E 329 -44.21 41.29 -9.80
CA ILE E 329 -45.26 41.73 -8.88
C ILE E 329 -44.65 42.56 -7.74
N GLU E 330 -44.91 43.87 -7.80
CA GLU E 330 -44.29 44.87 -6.90
C GLU E 330 -44.65 44.68 -5.43
N GLU E 331 -45.96 44.66 -5.15
CA GLU E 331 -46.47 44.41 -3.80
C GLU E 331 -47.26 43.10 -3.81
N PRO E 332 -46.57 41.96 -3.59
CA PRO E 332 -47.18 40.63 -3.72
C PRO E 332 -48.06 40.22 -2.55
N ILE E 333 -48.77 39.10 -2.72
CA ILE E 333 -49.62 38.52 -1.69
C ILE E 333 -49.10 37.14 -1.30
N ASP E 334 -49.53 36.63 -0.14
CA ASP E 334 -49.07 35.33 0.41
C ASP E 334 -49.61 34.13 -0.38
N LYS E 335 -49.01 33.89 -1.54
CA LYS E 335 -49.44 32.86 -2.47
C LYS E 335 -48.25 32.61 -3.39
N GLY E 336 -47.99 31.35 -3.69
CA GLY E 336 -46.91 30.97 -4.60
C GLY E 336 -45.75 30.33 -3.89
N ILE E 337 -44.65 30.17 -4.62
CA ILE E 337 -43.48 29.46 -4.15
C ILE E 337 -42.46 30.41 -3.55
N LYS E 338 -42.00 30.12 -2.33
CA LYS E 338 -40.90 30.87 -1.74
C LYS E 338 -39.63 30.06 -1.96
N LEU E 339 -38.63 30.70 -2.56
CA LEU E 339 -37.35 30.06 -2.74
C LEU E 339 -36.19 31.03 -2.66
N ASP E 340 -35.02 30.42 -2.63
CA ASP E 340 -33.69 30.95 -2.38
C ASP E 340 -33.05 31.20 -3.74
N ILE E 341 -32.13 32.15 -3.84
CA ILE E 341 -31.37 32.28 -5.10
C ILE E 341 -30.57 31.00 -5.48
N ASN E 342 -30.07 30.29 -4.46
CA ASN E 342 -29.36 29.04 -4.67
C ASN E 342 -30.30 28.06 -5.37
N ALA E 343 -31.49 27.91 -4.80
CA ALA E 343 -32.52 27.02 -5.35
C ALA E 343 -32.91 27.44 -6.77
N LEU E 344 -33.29 28.69 -6.96
CA LEU E 344 -33.62 29.16 -8.31
C LEU E 344 -32.51 28.84 -9.33
N SER E 345 -31.25 29.05 -8.93
CA SER E 345 -30.13 28.87 -9.85
C SER E 345 -29.98 27.42 -10.24
N THR E 346 -30.04 26.54 -9.26
CA THR E 346 -29.85 25.16 -9.56
C THR E 346 -31.03 24.59 -10.36
N ILE E 347 -32.23 25.07 -10.03
CA ILE E 347 -33.44 24.63 -10.71
C ILE E 347 -33.39 24.97 -12.20
N LEU E 348 -33.06 26.22 -12.50
CA LEU E 348 -33.03 26.74 -13.88
C LEU E 348 -31.87 26.20 -14.75
N PHE E 349 -30.81 25.71 -14.10
CA PHE E 349 -29.76 24.95 -14.78
C PHE E 349 -30.21 23.51 -15.08
N GLY E 350 -31.20 23.03 -14.33
CA GLY E 350 -31.69 21.66 -14.53
C GLY E 350 -31.02 20.63 -13.64
N TYR E 351 -30.21 21.11 -12.71
CA TYR E 351 -29.42 20.25 -11.85
C TYR E 351 -30.27 19.55 -10.77
N ARG E 352 -31.18 20.29 -10.15
CA ARG E 352 -32.16 19.69 -9.24
C ARG E 352 -33.53 20.07 -9.72
N ARG E 353 -34.52 19.19 -9.52
CA ARG E 353 -35.88 19.51 -9.91
C ARG E 353 -36.65 20.18 -8.77
N PRO E 354 -37.62 21.04 -9.11
CA PRO E 354 -38.52 21.56 -8.09
C PRO E 354 -38.96 20.51 -7.05
N LEU E 355 -39.48 19.38 -7.50
CA LEU E 355 -39.90 18.30 -6.59
C LEU E 355 -38.82 17.85 -5.62
N GLU E 356 -37.58 17.79 -6.09
CA GLU E 356 -36.46 17.33 -5.27
C GLU E 356 -36.18 18.33 -4.16
N LEU E 357 -35.98 19.58 -4.52
CA LEU E 357 -35.75 20.63 -3.55
C LEU E 357 -36.94 20.86 -2.62
N ASN E 358 -38.13 20.45 -3.06
CA ASN E 358 -39.33 20.48 -2.23
C ASN E 358 -39.31 19.39 -1.16
N GLU E 359 -38.95 18.17 -1.58
CA GLU E 359 -38.76 17.04 -0.68
C GLU E 359 -37.72 17.42 0.38
N LEU E 360 -36.73 18.19 -0.05
CA LEU E 360 -35.66 18.66 0.81
C LEU E 360 -36.02 19.90 1.60
N GLU E 361 -37.19 20.48 1.33
CA GLU E 361 -37.71 21.60 2.12
C GLU E 361 -36.98 22.92 1.87
N LEU E 362 -36.34 23.04 0.72
CA LEU E 362 -35.59 24.24 0.39
C LEU E 362 -36.38 25.18 -0.51
N ILE E 363 -37.50 24.71 -1.03
CA ILE E 363 -38.49 25.59 -1.65
C ILE E 363 -39.83 25.22 -1.04
N SER E 364 -40.80 26.13 -1.06
CA SER E 364 -42.10 25.84 -0.48
C SER E 364 -43.28 26.25 -1.40
N GLY E 365 -44.36 25.51 -1.31
CA GLY E 365 -45.61 25.85 -2.00
C GLY E 365 -46.65 24.76 -1.89
N SER E 366 -47.86 25.03 -2.39
CA SER E 366 -48.92 24.01 -2.38
C SER E 366 -48.55 22.87 -3.32
N GLU E 367 -49.14 21.70 -3.10
CA GLU E 367 -48.85 20.54 -3.94
C GLU E 367 -49.01 20.91 -5.43
N GLU E 368 -50.19 21.44 -5.75
CA GLU E 368 -50.50 21.97 -7.07
C GLU E 368 -49.42 22.90 -7.63
N GLU E 369 -49.05 23.93 -6.85
CA GLU E 369 -48.07 24.95 -7.26
C GLU E 369 -46.70 24.40 -7.63
N ILE E 370 -46.25 23.39 -6.91
CA ILE E 370 -44.97 22.75 -7.22
C ILE E 370 -45.12 22.02 -8.54
N ARG E 371 -46.20 21.25 -8.68
CA ARG E 371 -46.44 20.51 -9.90
C ARG E 371 -46.36 21.44 -11.11
N ALA E 372 -46.91 22.65 -10.98
CA ALA E 372 -46.88 23.64 -12.06
C ALA E 372 -45.47 24.10 -12.39
N PHE E 373 -44.71 24.46 -11.35
CA PHE E 373 -43.30 24.82 -11.49
C PHE E 373 -42.48 23.70 -12.13
N GLU E 374 -42.66 22.48 -11.65
CA GLU E 374 -41.94 21.31 -12.18
C GLU E 374 -42.14 21.17 -13.68
N SER E 375 -43.26 21.69 -14.15
CA SER E 375 -43.70 21.49 -15.50
C SER E 375 -43.15 22.54 -16.44
N VAL E 376 -42.84 23.73 -15.90
CA VAL E 376 -42.41 24.81 -16.78
C VAL E 376 -40.91 24.78 -17.01
N VAL E 377 -40.14 24.38 -15.99
CA VAL E 377 -38.67 24.31 -16.12
C VAL E 377 -38.32 23.24 -17.16
N PRO E 378 -37.46 23.58 -18.14
CA PRO E 378 -37.19 22.62 -19.22
C PRO E 378 -36.45 21.40 -18.68
N VAL E 379 -36.51 20.27 -19.38
CA VAL E 379 -35.96 19.03 -18.81
C VAL E 379 -34.48 18.84 -19.14
N ARG E 380 -33.94 19.81 -19.87
CA ARG E 380 -32.57 19.77 -20.35
C ARG E 380 -31.58 19.68 -19.19
N LYS E 381 -30.60 18.79 -19.30
CA LYS E 381 -29.64 18.52 -18.23
C LYS E 381 -28.40 19.42 -18.34
N PRO E 382 -27.80 19.82 -17.19
CA PRO E 382 -26.63 20.70 -17.31
C PRO E 382 -25.31 19.94 -17.44
N PHE E 383 -24.32 20.63 -18.03
CA PHE E 383 -22.98 20.09 -18.20
C PHE E 383 -22.01 21.20 -18.59
N ILE E 384 -20.77 21.07 -18.13
CA ILE E 384 -19.70 21.93 -18.56
C ILE E 384 -18.45 21.07 -18.71
N TYR E 385 -17.81 21.15 -19.87
CA TYR E 385 -16.62 20.32 -20.15
C TYR E 385 -15.32 21.05 -19.84
N ASP E 386 -15.45 22.29 -19.35
CA ASP E 386 -14.33 23.23 -19.26
C ASP E 386 -13.87 23.53 -17.82
N PHE E 387 -12.77 24.26 -17.69
CA PHE E 387 -12.23 24.62 -16.38
C PHE E 387 -11.64 26.04 -16.33
N PHE E 388 -11.91 26.77 -15.25
CA PHE E 388 -11.27 28.08 -15.05
C PHE E 388 -11.19 28.51 -13.59
N ASN F 5 50.77 11.98 5.04
CA ASN F 5 49.56 11.27 4.53
C ASN F 5 48.34 12.14 4.22
N VAL F 6 47.82 12.84 5.22
CA VAL F 6 46.71 13.77 4.99
C VAL F 6 47.22 15.05 4.33
N ILE F 7 46.61 15.43 3.22
CA ILE F 7 46.90 16.71 2.60
C ILE F 7 45.68 17.61 2.73
N ARG F 8 45.88 18.91 2.51
CA ARG F 8 44.77 19.83 2.43
C ARG F 8 44.48 20.14 0.96
N LEU F 9 43.23 19.89 0.56
CA LEU F 9 42.81 20.03 -0.82
C LEU F 9 42.79 21.48 -1.29
N LYS F 10 43.38 21.70 -2.46
CA LYS F 10 43.33 23.00 -3.11
C LYS F 10 42.22 23.02 -4.17
N GLU F 11 41.85 24.22 -4.61
CA GLU F 11 40.74 24.40 -5.54
C GLU F 11 40.69 23.42 -6.70
N ASP F 12 41.87 23.05 -7.20
CA ASP F 12 41.96 22.12 -8.34
C ASP F 12 41.41 20.72 -8.05
N LYS F 13 41.50 20.27 -6.81
CA LYS F 13 40.96 18.98 -6.43
C LYS F 13 39.55 19.08 -5.88
N PHE F 14 38.93 20.25 -5.97
CA PHE F 14 37.57 20.39 -5.45
C PHE F 14 36.52 19.65 -6.27
N ARG F 15 36.52 19.78 -7.59
CA ARG F 15 35.55 19.04 -8.42
C ARG F 15 35.67 17.52 -8.18
N GLU F 16 36.91 17.05 -8.05
CA GLU F 16 37.19 15.66 -7.73
C GLU F 16 36.52 15.27 -6.41
N ALA F 17 36.61 16.15 -5.42
CA ALA F 17 36.05 15.89 -4.10
C ALA F 17 34.53 15.83 -4.17
N LEU F 18 33.94 16.71 -4.97
CA LEU F 18 32.50 16.74 -5.18
C LEU F 18 31.98 15.47 -5.81
N ARG F 19 32.76 14.90 -6.73
CA ARG F 19 32.41 13.60 -7.33
C ARG F 19 32.37 12.48 -6.29
N LEU F 20 33.24 12.56 -5.29
CA LEU F 20 33.23 11.60 -4.19
C LEU F 20 32.02 11.84 -3.31
N SER F 21 31.65 13.10 -3.18
CA SER F 21 30.49 13.51 -2.40
C SER F 21 29.21 13.01 -3.07
N GLU F 22 29.09 13.21 -4.38
CA GLU F 22 27.92 12.80 -5.17
C GLU F 22 27.75 11.29 -5.20
N TYR F 23 28.86 10.56 -5.15
CA TYR F 23 28.84 9.11 -5.07
C TYR F 23 28.33 8.68 -3.69
N ALA F 24 29.05 9.10 -2.64
CA ALA F 24 28.84 8.63 -1.28
C ALA F 24 27.54 9.09 -0.64
N PHE F 25 26.98 10.19 -1.13
CA PHE F 25 25.71 10.70 -0.60
C PHE F 25 24.56 10.53 -1.61
N GLN F 26 24.87 9.91 -2.75
CA GLN F 26 23.88 9.42 -3.73
C GLN F 26 22.99 10.51 -4.33
N TYR F 27 23.62 11.57 -4.83
CA TYR F 27 22.89 12.67 -5.46
C TYR F 27 23.66 13.20 -6.67
N LYS F 28 23.05 14.14 -7.37
CA LYS F 28 23.67 14.79 -8.52
C LYS F 28 23.41 16.28 -8.43
N VAL F 29 24.47 17.08 -8.56
CA VAL F 29 24.35 18.53 -8.57
C VAL F 29 24.62 19.06 -9.98
N ASP F 30 23.73 19.91 -10.49
CA ASP F 30 23.88 20.57 -11.81
C ASP F 30 24.98 21.64 -11.79
N GLU F 31 25.50 21.99 -12.97
CA GLU F 31 26.65 22.91 -13.08
C GLU F 31 26.54 24.20 -12.26
N ASP F 32 25.40 24.90 -12.35
CA ASP F 32 25.16 26.11 -11.56
C ASP F 32 25.43 25.91 -10.07
N ARG F 33 24.76 24.90 -9.51
CA ARG F 33 24.85 24.61 -8.08
C ARG F 33 26.19 23.91 -7.74
N LEU F 34 26.78 23.25 -8.74
CA LEU F 34 28.12 22.69 -8.62
C LEU F 34 29.13 23.79 -8.36
N GLN F 35 28.98 24.90 -9.08
CA GLN F 35 29.82 26.08 -8.88
C GLN F 35 29.60 26.69 -7.49
N GLN F 36 28.37 26.66 -7.00
CA GLN F 36 28.06 27.11 -5.64
C GLN F 36 28.75 26.29 -4.57
N GLN F 37 28.93 25.00 -4.85
CA GLN F 37 29.61 24.09 -3.92
C GLN F 37 31.13 24.37 -3.87
N ILE F 38 31.70 24.72 -5.03
CA ILE F 38 33.09 25.12 -5.14
C ILE F 38 33.36 26.37 -4.31
N THR F 39 32.46 27.34 -4.40
CA THR F 39 32.60 28.62 -3.71
C THR F 39 32.48 28.48 -2.19
N LYS F 40 31.42 27.80 -1.74
CA LYS F 40 31.20 27.49 -0.34
C LYS F 40 32.40 26.76 0.30
N MSE F 41 32.99 25.82 -0.44
CA MSE F 41 34.18 25.09 0.04
C MSE F 41 35.37 26.02 0.21
O MSE F 41 35.90 26.17 1.32
CB MSE F 41 34.52 23.93 -0.88
CG MSE F 41 33.75 22.66 -0.56
SE MSE F 41 33.61 21.40 -2.07
CE MSE F 41 35.28 20.40 -1.85
N LYS F 42 35.80 26.65 -0.88
CA LYS F 42 36.87 27.63 -0.86
C LYS F 42 36.65 28.73 0.18
N GLU F 43 35.40 29.14 0.39
CA GLU F 43 35.13 30.30 1.23
C GLU F 43 35.07 30.04 2.73
N SER F 44 34.59 28.86 3.12
CA SER F 44 34.31 28.61 4.53
C SER F 44 34.52 27.17 5.01
N HIS F 45 35.00 26.30 4.13
CA HIS F 45 35.36 24.94 4.51
C HIS F 45 36.86 24.81 4.48
N GLU F 46 37.36 23.85 5.23
CA GLU F 46 38.73 23.39 5.08
C GLU F 46 38.64 21.91 4.75
N VAL F 47 39.06 21.55 3.54
CA VAL F 47 38.88 20.18 3.03
C VAL F 47 40.19 19.38 3.02
N TYR F 48 40.18 18.28 3.76
CA TYR F 48 41.35 17.39 3.86
C TYR F 48 41.09 16.10 3.10
N GLY F 49 42.10 15.63 2.38
CA GLY F 49 41.97 14.40 1.62
C GLY F 49 43.14 13.48 1.83
N ILE F 50 42.99 12.24 1.39
CA ILE F 50 44.09 11.29 1.31
C ILE F 50 44.14 10.72 -0.10
N MSE F 51 45.29 10.89 -0.75
CA MSE F 51 45.51 10.36 -2.09
C MSE F 51 45.92 8.90 -2.00
O MSE F 51 46.73 8.54 -1.14
CB MSE F 51 46.64 11.12 -2.81
CG MSE F 51 46.45 12.62 -2.90
SE MSE F 51 44.73 13.14 -3.67
CE MSE F 51 45.25 13.23 -5.57
N GLU F 52 45.35 8.06 -2.87
CA GLU F 52 45.97 6.79 -3.20
C GLU F 52 46.41 6.83 -4.65
N GLY F 53 47.71 7.05 -4.85
CA GLY F 53 48.30 7.27 -6.16
C GLY F 53 47.78 8.55 -6.80
N GLU F 54 47.32 8.39 -8.05
CA GLU F 54 46.75 9.45 -8.86
C GLU F 54 45.44 10.01 -8.28
N ASN F 55 44.75 9.23 -7.45
CA ASN F 55 43.33 9.50 -7.10
C ASN F 55 43.02 9.87 -5.65
N LEU F 56 42.05 10.77 -5.50
CA LEU F 56 41.47 11.08 -4.21
C LEU F 56 40.68 9.87 -3.76
N ALA F 57 41.03 9.37 -2.57
CA ALA F 57 40.46 8.15 -2.03
C ALA F 57 39.48 8.41 -0.90
N ALA F 58 39.81 9.36 -0.02
CA ALA F 58 38.91 9.76 1.05
C ALA F 58 38.94 11.26 1.32
N LYS F 59 37.95 11.77 2.04
CA LYS F 59 37.87 13.20 2.39
C LYS F 59 37.07 13.50 3.67
N LEU F 60 37.44 14.60 4.33
CA LEU F 60 36.76 15.10 5.52
C LEU F 60 36.71 16.61 5.38
N HIS F 61 35.57 17.23 5.69
CA HIS F 61 35.49 18.70 5.68
C HIS F 61 35.52 19.20 7.10
N LEU F 62 36.33 20.23 7.35
CA LEU F 62 36.33 20.92 8.66
C LEU F 62 35.76 22.31 8.47
N ILE F 63 34.61 22.56 9.09
CA ILE F 63 33.86 23.80 8.89
C ILE F 63 33.93 24.67 10.15
N PRO F 64 34.65 25.81 10.08
CA PRO F 64 34.72 26.68 11.26
C PRO F 64 33.37 27.29 11.63
N PHE F 65 32.95 27.05 12.87
CA PHE F 65 31.68 27.52 13.42
C PHE F 65 31.85 28.16 14.79
N HIS F 66 30.72 28.58 15.37
CA HIS F 66 30.66 28.98 16.77
C HIS F 66 29.33 28.51 17.30
N ILE F 67 29.29 28.04 18.54
CA ILE F 67 28.01 27.63 19.11
C ILE F 67 27.70 28.42 20.35
N TYR F 68 26.44 28.39 20.75
CA TYR F 68 26.02 28.92 22.02
C TYR F 68 26.01 27.80 23.04
N ILE F 69 26.73 28.00 24.14
CA ILE F 69 26.50 27.22 25.32
C ILE F 69 26.04 28.25 26.32
N GLY F 70 24.72 28.40 26.42
CA GLY F 70 24.12 29.52 27.13
C GLY F 70 24.50 30.79 26.40
N LYS F 71 24.87 31.82 27.14
CA LYS F 71 25.20 33.09 26.52
C LYS F 71 26.59 33.10 25.90
N GLU F 72 27.44 32.19 26.36
CA GLU F 72 28.84 32.13 25.97
C GLU F 72 29.03 31.48 24.62
N LYS F 73 29.81 32.11 23.75
CA LYS F 73 30.13 31.51 22.45
C LYS F 73 31.41 30.68 22.52
N PHE F 74 31.38 29.52 21.88
CA PHE F 74 32.50 28.60 21.85
C PHE F 74 32.93 28.37 20.41
N LYS F 75 34.22 28.51 20.13
CA LYS F 75 34.74 28.11 18.81
C LYS F 75 34.48 26.61 18.63
N MSE F 76 33.79 26.25 17.55
CA MSE F 76 33.36 24.87 17.29
C MSE F 76 33.80 24.39 15.92
O MSE F 76 33.72 25.12 14.95
CB MSE F 76 31.83 24.76 17.41
CG MSE F 76 31.28 23.35 17.31
SE MSE F 76 30.85 22.77 15.48
CE MSE F 76 29.03 23.44 15.35
N GLY F 77 34.29 23.14 15.87
CA GLY F 77 34.78 22.54 14.63
C GLY F 77 33.79 21.57 14.02
N GLY F 78 33.09 22.00 12.97
CA GLY F 78 32.07 21.17 12.36
C GLY F 78 32.63 20.17 11.35
N VAL F 79 32.25 18.91 11.49
CA VAL F 79 32.75 17.87 10.61
C VAL F 79 31.68 17.43 9.62
N ALA F 80 32.03 17.42 8.34
CA ALA F 80 31.10 17.10 7.26
C ALA F 80 31.79 16.40 6.10
N GLY F 81 30.97 15.88 5.20
CA GLY F 81 31.46 15.27 3.96
C GLY F 81 32.50 14.20 4.19
N VAL F 82 32.35 13.46 5.28
CA VAL F 82 33.28 12.39 5.57
C VAL F 82 32.90 11.19 4.70
N ALA F 83 33.82 10.83 3.80
CA ALA F 83 33.52 9.85 2.74
C ALA F 83 34.76 9.18 2.15
N THR F 84 34.63 7.91 1.79
CA THR F 84 35.70 7.20 1.10
C THR F 84 35.07 6.38 0.02
N TYR F 85 35.78 6.26 -1.10
CA TYR F 85 35.33 5.37 -2.15
C TYR F 85 35.46 3.93 -1.66
N PRO F 86 34.41 3.11 -1.90
CA PRO F 86 34.29 1.74 -1.40
C PRO F 86 35.53 0.87 -1.54
N GLU F 87 36.20 0.93 -2.69
CA GLU F 87 37.38 0.10 -2.93
C GLU F 87 38.62 0.48 -2.09
N TYR F 88 38.55 1.60 -1.37
CA TYR F 88 39.64 2.02 -0.47
C TYR F 88 39.26 1.82 1.00
N ARG F 89 38.00 1.47 1.23
CA ARG F 89 37.49 1.22 2.59
C ARG F 89 38.40 0.30 3.41
N ARG F 90 39.00 -0.69 2.75
CA ARG F 90 39.90 -1.64 3.39
C ARG F 90 41.16 -1.03 4.03
N SER F 91 41.56 0.13 3.54
CA SER F 91 42.78 0.77 4.02
C SER F 91 42.58 1.49 5.36
N GLY F 92 41.36 1.99 5.60
CA GLY F 92 41.05 2.69 6.84
C GLY F 92 41.54 4.13 6.83
N TYR F 93 41.29 4.81 5.72
CA TYR F 93 41.71 6.20 5.52
C TYR F 93 40.92 7.20 6.36
N VAL F 94 39.66 6.88 6.63
CA VAL F 94 38.80 7.80 7.37
C VAL F 94 39.26 7.94 8.84
N LYS F 95 39.80 6.86 9.41
CA LYS F 95 40.37 6.93 10.73
C LYS F 95 41.47 7.99 10.75
N GLU F 96 42.43 7.89 9.82
CA GLU F 96 43.57 8.82 9.71
C GLU F 96 43.10 10.27 9.49
N LEU F 97 42.08 10.45 8.67
CA LEU F 97 41.53 11.80 8.42
C LEU F 97 40.90 12.40 9.65
N LEU F 98 40.21 11.55 10.42
CA LEU F 98 39.50 11.95 11.60
C LEU F 98 40.48 12.32 12.72
N GLN F 99 41.45 11.46 12.99
CA GLN F 99 42.48 11.76 13.99
C GLN F 99 43.20 13.04 13.63
N HIS F 100 43.41 13.26 12.34
CA HIS F 100 44.08 14.45 11.85
C HIS F 100 43.27 15.71 12.14
N SER F 101 41.95 15.62 11.97
CA SER F 101 41.07 16.75 12.25
C SER F 101 41.10 17.13 13.74
N LEU F 102 41.29 16.14 14.59
CA LEU F 102 41.53 16.40 15.99
C LEU F 102 42.88 17.14 16.27
N GLN F 103 43.96 16.74 15.60
CA GLN F 103 45.23 17.47 15.76
C GLN F 103 45.05 18.90 15.29
N THR F 104 44.32 19.07 14.19
CA THR F 104 44.10 20.39 13.58
C THR F 104 43.23 21.28 14.45
N MSE F 105 42.22 20.69 15.08
CA MSE F 105 41.26 21.47 15.85
C MSE F 105 41.86 21.96 17.14
O MSE F 105 41.64 23.10 17.54
CB MSE F 105 39.98 20.67 16.11
CG MSE F 105 39.02 20.70 14.94
SE MSE F 105 37.30 19.81 15.26
CE MSE F 105 37.78 17.99 14.74
N LYS F 106 42.63 21.09 17.79
CA LYS F 106 43.31 21.45 19.04
C LYS F 106 44.29 22.58 18.75
N LYS F 107 45.01 22.44 17.64
CA LYS F 107 45.99 23.42 17.19
C LYS F 107 45.36 24.78 16.90
N ASP F 108 44.26 24.81 16.14
CA ASP F 108 43.60 26.07 15.80
C ASP F 108 42.70 26.64 16.91
N GLY F 109 42.52 25.89 17.99
CA GLY F 109 41.84 26.35 19.20
C GLY F 109 40.34 26.13 19.25
N TYR F 110 39.86 25.13 18.53
CA TYR F 110 38.48 24.70 18.62
C TYR F 110 38.31 23.82 19.84
N THR F 111 37.70 24.34 20.90
CA THR F 111 37.49 23.57 22.13
C THR F 111 36.55 22.36 21.97
N VAL F 112 35.57 22.50 21.09
CA VAL F 112 34.46 21.55 20.95
C VAL F 112 34.19 21.28 19.46
N SER F 113 33.59 20.13 19.15
CA SER F 113 33.32 19.71 17.76
C SER F 113 31.96 19.07 17.64
N MSE F 114 31.30 19.26 16.51
CA MSE F 114 30.00 18.64 16.26
C MSE F 114 29.90 18.08 14.87
O MSE F 114 30.61 18.52 13.97
CB MSE F 114 28.87 19.66 16.48
CG MSE F 114 28.78 20.17 17.90
SE MSE F 114 27.35 21.46 18.15
CE MSE F 114 25.85 20.19 18.16
N LEU F 115 29.02 17.11 14.69
CA LEU F 115 28.74 16.50 13.37
C LEU F 115 27.42 15.75 13.35
N HIS F 116 26.88 15.61 12.15
CA HIS F 116 25.77 14.72 11.86
C HIS F 116 26.33 13.40 11.35
N PRO F 117 25.95 12.29 11.97
CA PRO F 117 26.63 11.03 11.72
C PRO F 117 25.92 10.11 10.71
N PHE F 118 26.67 9.53 9.77
CA PHE F 118 26.11 8.46 8.94
C PHE F 118 25.77 7.25 9.83
N ALA F 119 26.72 6.87 10.69
CA ALA F 119 26.50 5.82 11.68
C ALA F 119 27.04 6.30 13.01
N VAL F 120 26.19 6.23 14.03
CA VAL F 120 26.54 6.62 15.40
C VAL F 120 27.71 5.84 15.96
N SER F 121 27.72 4.53 15.75
CA SER F 121 28.74 3.67 16.34
C SER F 121 30.14 4.01 15.84
N PHE F 122 30.21 4.53 14.62
CA PHE F 122 31.48 4.84 13.98
C PHE F 122 32.19 5.98 14.67
N TYR F 123 31.44 7.03 14.99
CA TYR F 123 32.02 8.21 15.62
C TYR F 123 32.29 8.01 17.11
N ARG F 124 31.42 7.23 17.76
CA ARG F 124 31.59 6.84 19.16
C ARG F 124 32.96 6.26 19.45
N LYS F 125 33.47 5.44 18.54
CA LYS F 125 34.78 4.82 18.70
C LYS F 125 35.89 5.86 18.78
N TYR F 126 35.64 7.04 18.21
CA TYR F 126 36.67 8.09 18.13
C TYR F 126 36.36 9.29 19.02
N GLY F 127 35.54 9.07 20.05
CA GLY F 127 35.33 10.07 21.08
C GLY F 127 34.04 10.86 21.07
N TRP F 128 33.38 10.96 19.92
CA TRP F 128 32.12 11.71 19.84
C TRP F 128 30.98 10.93 20.50
N GLU F 129 29.92 11.65 20.88
CA GLU F 129 28.68 11.08 21.45
C GLU F 129 27.46 11.85 21.00
N LEU F 130 26.29 11.24 21.14
CA LEU F 130 25.04 11.95 20.90
C LEU F 130 24.92 13.15 21.85
N CYS F 131 24.49 14.29 21.32
CA CYS F 131 24.37 15.49 22.14
C CYS F 131 23.08 16.27 21.96
N ALA F 132 22.24 15.90 20.99
CA ALA F 132 21.00 16.63 20.68
C ALA F 132 19.92 15.78 19.98
N ASN F 133 18.66 15.96 20.37
CA ASN F 133 17.52 15.36 19.69
C ASN F 133 16.68 16.37 18.93
N LEU F 134 15.88 15.87 17.99
CA LEU F 134 14.81 16.64 17.39
C LEU F 134 13.48 15.97 17.73
N LEU F 135 12.46 16.79 17.99
CA LEU F 135 11.10 16.29 18.13
C LEU F 135 10.33 16.62 16.85
N VAL F 136 9.81 15.59 16.20
CA VAL F 136 9.05 15.75 14.96
C VAL F 136 7.65 15.28 15.25
N CYS F 137 6.68 16.16 15.09
CA CYS F 137 5.30 15.76 15.29
C CYS F 137 4.45 16.00 14.06
N HIS F 138 3.39 15.21 13.93
CA HIS F 138 2.52 15.24 12.78
C HIS F 138 1.06 15.49 13.21
N MSE F 139 0.47 16.57 12.70
CA MSE F 139 -0.96 16.86 12.93
C MSE F 139 -1.73 16.79 11.64
O MSE F 139 -1.14 16.76 10.55
CB MSE F 139 -1.14 18.27 13.47
CG MSE F 139 -0.87 18.41 14.93
SE MSE F 139 0.85 19.22 15.21
CE MSE F 139 0.35 20.37 16.70
N THR F 140 -3.06 16.81 11.76
CA THR F 140 -3.98 16.86 10.61
C THR F 140 -4.92 18.08 10.65
N LYS F 141 -5.67 18.31 9.56
CA LYS F 141 -6.66 19.42 9.47
C LYS F 141 -7.54 19.51 10.71
N SER F 142 -7.98 18.34 11.15
CA SER F 142 -8.70 18.12 12.39
C SER F 142 -8.07 18.81 13.63
N ASP F 143 -6.74 18.81 13.69
CA ASP F 143 -5.98 19.41 14.82
C ASP F 143 -5.84 20.93 14.76
N LEU F 144 -6.24 21.56 13.66
CA LEU F 144 -6.03 23.01 13.48
C LEU F 144 -7.15 23.86 14.09
N VAL F 145 -7.10 24.04 15.40
CA VAL F 145 -8.15 24.75 16.10
C VAL F 145 -7.58 26.01 16.73
N MSE F 146 -8.18 27.15 16.38
CA MSE F 146 -7.74 28.48 16.82
C MSE F 146 -7.51 28.54 18.33
O MSE F 146 -8.28 27.96 19.09
CB MSE F 146 -8.81 29.52 16.49
CG MSE F 146 -8.91 29.90 15.02
SE MSE F 146 -7.41 30.98 14.40
CE MSE F 146 -8.34 31.94 12.98
N LYS F 147 -6.47 29.24 18.75
CA LYS F 147 -6.35 29.58 20.16
C LYS F 147 -6.97 30.96 20.36
N LYS F 148 -6.94 31.46 21.59
CA LYS F 148 -7.43 32.81 21.89
C LYS F 148 -6.76 33.76 20.92
N GLN F 149 -7.55 34.62 20.29
CA GLN F 149 -7.02 35.61 19.37
C GLN F 149 -6.03 36.53 20.10
N VAL F 150 -5.00 36.95 19.38
CA VAL F 150 -3.90 37.69 19.98
C VAL F 150 -3.71 39.00 19.21
N ASN F 151 -3.05 39.98 19.83
CA ASN F 151 -3.07 41.36 19.31
C ASN F 151 -1.94 41.79 18.38
N GLY F 152 -0.94 40.94 18.19
CA GLY F 152 0.16 41.28 17.29
C GLY F 152 -0.18 41.07 15.82
N THR F 153 0.84 41.12 14.98
CA THR F 153 0.66 40.82 13.54
C THR F 153 1.71 39.80 13.05
N VAL F 154 1.47 39.25 11.86
CA VAL F 154 2.37 38.26 11.26
C VAL F 154 2.72 38.68 9.83
N LYS F 155 4.02 38.83 9.54
CA LYS F 155 4.51 39.21 8.22
C LYS F 155 5.38 38.10 7.59
N ARG F 156 5.23 37.86 6.30
CA ARG F 156 6.02 36.83 5.63
C ARG F 156 7.25 37.43 4.93
N PHE F 157 8.34 36.64 4.88
CA PHE F 157 9.61 37.05 4.26
C PHE F 157 10.21 35.91 3.46
N ASN F 158 11.24 36.21 2.68
CA ASN F 158 11.98 35.18 1.95
C ASN F 158 13.48 35.51 1.91
N LYS F 159 14.28 34.61 1.34
CA LYS F 159 15.70 34.84 1.18
C LYS F 159 16.01 36.27 0.72
N GLU F 160 15.28 36.74 -0.29
CA GLU F 160 15.50 38.08 -0.88
C GLU F 160 14.99 39.25 -0.03
N SER F 161 14.13 38.97 0.93
CA SER F 161 13.54 39.99 1.80
C SER F 161 13.99 39.81 3.24
N HIS F 162 15.09 39.06 3.43
CA HIS F 162 15.64 38.71 4.76
C HIS F 162 15.68 39.88 5.74
N PRO F 163 14.92 39.78 6.84
CA PRO F 163 14.77 40.87 7.79
C PRO F 163 15.80 40.79 8.89
N GLU F 164 16.50 41.90 9.14
CA GLU F 164 17.58 41.94 10.13
C GLU F 164 17.14 41.45 11.53
N GLU F 165 15.90 41.78 11.91
CA GLU F 165 15.39 41.52 13.24
C GLU F 165 15.21 40.03 13.62
N VAL F 166 15.11 39.14 12.64
CA VAL F 166 15.05 37.71 12.94
C VAL F 166 16.37 37.20 13.57
N GLU F 167 17.47 37.92 13.34
CA GLU F 167 18.78 37.43 13.76
C GLU F 167 18.88 37.43 15.28
N LYS F 168 18.39 38.49 15.93
CA LYS F 168 18.36 38.58 17.41
C LYS F 168 17.31 37.64 17.94
N LEU F 169 16.17 37.62 17.25
CA LEU F 169 15.09 36.74 17.59
C LEU F 169 15.62 35.30 17.74
N TYR F 170 16.43 34.89 16.78
CA TYR F 170 17.08 33.59 16.84
C TYR F 170 18.09 33.48 17.98
N GLU F 171 18.92 34.50 18.14
CA GLU F 171 19.98 34.46 19.18
C GLU F 171 19.38 34.29 20.58
N THR F 172 18.29 35.00 20.84
CA THR F 172 17.64 35.01 22.14
C THR F 172 17.17 33.60 22.51
N PHE F 173 16.58 32.93 21.51
CA PHE F 173 16.19 31.53 21.61
C PHE F 173 17.47 30.72 21.79
N ALA F 174 18.40 30.89 20.87
CA ALA F 174 19.61 30.08 20.84
C ALA F 174 20.29 30.01 22.21
N GLU F 175 20.48 31.17 22.84
CA GLU F 175 21.12 31.26 24.18
C GLU F 175 20.47 30.42 25.30
N LEU F 176 19.29 29.86 25.06
CA LEU F 176 18.60 29.08 26.09
C LEU F 176 19.07 27.64 26.13
N PHE F 177 19.96 27.26 25.20
CA PHE F 177 20.32 25.87 24.99
C PHE F 177 21.84 25.66 24.97
N SER F 178 22.26 24.44 24.63
CA SER F 178 23.66 24.14 24.33
C SER F 178 23.77 23.45 22.99
N GLY F 179 24.57 24.03 22.10
CA GLY F 179 24.81 23.45 20.79
C GLY F 179 24.25 24.22 19.62
N MSE F 180 23.43 25.25 19.89
CA MSE F 180 22.84 26.05 18.80
C MSE F 180 23.96 26.77 18.05
O MSE F 180 24.87 27.31 18.65
CB MSE F 180 21.84 27.06 19.32
CG MSE F 180 20.60 26.48 19.95
SE MSE F 180 19.46 25.70 18.60
CE MSE F 180 18.41 27.27 18.14
N LEU F 181 23.87 26.79 16.71
CA LEU F 181 24.87 27.41 15.87
C LEU F 181 24.75 28.93 15.92
N VAL F 182 25.89 29.61 15.89
CA VAL F 182 25.90 31.07 15.74
C VAL F 182 25.70 31.39 14.24
N ARG F 183 24.60 32.08 13.93
CA ARG F 183 24.19 32.30 12.53
C ARG F 183 24.42 33.73 12.05
N ASN F 184 25.44 33.95 11.21
CA ASN F 184 25.59 35.25 10.55
C ASN F 184 24.73 35.37 9.28
N GLU F 185 24.60 36.60 8.78
CA GLU F 185 23.71 36.90 7.67
C GLU F 185 23.97 35.93 6.52
N LYS F 186 25.25 35.65 6.30
CA LYS F 186 25.68 34.80 5.20
C LYS F 186 25.16 33.38 5.35
N TRP F 187 25.13 32.88 6.59
CA TRP F 187 24.63 31.56 6.88
C TRP F 187 23.10 31.47 6.72
N TRP F 188 22.40 32.51 7.21
CA TRP F 188 20.95 32.60 7.01
C TRP F 188 20.65 32.49 5.53
N LEU F 189 21.30 33.35 4.74
CA LEU F 189 21.07 33.39 3.29
C LEU F 189 21.44 32.11 2.57
N GLN F 190 22.56 31.50 2.94
CA GLN F 190 23.12 30.41 2.15
C GLN F 190 22.73 29.02 2.59
N ALA F 191 22.28 28.89 3.85
CA ALA F 191 22.09 27.58 4.45
C ALA F 191 20.74 27.40 5.15
N VAL F 192 20.07 28.49 5.46
CA VAL F 192 18.85 28.38 6.27
C VAL F 192 17.58 28.49 5.45
N TYR F 193 17.50 29.52 4.60
CA TYR F 193 16.29 29.79 3.82
C TYR F 193 15.95 28.64 2.91
N ASP F 194 16.97 28.13 2.20
CA ASP F 194 16.78 26.98 1.32
C ASP F 194 15.53 27.20 0.46
N ASP F 195 14.50 26.39 0.70
CA ASP F 195 13.22 26.48 -0.03
C ASP F 195 12.09 27.11 0.83
N LEU F 196 12.44 27.57 2.03
CA LEU F 196 11.47 27.90 3.07
C LEU F 196 10.98 29.33 3.09
N THR F 197 9.88 29.56 3.80
CA THR F 197 9.32 30.89 3.95
C THR F 197 9.45 31.26 5.43
N LEU F 198 9.75 32.51 5.72
CA LEU F 198 9.87 32.95 7.09
C LEU F 198 8.65 33.78 7.45
N ALA F 199 8.06 33.49 8.60
CA ALA F 199 7.02 34.36 9.13
C ALA F 199 7.46 34.86 10.50
N ILE F 200 7.25 36.14 10.77
CA ILE F 200 7.61 36.69 12.09
C ILE F 200 6.36 37.20 12.79
N TYR F 201 6.24 36.86 14.06
CA TYR F 201 5.17 37.42 14.88
C TYR F 201 5.69 38.68 15.54
N TYR F 202 5.00 39.80 15.32
CA TYR F 202 5.33 41.05 15.98
C TYR F 202 4.27 41.35 17.02
N ASP F 203 4.69 41.87 18.18
CA ASP F 203 3.73 42.14 19.25
C ASP F 203 3.02 43.47 19.08
N GLU F 204 2.30 43.88 20.12
CA GLU F 204 1.51 45.10 20.13
C GLU F 204 2.35 46.32 19.77
N ASN F 205 3.53 46.42 20.37
CA ASN F 205 4.44 47.54 20.15
C ASN F 205 5.40 47.29 19.00
N GLN F 206 5.06 46.31 18.16
CA GLN F 206 5.81 45.96 16.96
C GLN F 206 7.22 45.41 17.18
N THR F 207 7.46 44.82 18.33
CA THR F 207 8.71 44.10 18.53
C THR F 207 8.54 42.70 17.96
N ALA F 208 9.58 42.18 17.30
CA ALA F 208 9.57 40.81 16.81
C ALA F 208 9.64 39.89 18.01
N ALA F 209 8.75 38.91 18.07
CA ALA F 209 8.61 38.07 19.25
C ALA F 209 8.73 36.58 18.95
N GLY F 210 8.73 36.24 17.67
CA GLY F 210 8.78 34.85 17.25
C GLY F 210 8.84 34.66 15.75
N TYR F 211 9.39 33.53 15.32
CA TYR F 211 9.45 33.23 13.90
C TYR F 211 9.19 31.77 13.63
N MSE F 212 8.83 31.47 12.38
CA MSE F 212 8.75 30.09 11.93
C MSE F 212 9.23 30.01 10.49
O MSE F 212 8.98 30.93 9.70
CB MSE F 212 7.35 29.51 12.09
CG MSE F 212 6.28 30.24 11.32
SE MSE F 212 4.52 29.45 11.48
CE MSE F 212 4.74 27.93 10.28
N LEU F 213 9.94 28.93 10.18
CA LEU F 213 10.36 28.61 8.83
C LEU F 213 9.56 27.44 8.34
N TYR F 214 8.91 27.60 7.20
CA TYR F 214 7.99 26.61 6.67
C TYR F 214 7.91 26.66 5.16
N LYS F 215 7.26 25.63 4.61
CA LYS F 215 6.91 25.57 3.20
C LYS F 215 5.59 24.84 3.11
N ILE F 216 4.87 25.03 2.01
CA ILE F 216 3.66 24.27 1.79
C ILE F 216 3.71 23.69 0.40
N GLU F 217 3.60 22.36 0.33
CA GLU F 217 3.47 21.69 -0.97
C GLU F 217 2.57 20.47 -0.90
N ASN F 218 1.64 20.40 -1.86
CA ASN F 218 0.74 19.26 -2.02
C ASN F 218 -0.04 18.93 -0.75
N TYR F 219 -0.61 19.99 -0.15
CA TYR F 219 -1.47 19.91 1.05
C TYR F 219 -0.76 19.46 2.31
N LYS F 220 0.55 19.62 2.35
CA LYS F 220 1.33 19.37 3.55
C LYS F 220 2.18 20.59 3.90
N MSE F 221 1.98 21.12 5.12
CA MSE F 221 2.85 22.18 5.64
C MSE F 221 3.95 21.60 6.49
O MSE F 221 3.69 20.91 7.47
CB MSE F 221 2.06 23.21 6.47
CG MSE F 221 2.96 24.30 7.05
SE MSE F 221 2.07 25.63 8.18
CE MSE F 221 1.21 26.68 6.79
N THR F 222 5.19 21.86 6.08
CA THR F 222 6.36 21.42 6.82
C THR F 222 6.97 22.63 7.52
N VAL F 223 6.88 22.62 8.86
CA VAL F 223 7.41 23.68 9.68
C VAL F 223 8.75 23.19 10.18
N GLU F 224 9.80 23.59 9.48
CA GLU F 224 11.15 23.18 9.85
C GLU F 224 11.71 23.87 11.10
N GLU F 225 11.30 25.11 11.34
CA GLU F 225 11.75 25.85 12.52
C GLU F 225 10.60 26.61 13.20
N PHE F 226 10.39 26.35 14.49
CA PHE F 226 9.32 27.02 15.27
C PHE F 226 9.89 27.63 16.55
N VAL F 227 9.97 28.97 16.57
CA VAL F 227 10.69 29.71 17.61
C VAL F 227 9.85 30.87 18.21
N PRO F 228 9.07 30.59 19.27
CA PRO F 228 8.41 31.68 19.99
C PRO F 228 9.16 32.06 21.26
N LEU F 229 9.41 33.34 21.46
CA LEU F 229 10.11 33.77 22.65
C LEU F 229 9.18 33.84 23.85
N HIS F 230 7.87 33.79 23.61
CA HIS F 230 6.88 33.77 24.68
C HIS F 230 5.53 33.26 24.18
N ASN F 231 4.59 33.06 25.11
CA ASN F 231 3.36 32.37 24.77
C ASN F 231 2.43 33.09 23.79
N GLU F 232 2.33 34.41 23.91
CA GLU F 232 1.59 35.20 22.94
C GLU F 232 2.16 34.94 21.52
N ALA F 233 3.48 34.93 21.38
CA ALA F 233 4.12 34.58 20.11
C ALA F 233 3.70 33.19 19.66
N ARG F 234 3.75 32.22 20.58
CA ARG F 234 3.31 30.86 20.32
C ARG F 234 1.88 30.85 19.78
N ASN F 235 1.00 31.54 20.48
CA ASN F 235 -0.40 31.64 20.08
C ASN F 235 -0.54 32.29 18.70
N GLY F 236 0.14 33.43 18.51
CA GLY F 236 0.01 34.20 17.27
C GLY F 236 0.52 33.42 16.07
N LEU F 237 1.64 32.73 16.26
CA LEU F 237 2.18 31.88 15.21
C LEU F 237 1.26 30.69 14.95
N TRP F 238 0.79 30.08 16.05
CA TRP F 238 -0.13 28.97 15.91
C TRP F 238 -1.37 29.36 15.09
N ASN F 239 -2.08 30.41 15.51
CA ASN F 239 -3.25 30.88 14.76
C ASN F 239 -2.96 31.20 13.30
N PHE F 240 -1.72 31.56 12.99
CA PHE F 240 -1.29 31.82 11.62
C PHE F 240 -1.31 30.49 10.86
N ILE F 241 -0.77 29.45 11.49
CA ILE F 241 -0.80 28.10 10.96
C ILE F 241 -2.26 27.73 10.71
N CYS F 242 -3.08 27.93 11.73
CA CYS F 242 -4.50 27.58 11.68
C CYS F 242 -5.29 28.27 10.57
N GLN F 243 -4.76 29.35 10.02
CA GLN F 243 -5.49 30.02 8.96
C GLN F 243 -5.16 29.53 7.56
N HIS F 244 -4.29 28.53 7.52
CA HIS F 244 -4.00 27.76 6.32
C HIS F 244 -4.82 26.47 6.34
N ASP F 245 -5.91 26.44 7.10
CA ASP F 245 -6.61 25.17 7.39
C ASP F 245 -7.28 24.54 6.17
N SER F 246 -7.80 25.39 5.27
CA SER F 246 -8.44 24.90 4.05
C SER F 246 -7.39 24.50 3.01
N MSE F 247 -6.16 24.91 3.28
CA MSE F 247 -5.02 24.62 2.41
C MSE F 247 -4.30 23.30 2.72
O MSE F 247 -3.59 22.76 1.86
CB MSE F 247 -4.01 25.75 2.49
CG MSE F 247 -4.04 26.71 1.34
SE MSE F 247 -2.74 28.11 1.67
CE MSE F 247 -3.94 29.31 2.67
N ILE F 248 -4.44 22.78 3.94
CA ILE F 248 -3.61 21.63 4.35
C ILE F 248 -4.30 20.46 5.07
N LYS F 249 -3.95 19.25 4.63
CA LYS F 249 -4.43 18.03 5.23
C LYS F 249 -3.46 17.59 6.33
N ASP F 250 -2.16 17.75 6.06
CA ASP F 250 -1.13 17.35 7.03
C ASP F 250 -0.22 18.50 7.49
N LEU F 251 0.13 18.50 8.77
CA LEU F 251 1.15 19.42 9.32
C LEU F 251 2.33 18.65 9.92
N GLU F 252 3.56 19.07 9.61
CA GLU F 252 4.73 18.48 10.23
C GLU F 252 5.64 19.53 10.85
N MSE F 253 5.90 19.43 12.14
CA MSE F 253 6.77 20.40 12.80
C MSE F 253 7.99 19.74 13.40
O MSE F 253 7.90 18.66 13.99
CB MSE F 253 6.02 21.14 13.90
CG MSE F 253 4.84 21.93 13.39
SE MSE F 253 3.92 22.97 14.73
CE MSE F 253 5.42 23.60 15.78
N THR F 254 9.14 20.40 13.26
CA THR F 254 10.32 20.07 14.04
C THR F 254 10.54 21.12 15.15
N VAL F 255 10.53 20.65 16.39
CA VAL F 255 10.68 21.54 17.55
C VAL F 255 11.57 20.87 18.58
N SER F 256 11.90 21.56 19.68
CA SER F 256 12.75 20.95 20.70
C SER F 256 11.87 20.16 21.65
N GLU F 257 12.48 19.29 22.46
CA GLU F 257 11.72 18.50 23.44
C GLU F 257 11.03 19.40 24.46
N ASN F 258 11.62 20.58 24.69
CA ASN F 258 11.11 21.61 25.62
C ASN F 258 9.87 22.37 25.14
N GLU F 259 9.61 22.34 23.82
CA GLU F 259 8.45 23.01 23.23
C GLU F 259 7.11 22.38 23.65
N PRO F 260 6.24 23.14 24.34
CA PRO F 260 5.00 22.60 24.91
C PRO F 260 3.71 22.74 24.09
N LEU F 261 3.81 23.24 22.85
CA LEU F 261 2.64 23.45 21.97
C LEU F 261 1.65 22.29 21.93
N LEU F 262 2.15 21.06 21.91
CA LEU F 262 1.32 19.87 21.73
C LEU F 262 0.30 19.66 22.85
N TYR F 263 0.69 20.05 24.07
CA TYR F 263 -0.15 19.99 25.26
C TYR F 263 -1.37 20.91 25.15
N THR F 264 -1.29 21.91 24.30
CA THR F 264 -2.34 22.91 24.20
C THR F 264 -3.48 22.54 23.22
N LEU F 265 -3.26 21.50 22.40
CA LEU F 265 -4.21 21.02 21.39
C LEU F 265 -5.44 20.38 21.97
N GLN F 266 -6.49 20.23 21.17
CA GLN F 266 -7.73 19.56 21.59
C GLN F 266 -7.45 18.10 21.90
N GLU F 267 -6.81 17.44 20.94
CA GLU F 267 -6.36 16.06 21.09
C GLU F 267 -4.83 16.06 20.99
N PRO F 268 -4.15 16.09 22.15
CA PRO F 268 -2.69 16.16 22.17
C PRO F 268 -2.03 14.81 21.83
N ARG F 269 -2.84 13.77 21.63
CA ARG F 269 -2.33 12.44 21.27
C ARG F 269 -2.15 12.31 19.76
N VAL F 270 -1.21 13.10 19.23
CA VAL F 270 -0.77 13.05 17.84
C VAL F 270 0.56 12.31 17.75
N LYS F 271 0.86 11.81 16.55
CA LYS F 271 2.09 11.08 16.26
C LYS F 271 3.29 12.00 16.50
N THR F 272 4.32 11.49 17.20
CA THR F 272 5.40 12.34 17.75
C THR F 272 6.69 11.60 18.11
N GLU F 273 7.67 11.57 17.19
CA GLU F 273 8.97 10.94 17.46
C GLU F 273 10.06 11.88 17.99
N ILE F 274 10.80 11.39 18.99
CA ILE F 274 12.06 12.00 19.46
C ILE F 274 13.21 11.23 18.83
N LYS F 275 13.88 11.83 17.87
CA LYS F 275 15.03 11.17 17.26
C LYS F 275 16.34 11.81 17.68
N PRO F 276 17.31 10.99 18.14
CA PRO F 276 18.67 11.47 18.32
C PRO F 276 19.17 12.02 16.98
N TYR F 277 19.89 13.13 17.01
CA TYR F 277 20.16 13.86 15.78
C TYR F 277 21.61 14.21 15.53
N PHE F 278 22.27 14.78 16.54
CA PHE F 278 23.60 15.32 16.38
C PHE F 278 24.57 14.77 17.40
N MSE F 279 25.82 14.71 17.00
CA MSE F 279 26.85 14.28 17.91
C MSE F 279 27.76 15.44 18.20
O MSE F 279 27.83 16.40 17.42
CB MSE F 279 27.62 13.10 17.31
CG MSE F 279 26.74 11.88 17.15
SE MSE F 279 27.66 10.28 16.53
CE MSE F 279 28.56 9.83 18.19
N GLY F 280 28.41 15.37 19.36
CA GLY F 280 29.36 16.39 19.81
C GLY F 280 30.54 15.77 20.55
N ARG F 281 31.64 16.50 20.63
CA ARG F 281 32.84 15.99 21.26
C ARG F 281 33.63 17.17 21.77
N ILE F 282 34.09 17.06 22.99
CA ILE F 282 35.05 18.00 23.48
C ILE F 282 36.40 17.66 22.84
N VAL F 283 37.10 18.68 22.36
CA VAL F 283 38.37 18.49 21.66
C VAL F 283 39.52 18.68 22.65
N ASP F 284 39.44 19.79 23.39
CA ASP F 284 40.45 20.15 24.39
C ASP F 284 39.76 20.44 25.73
N VAL F 285 39.73 19.42 26.60
CA VAL F 285 39.04 19.50 27.89
C VAL F 285 39.45 20.73 28.69
N GLU F 286 40.76 20.90 28.90
CA GLU F 286 41.29 22.03 29.66
C GLU F 286 40.83 23.39 29.12
N GLN F 287 41.02 23.58 27.81
CA GLN F 287 40.74 24.86 27.18
C GLN F 287 39.24 25.12 27.18
N PHE F 288 38.47 24.04 27.09
CA PHE F 288 37.01 24.09 27.13
C PHE F 288 36.56 24.57 28.50
N LEU F 289 37.06 23.91 29.53
CA LEU F 289 36.67 24.21 30.89
C LEU F 289 37.08 25.63 31.35
N LYS F 290 37.97 26.27 30.59
CA LYS F 290 38.33 27.68 30.83
C LYS F 290 37.18 28.64 30.50
N GLN F 291 36.16 28.13 29.80
CA GLN F 291 35.06 28.97 29.33
C GLN F 291 33.71 28.55 29.89
N TYR F 292 33.68 27.36 30.46
CA TYR F 292 32.45 26.69 30.83
C TYR F 292 31.96 27.07 32.22
N GLU F 293 30.91 27.90 32.26
CA GLU F 293 30.31 28.32 33.54
C GLU F 293 29.52 27.17 34.19
N LEU F 294 29.88 26.86 35.43
CA LEU F 294 29.22 25.78 36.18
C LEU F 294 28.20 26.33 37.17
N ASN F 295 27.37 25.45 37.70
CA ASN F 295 26.43 25.85 38.73
C ASN F 295 26.99 25.63 40.12
N TRP F 296 27.02 26.68 40.93
CA TRP F 296 27.73 26.60 42.20
C TRP F 296 26.84 26.53 43.43
N ASN F 297 25.68 27.18 43.36
CA ASN F 297 24.77 27.26 44.52
C ASN F 297 24.19 25.88 44.85
N ASN F 298 24.58 25.36 46.02
CA ASN F 298 24.20 24.01 46.50
C ASN F 298 24.60 22.89 45.54
N GLN F 300 28.24 21.54 47.65
CA GLN F 300 28.30 20.10 47.91
C GLN F 300 29.65 19.70 48.52
N GLN F 301 30.64 19.54 47.62
CA GLN F 301 32.05 19.27 47.95
C GLN F 301 32.80 19.27 46.60
N GLU F 302 34.10 18.99 46.62
CA GLU F 302 34.90 19.01 45.38
C GLU F 302 34.50 17.92 44.39
N VAL F 303 34.74 18.18 43.09
CA VAL F 303 34.54 17.16 42.06
C VAL F 303 35.85 16.83 41.32
N ILE F 304 36.27 15.58 41.38
CA ILE F 304 37.43 15.14 40.62
C ILE F 304 37.02 14.23 39.47
N LEU F 305 37.60 14.48 38.30
CA LEU F 305 37.36 13.66 37.12
C LEU F 305 38.68 13.13 36.54
N HIS F 306 38.75 11.81 36.42
CA HIS F 306 39.82 11.15 35.69
C HIS F 306 39.31 10.81 34.29
N ILE F 307 39.68 11.66 33.32
CA ILE F 307 39.17 11.56 31.97
C ILE F 307 40.13 10.77 31.09
N THR F 308 39.65 9.66 30.55
CA THR F 308 40.33 8.97 29.45
C THR F 308 39.81 9.42 28.10
N ASP F 309 40.73 9.61 27.17
CA ASP F 309 40.40 9.88 25.78
C ASP F 309 41.41 9.11 24.95
N SER F 310 40.94 8.12 24.21
CA SER F 310 41.83 7.20 23.55
C SER F 310 42.32 7.70 22.19
N PHE F 311 41.77 8.80 21.70
CA PHE F 311 42.25 9.37 20.43
C PHE F 311 42.71 10.81 20.49
N ALA F 312 42.67 11.38 21.68
CA ALA F 312 43.14 12.74 21.88
C ALA F 312 44.05 12.77 23.09
N GLN F 313 45.24 12.20 22.92
CA GLN F 313 46.18 11.97 24.02
C GLN F 313 46.12 13.09 25.07
N TRP F 314 46.08 14.33 24.62
CA TRP F 314 46.06 15.51 25.50
C TRP F 314 44.87 15.57 26.46
N ASN F 315 43.83 14.78 26.21
CA ASN F 315 42.67 14.75 27.11
C ASN F 315 42.73 13.71 28.24
N ASN F 316 43.77 12.91 28.26
CA ASN F 316 43.97 11.99 29.38
C ASN F 316 44.54 12.75 30.57
N ILE F 317 43.64 13.31 31.36
CA ILE F 317 44.02 14.22 32.44
C ILE F 317 43.05 14.13 33.59
N THR F 318 43.51 14.58 34.74
CA THR F 318 42.70 14.58 35.95
C THR F 318 42.39 16.03 36.34
N VAL F 319 41.11 16.27 36.65
CA VAL F 319 40.61 17.64 36.81
C VAL F 319 39.89 17.81 38.15
N ARG F 320 40.18 18.93 38.84
CA ARG F 320 39.53 19.29 40.10
C ARG F 320 38.56 20.44 39.89
N ILE F 321 37.37 20.31 40.47
CA ILE F 321 36.34 21.35 40.43
C ILE F 321 36.08 21.79 41.85
N ALA F 322 36.49 23.03 42.16
CA ALA F 322 36.46 23.56 43.53
C ALA F 322 36.44 25.09 43.51
N ASN F 323 36.01 25.71 44.63
CA ASN F 323 35.70 27.15 44.70
C ASN F 323 34.89 27.53 43.46
N HIS F 324 35.36 28.53 42.72
CA HIS F 324 34.82 28.78 41.38
C HIS F 324 35.96 28.63 40.38
N GLU F 325 36.85 27.68 40.68
CA GLU F 325 38.07 27.44 39.89
C GLU F 325 38.15 25.99 39.37
N ILE F 326 38.78 25.83 38.22
CA ILE F 326 39.04 24.52 37.63
C ILE F 326 40.52 24.36 37.43
N THR F 327 41.09 23.37 38.11
CA THR F 327 42.53 23.15 38.11
C THR F 327 42.86 21.74 37.62
N ILE F 328 44.10 21.53 37.22
CA ILE F 328 44.57 20.23 36.72
C ILE F 328 45.61 19.60 37.64
N ILE F 329 45.22 18.50 38.28
CA ILE F 329 46.10 17.72 39.13
C ILE F 329 47.00 16.84 38.24
N GLU F 330 48.25 16.68 38.64
CA GLU F 330 49.22 15.94 37.83
C GLU F 330 49.32 14.45 38.19
N GLU F 331 49.45 14.12 39.48
CA GLU F 331 49.49 12.72 39.94
C GLU F 331 48.24 12.30 40.74
N PRO F 332 47.11 12.03 40.04
CA PRO F 332 45.79 11.68 40.59
C PRO F 332 45.77 10.83 41.87
N ILE F 333 44.67 10.95 42.62
CA ILE F 333 44.49 10.24 43.89
C ILE F 333 43.46 9.12 43.78
N ASP F 334 43.36 8.34 44.86
CA ASP F 334 42.45 7.19 44.97
C ASP F 334 40.96 7.54 44.76
N LYS F 335 40.56 8.74 45.19
CA LYS F 335 39.18 9.21 44.99
C LYS F 335 38.95 9.60 43.51
N GLY F 336 37.75 10.11 43.20
CA GLY F 336 37.49 10.71 41.89
C GLY F 336 36.56 9.93 40.98
N ILE F 337 36.07 10.59 39.94
CA ILE F 337 35.14 9.97 39.00
C ILE F 337 35.85 9.59 37.71
N LYS F 338 35.67 8.32 37.30
CA LYS F 338 36.25 7.81 36.05
C LYS F 338 35.28 7.95 34.86
N LEU F 339 35.75 8.51 33.76
CA LEU F 339 34.91 8.60 32.54
C LEU F 339 35.62 8.88 31.22
N ASP F 340 34.99 8.37 30.14
CA ASP F 340 35.36 8.58 28.74
C ASP F 340 35.31 10.05 28.36
N ILE F 341 35.97 10.41 27.27
CA ILE F 341 35.68 11.68 26.62
C ILE F 341 34.26 11.69 26.03
N ASN F 342 33.74 10.49 25.76
CA ASN F 342 32.37 10.31 25.30
C ASN F 342 31.39 10.75 26.37
N ALA F 343 31.57 10.22 27.58
CA ALA F 343 30.69 10.51 28.69
C ALA F 343 30.74 11.99 29.06
N LEU F 344 31.95 12.54 29.15
CA LEU F 344 32.12 13.94 29.52
C LEU F 344 31.39 14.86 28.55
N SER F 345 31.59 14.63 27.26
CA SER F 345 31.01 15.45 26.20
C SER F 345 29.49 15.48 26.19
N THR F 346 28.87 14.33 26.37
CA THR F 346 27.42 14.27 26.41
C THR F 346 26.88 14.85 27.71
N ILE F 347 27.72 14.84 28.76
CA ILE F 347 27.32 15.40 30.04
C ILE F 347 27.33 16.92 30.01
N LEU F 348 28.33 17.51 29.35
CA LEU F 348 28.51 18.95 29.37
C LEU F 348 27.62 19.65 28.34
N PHE F 349 27.26 18.93 27.28
CA PHE F 349 26.17 19.38 26.42
C PHE F 349 24.84 19.30 27.16
N GLY F 350 24.80 18.52 28.25
CA GLY F 350 23.59 18.34 29.05
C GLY F 350 22.60 17.35 28.48
N TYR F 351 23.09 16.48 27.60
CA TYR F 351 22.23 15.56 26.87
C TYR F 351 21.89 14.34 27.72
N ARG F 352 22.82 14.00 28.62
CA ARG F 352 22.65 12.98 29.67
C ARG F 352 23.24 13.45 31.00
N ARG F 353 22.50 13.16 32.06
CA ARG F 353 22.91 13.58 33.39
C ARG F 353 23.90 12.59 33.99
N PRO F 354 24.88 13.11 34.75
CA PRO F 354 25.80 12.23 35.49
C PRO F 354 25.11 11.04 36.19
N LEU F 355 23.88 11.25 36.69
CA LEU F 355 23.13 10.19 37.35
C LEU F 355 22.67 9.12 36.38
N GLU F 356 22.37 9.53 35.14
CA GLU F 356 21.95 8.59 34.11
C GLU F 356 23.10 7.70 33.71
N LEU F 357 24.24 8.31 33.40
CA LEU F 357 25.41 7.53 33.02
C LEU F 357 25.99 6.71 34.18
N ASN F 358 25.63 7.07 35.40
CA ASN F 358 26.01 6.26 36.54
C ASN F 358 25.22 4.96 36.60
N GLU F 359 23.92 5.05 36.34
CA GLU F 359 23.04 3.87 36.29
C GLU F 359 23.47 2.95 35.14
N LEU F 360 23.86 3.54 34.01
CA LEU F 360 24.35 2.79 32.86
C LEU F 360 25.78 2.23 33.00
N GLU F 361 26.42 2.46 34.14
CA GLU F 361 27.80 2.02 34.40
C GLU F 361 28.80 2.57 33.39
N LEU F 362 28.52 3.75 32.85
CA LEU F 362 29.39 4.38 31.86
C LEU F 362 30.34 5.36 32.53
N ILE F 363 29.99 5.79 33.73
CA ILE F 363 30.90 6.52 34.60
C ILE F 363 30.83 5.82 35.95
N SER F 364 31.83 6.07 36.81
CA SER F 364 31.83 5.49 38.15
C SER F 364 32.48 6.41 39.20
N GLY F 365 31.88 6.39 40.39
CA GLY F 365 32.32 7.14 41.56
C GLY F 365 31.40 6.77 42.70
N SER F 366 31.78 7.11 43.94
CA SER F 366 30.90 6.91 45.10
C SER F 366 29.59 7.68 44.91
N GLU F 367 28.54 7.28 45.64
CA GLU F 367 27.25 7.92 45.49
C GLU F 367 27.37 9.43 45.69
N GLU F 368 28.09 9.79 46.76
CA GLU F 368 28.49 11.17 47.08
C GLU F 368 29.01 11.99 45.88
N GLU F 369 30.18 11.61 45.37
CA GLU F 369 30.87 12.31 44.31
C GLU F 369 29.98 12.53 43.08
N ILE F 370 29.13 11.55 42.81
CA ILE F 370 28.24 11.63 41.67
C ILE F 370 27.18 12.69 41.91
N ARG F 371 26.56 12.65 43.09
CA ARG F 371 25.52 13.63 43.43
C ARG F 371 26.06 15.06 43.38
N ALA F 372 27.36 15.21 43.67
CA ALA F 372 28.04 16.50 43.58
C ALA F 372 28.30 16.87 42.11
N PHE F 373 28.70 15.91 41.30
CA PHE F 373 28.89 16.12 39.88
C PHE F 373 27.56 16.50 39.19
N GLU F 374 26.49 15.83 39.60
CA GLU F 374 25.13 16.16 39.16
C GLU F 374 24.79 17.64 39.42
N SER F 375 25.19 18.16 40.57
CA SER F 375 24.80 19.49 40.98
C SER F 375 25.56 20.62 40.26
N VAL F 376 26.79 20.36 39.85
CA VAL F 376 27.58 21.44 39.25
C VAL F 376 27.35 21.60 37.73
N VAL F 377 26.91 20.53 37.07
CA VAL F 377 26.59 20.65 35.66
C VAL F 377 25.28 21.42 35.56
N PRO F 378 25.23 22.44 34.66
CA PRO F 378 24.01 23.24 34.50
C PRO F 378 22.86 22.41 33.99
N VAL F 379 21.64 22.74 34.39
CA VAL F 379 20.47 21.95 34.02
C VAL F 379 20.07 22.13 32.56
N ARG F 380 20.57 23.19 31.94
CA ARG F 380 20.39 23.51 30.53
C ARG F 380 20.41 22.31 29.57
N LYS F 381 19.41 22.28 28.67
CA LYS F 381 19.20 21.21 27.68
C LYS F 381 19.81 21.56 26.31
N PRO F 382 20.30 20.55 25.57
CA PRO F 382 20.93 20.84 24.28
C PRO F 382 19.98 20.85 23.07
N PHE F 383 20.31 21.65 22.07
CA PHE F 383 19.55 21.74 20.84
C PHE F 383 20.37 22.35 19.73
N ILE F 384 20.14 21.88 18.51
CA ILE F 384 20.75 22.44 17.31
C ILE F 384 19.73 22.38 16.19
N TYR F 385 19.46 23.53 15.57
CA TYR F 385 18.45 23.61 14.53
C TYR F 385 19.03 23.47 13.12
N ASP F 386 20.35 23.45 13.04
CA ASP F 386 21.04 23.44 11.75
C ASP F 386 21.46 22.06 11.25
N PHE F 387 21.94 22.00 10.02
CA PHE F 387 22.50 20.80 9.45
C PHE F 387 23.75 21.18 8.67
N PHE F 388 24.78 20.35 8.77
CA PHE F 388 25.96 20.49 7.91
C PHE F 388 26.71 19.17 7.68
NA NA G . -30.14 -4.62 1.60
NA NA H . 2.31 -30.03 -1.35
NA NA I . 0.93 -2.85 30.52
NA NA J . 22.16 -4.25 -20.30
NA NA K . -12.00 19.54 -20.48
NA NA L . 17.08 23.48 10.29
#